data_6AA0
#
_entry.id   6AA0
#
_cell.length_a   113.070
_cell.length_b   113.070
_cell.length_c   199.813
_cell.angle_alpha   90.000
_cell.angle_beta   90.000
_cell.angle_gamma   120.000
#
_symmetry.space_group_name_H-M   'P 31'
#
loop_
_entity.id
_entity.type
_entity.pdbx_description
1 polymer 'Prolyl-tRNA synthetase (ProRS)'
2 non-polymer GLYCEROL
#
_entity_poly.entity_id   1
_entity_poly.type   'polypeptide(L)'
_entity_poly.pdbx_seq_one_letter_code
;GAMVTAKKDENFSEWYTQAIVRSEMIEYYDISGCYIMRPWAFHIWEKVQRFFDDEIKKMGVENSYFPMFVSRHKLEKEKD
HVEGFSPEVAWVTHYGDSPLPEKIAIRPTSETIMYPAYAKWIRSHRDLPLKLNQWCSVVRWEFKQPTPFLRTREFLWQEG
HTAHATEEEAWELVLDILELYRRWYEECLAVPVIKGEKSEGEKFAGGKKTTTVEAFIPENGRGIQAATSHLLGTNFAKMF
EIEFEDEEGHKRLVHQTSWGCTTRSLGVMIMTHGDDKGLVIPPRVASVQVVIIPILFKDENTGEILGKCRELKTMLEKAD
IRVRIDDRSNYTPGWKYNHWEVKGVPLRLELGPKDLAKGTARVVRRDTGEAYQISWADLAPKLLELMEGIQRSLFEKAKA
RLHEGIEKISTFDEVMPALNRKHLVLAPWCEDPESEEQIKKETQKLSEIQAIEAGDSEQVMTGAMKTLCIPFDQPPMPEG
TKCFYTGKPAKRWTLWGRSY
;
_entity_poly.pdbx_strand_id   A,B,C,D
#
loop_
_chem_comp.id
_chem_comp.type
_chem_comp.name
_chem_comp.formula
GOL non-polymer GLYCEROL 'C3 H8 O3'
#
# COMPACT_ATOMS: atom_id res chain seq x y z
N GLY A 1 -15.21 -16.37 -12.02
CA GLY A 1 -15.99 -16.13 -13.23
C GLY A 1 -15.66 -14.82 -13.88
N ALA A 2 -14.40 -14.41 -13.75
CA ALA A 2 -13.93 -13.14 -14.30
C ALA A 2 -13.97 -13.19 -15.82
N MET A 3 -14.89 -12.43 -16.41
CA MET A 3 -15.01 -12.31 -17.86
C MET A 3 -14.52 -10.95 -18.32
N VAL A 4 -13.98 -10.91 -19.53
CA VAL A 4 -13.56 -9.65 -20.15
C VAL A 4 -14.79 -9.04 -20.81
N THR A 5 -15.26 -7.91 -20.27
CA THR A 5 -16.48 -7.28 -20.74
C THR A 5 -16.23 -6.16 -21.75
N ALA A 6 -15.11 -5.45 -21.63
CA ALA A 6 -14.85 -4.34 -22.53
C ALA A 6 -14.43 -4.83 -23.90
N LYS A 7 -14.94 -4.19 -24.94
CA LYS A 7 -14.55 -4.51 -26.30
C LYS A 7 -13.16 -3.94 -26.59
N LYS A 8 -12.36 -4.72 -27.33
CA LYS A 8 -10.97 -4.33 -27.55
C LYS A 8 -10.87 -3.08 -28.42
N ASP A 9 -11.72 -2.97 -29.45
CA ASP A 9 -11.70 -1.84 -30.35
C ASP A 9 -12.69 -0.74 -29.96
N GLU A 10 -13.18 -0.78 -28.73
CA GLU A 10 -14.09 0.25 -28.23
C GLU A 10 -13.63 0.86 -26.92
N ASN A 11 -13.13 0.04 -25.98
CA ASN A 11 -12.57 0.50 -24.71
C ASN A 11 -11.21 -0.16 -24.54
N PHE A 12 -10.21 0.37 -25.25
CA PHE A 12 -8.92 -0.32 -25.34
C PHE A 12 -8.18 -0.32 -24.00
N SER A 13 -8.21 0.81 -23.29
CA SER A 13 -7.52 0.88 -22.00
C SER A 13 -8.17 -0.04 -20.97
N GLU A 14 -9.50 0.03 -20.86
CA GLU A 14 -10.22 -0.87 -19.96
C GLU A 14 -10.02 -2.32 -20.39
N TRP A 15 -10.01 -2.59 -21.69
CA TRP A 15 -9.75 -3.94 -22.17
C TRP A 15 -8.39 -4.43 -21.72
N TYR A 16 -7.36 -3.59 -21.86
CA TYR A 16 -6.02 -4.00 -21.45
C TYR A 16 -5.95 -4.27 -19.96
N THR A 17 -6.54 -3.38 -19.15
CA THR A 17 -6.54 -3.59 -17.70
C THR A 17 -7.23 -4.90 -17.34
N GLN A 18 -8.44 -5.11 -17.87
CA GLN A 18 -9.18 -6.34 -17.57
C GLN A 18 -8.41 -7.57 -18.05
N ALA A 19 -7.78 -7.48 -19.22
CA ALA A 19 -7.08 -8.63 -19.78
C ALA A 19 -5.86 -9.00 -18.93
N ILE A 20 -5.11 -8.00 -18.47
CA ILE A 20 -3.93 -8.34 -17.68
C ILE A 20 -4.31 -8.77 -16.27
N VAL A 21 -5.38 -8.22 -15.69
CA VAL A 21 -5.71 -8.54 -14.31
C VAL A 21 -6.45 -9.87 -14.23
N ARG A 22 -7.48 -10.05 -15.06
CA ARG A 22 -8.30 -11.25 -14.97
C ARG A 22 -7.58 -12.49 -15.47
N SER A 23 -6.49 -12.33 -16.24
CA SER A 23 -5.71 -13.46 -16.70
C SER A 23 -4.66 -13.91 -15.69
N GLU A 24 -4.61 -13.27 -14.52
CA GLU A 24 -3.72 -13.66 -13.43
C GLU A 24 -2.25 -13.56 -13.81
N MET A 25 -1.90 -12.62 -14.71
CA MET A 25 -0.51 -12.33 -15.02
C MET A 25 -0.07 -11.00 -14.42
N ILE A 26 -0.90 -10.38 -13.58
CA ILE A 26 -0.54 -9.16 -12.88
C ILE A 26 -1.45 -9.04 -11.67
N GLU A 27 -1.00 -8.29 -10.67
CA GLU A 27 -1.83 -8.06 -9.48
C GLU A 27 -1.47 -6.69 -8.93
N TYR A 28 -2.39 -5.72 -9.04
CA TYR A 28 -2.12 -4.39 -8.51
C TYR A 28 -1.95 -4.45 -7.00
N TYR A 29 -0.97 -3.70 -6.49
CA TYR A 29 -0.63 -3.73 -5.07
C TYR A 29 -1.23 -2.57 -4.28
N ASP A 30 -1.09 -1.34 -4.78
CA ASP A 30 -1.60 -0.18 -4.05
C ASP A 30 -2.11 0.86 -5.03
N ILE A 31 -2.54 2.00 -4.47
CA ILE A 31 -3.21 3.04 -5.24
C ILE A 31 -2.25 3.68 -6.25
N SER A 32 -0.95 3.65 -5.99
CA SER A 32 0.01 4.31 -6.87
C SER A 32 0.15 3.60 -8.21
N GLY A 33 -0.28 2.33 -8.31
CA GLY A 33 -0.10 1.55 -9.51
C GLY A 33 0.96 0.47 -9.39
N CYS A 34 1.67 0.42 -8.27
CA CYS A 34 2.64 -0.64 -8.02
C CYS A 34 1.95 -2.01 -8.15
N TYR A 35 2.60 -2.93 -8.86
CA TYR A 35 1.96 -4.21 -9.16
C TYR A 35 2.95 -5.34 -9.01
N ILE A 36 2.40 -6.55 -8.92
CA ILE A 36 3.15 -7.79 -8.83
C ILE A 36 3.04 -8.51 -10.16
N MET A 37 4.17 -8.98 -10.68
CA MET A 37 4.21 -9.76 -11.91
C MET A 37 4.04 -11.23 -11.54
N ARG A 38 2.90 -11.80 -11.90
CA ARG A 38 2.57 -13.17 -11.55
C ARG A 38 3.22 -14.15 -12.54
N PRO A 39 3.37 -15.41 -12.15
CA PRO A 39 4.11 -16.36 -13.02
C PRO A 39 3.54 -16.51 -14.41
N TRP A 40 2.27 -16.17 -14.64
CA TRP A 40 1.70 -16.35 -15.98
C TRP A 40 2.40 -15.47 -17.01
N ALA A 41 2.88 -14.29 -16.60
CA ALA A 41 3.66 -13.44 -17.48
C ALA A 41 5.17 -13.61 -17.28
N PHE A 42 5.58 -13.95 -16.05
CA PHE A 42 7.00 -14.17 -15.82
C PHE A 42 7.50 -15.38 -16.59
N HIS A 43 6.62 -16.34 -16.91
CA HIS A 43 7.03 -17.46 -17.75
C HIS A 43 7.38 -16.99 -19.16
N ILE A 44 6.56 -16.10 -19.73
CA ILE A 44 6.86 -15.54 -21.04
C ILE A 44 8.15 -14.76 -21.00
N TRP A 45 8.34 -13.97 -19.94
CA TRP A 45 9.59 -13.22 -19.79
C TRP A 45 10.78 -14.16 -19.69
N GLU A 46 10.62 -15.28 -18.98
CA GLU A 46 11.70 -16.25 -18.85
C GLU A 46 12.02 -16.89 -20.20
N LYS A 47 10.99 -17.19 -21.00
CA LYS A 47 11.23 -17.78 -22.31
C LYS A 47 12.01 -16.83 -23.21
N VAL A 48 11.57 -15.57 -23.30
CA VAL A 48 12.28 -14.64 -24.18
C VAL A 48 13.68 -14.34 -23.63
N GLN A 49 13.83 -14.33 -22.30
CA GLN A 49 15.16 -14.12 -21.72
C GLN A 49 16.09 -15.27 -22.04
N ARG A 50 15.61 -16.51 -21.93
CA ARG A 50 16.41 -17.66 -22.28
C ARG A 50 16.85 -17.60 -23.74
N PHE A 51 15.90 -17.26 -24.63
CA PHE A 51 16.24 -17.15 -26.05
C PHE A 51 17.34 -16.12 -26.27
N PHE A 52 17.12 -14.89 -25.80
CA PHE A 52 18.08 -13.81 -26.06
C PHE A 52 19.42 -14.12 -25.41
N ASP A 53 19.42 -14.71 -24.22
CA ASP A 53 20.66 -15.01 -23.52
C ASP A 53 21.47 -16.07 -24.25
N ASP A 54 20.82 -17.19 -24.61
CA ASP A 54 21.51 -18.23 -25.36
C ASP A 54 22.01 -17.70 -26.69
N GLU A 55 21.31 -16.74 -27.29
CA GLU A 55 21.74 -16.23 -28.58
C GLU A 55 22.94 -15.28 -28.45
N ILE A 56 22.93 -14.41 -27.44
CA ILE A 56 24.06 -13.49 -27.28
C ILE A 56 25.27 -14.19 -26.69
N LYS A 57 25.09 -15.32 -26.01
CA LYS A 57 26.26 -16.06 -25.54
C LYS A 57 27.03 -16.68 -26.71
N LYS A 58 26.35 -16.96 -27.81
CA LYS A 58 27.06 -17.39 -29.02
C LYS A 58 27.86 -16.24 -29.62
N MET A 59 27.40 -15.01 -29.44
CA MET A 59 28.10 -13.83 -29.92
C MET A 59 29.31 -13.45 -29.07
N GLY A 60 29.60 -14.22 -28.02
CA GLY A 60 30.70 -13.90 -27.14
C GLY A 60 30.40 -12.86 -26.09
N VAL A 61 29.12 -12.54 -25.87
CA VAL A 61 28.73 -11.57 -24.85
C VAL A 61 28.64 -12.29 -23.51
N GLU A 62 29.26 -11.72 -22.49
CA GLU A 62 29.27 -12.28 -21.15
C GLU A 62 28.37 -11.45 -20.24
N ASN A 63 27.71 -12.13 -19.32
CA ASN A 63 26.82 -11.48 -18.36
C ASN A 63 27.61 -10.95 -17.17
N SER A 64 27.11 -9.87 -16.58
CA SER A 64 27.76 -9.25 -15.44
C SER A 64 26.69 -8.53 -14.62
N TYR A 65 27.12 -7.74 -13.63
CA TYR A 65 26.19 -6.99 -12.80
C TYR A 65 26.83 -5.68 -12.38
N PHE A 66 26.18 -4.57 -12.70
CA PHE A 66 26.54 -3.24 -12.25
C PHE A 66 25.42 -2.70 -11.37
N PRO A 67 25.72 -2.19 -10.17
CA PRO A 67 24.65 -1.67 -9.30
C PRO A 67 24.24 -0.25 -9.66
N MET A 68 23.52 0.41 -8.74
CA MET A 68 23.07 1.79 -8.93
C MET A 68 23.51 2.61 -7.73
N PHE A 69 24.05 3.79 -7.99
CA PHE A 69 24.38 4.72 -6.92
C PHE A 69 23.10 5.40 -6.45
N LEU A 100 17.43 7.18 -27.79
CA LEU A 100 17.25 7.36 -26.35
C LEU A 100 17.08 5.97 -25.71
N PRO A 101 17.55 5.80 -24.46
CA PRO A 101 17.52 4.46 -23.86
C PRO A 101 16.13 3.97 -23.48
N GLU A 102 15.11 4.35 -24.26
CA GLU A 102 13.75 3.83 -24.16
C GLU A 102 13.18 4.18 -22.79
N LYS A 103 12.87 3.21 -21.93
CA LYS A 103 12.11 3.43 -20.70
C LYS A 103 12.94 4.01 -19.57
N ILE A 104 14.20 4.33 -19.79
CA ILE A 104 15.07 4.79 -18.71
C ILE A 104 15.25 6.30 -18.79
N ALA A 105 14.21 7.05 -18.48
CA ALA A 105 14.29 8.48 -18.22
C ALA A 105 14.42 8.77 -16.73
N ILE A 106 14.74 7.74 -15.94
CA ILE A 106 14.88 7.83 -14.50
C ILE A 106 16.18 7.11 -14.16
N ARG A 107 16.35 6.68 -12.89
CA ARG A 107 17.50 5.87 -12.46
C ARG A 107 18.78 6.69 -12.51
N PRO A 108 19.92 6.18 -11.99
CA PRO A 108 21.13 7.01 -11.96
C PRO A 108 22.09 6.78 -13.13
N THR A 109 21.56 6.38 -14.29
CA THR A 109 22.31 6.25 -15.54
C THR A 109 23.15 4.99 -15.42
N SER A 110 23.46 4.37 -16.56
CA SER A 110 24.25 3.13 -16.57
C SER A 110 25.62 3.56 -17.07
N GLU A 111 25.66 4.52 -18.00
CA GLU A 111 26.92 4.87 -18.68
C GLU A 111 27.94 5.43 -17.70
N THR A 112 27.50 6.35 -16.83
CA THR A 112 28.42 6.97 -15.88
C THR A 112 28.96 5.96 -14.87
N ILE A 113 28.32 4.81 -14.72
CA ILE A 113 28.80 3.78 -13.80
C ILE A 113 29.70 2.78 -14.51
N MET A 114 29.38 2.46 -15.77
CA MET A 114 30.10 1.42 -16.49
C MET A 114 31.35 1.94 -17.21
N TYR A 115 31.22 3.03 -17.94
CA TYR A 115 32.27 3.48 -18.85
C TYR A 115 33.56 3.92 -18.16
N PRO A 116 33.51 4.45 -16.92
CA PRO A 116 34.78 4.59 -16.17
C PRO A 116 35.51 3.26 -16.00
N ALA A 117 34.79 2.21 -15.59
CA ALA A 117 35.41 0.90 -15.50
C ALA A 117 35.85 0.39 -16.87
N TYR A 118 35.12 0.76 -17.92
CA TYR A 118 35.54 0.38 -19.27
C TYR A 118 36.86 1.02 -19.64
N ALA A 119 37.04 2.31 -19.30
CA ALA A 119 38.31 2.96 -19.54
C ALA A 119 39.42 2.36 -18.69
N LYS A 120 39.09 1.94 -17.46
CA LYS A 120 40.09 1.32 -16.60
C LYS A 120 40.50 -0.06 -17.11
N TRP A 121 39.59 -0.76 -17.80
CA TRP A 121 39.87 -2.11 -18.27
C TRP A 121 40.57 -2.13 -19.63
N ILE A 122 40.12 -1.30 -20.57
CA ILE A 122 40.63 -1.33 -21.94
C ILE A 122 41.98 -0.62 -22.00
N ARG A 123 43.00 -1.33 -22.49
CA ARG A 123 44.34 -0.77 -22.55
C ARG A 123 44.98 -0.97 -23.92
N SER A 124 44.65 -2.07 -24.59
CA SER A 124 45.24 -2.39 -25.88
C SER A 124 44.18 -3.07 -26.75
N HIS A 125 44.55 -3.34 -28.01
CA HIS A 125 43.66 -4.04 -28.91
C HIS A 125 43.44 -5.49 -28.49
N ARG A 126 44.32 -6.01 -27.64
CA ARG A 126 44.20 -7.37 -27.14
C ARG A 126 43.00 -7.46 -26.21
N ASP A 127 42.65 -6.33 -25.59
CA ASP A 127 41.51 -6.28 -24.68
C ASP A 127 40.18 -6.16 -25.41
N LEU A 128 40.20 -5.98 -26.72
CA LEU A 128 39.01 -5.79 -27.53
C LEU A 128 38.78 -7.00 -28.44
N PRO A 129 37.52 -7.32 -28.79
CA PRO A 129 36.31 -6.57 -28.42
C PRO A 129 35.79 -6.92 -27.03
N LEU A 130 35.21 -5.94 -26.34
CA LEU A 130 34.60 -6.15 -25.04
C LEU A 130 33.08 -6.17 -25.20
N LYS A 131 32.45 -7.24 -24.73
CA LYS A 131 31.01 -7.44 -24.89
C LYS A 131 30.43 -7.82 -23.54
N LEU A 132 29.62 -6.94 -22.95
CA LEU A 132 29.01 -7.22 -21.66
C LEU A 132 27.50 -7.01 -21.77
N ASN A 133 26.77 -7.70 -20.90
CA ASN A 133 25.31 -7.61 -20.86
C ASN A 133 24.86 -7.90 -19.44
N GLN A 134 23.70 -7.35 -19.07
CA GLN A 134 23.14 -7.64 -17.76
C GLN A 134 21.63 -7.59 -17.82
N TRP A 135 21.00 -8.52 -17.10
CA TRP A 135 19.55 -8.60 -16.93
C TRP A 135 19.19 -7.96 -15.60
N CYS A 136 18.34 -6.93 -15.63
CA CYS A 136 18.03 -6.14 -14.45
C CYS A 136 16.52 -5.99 -14.30
N SER A 137 16.11 -5.49 -13.14
CA SER A 137 14.73 -5.18 -12.84
C SER A 137 14.69 -3.94 -11.95
N VAL A 138 13.64 -3.14 -12.09
CA VAL A 138 13.52 -1.91 -11.31
C VAL A 138 12.04 -1.60 -11.11
N VAL A 139 11.74 -0.88 -10.03
CA VAL A 139 10.41 -0.38 -9.70
C VAL A 139 10.60 0.95 -9.00
N ARG A 140 10.17 2.03 -9.64
CA ARG A 140 10.23 3.38 -9.10
C ARG A 140 8.81 3.89 -8.85
N TRP A 141 8.72 5.15 -8.42
CA TRP A 141 7.42 5.79 -8.25
C TRP A 141 6.68 5.83 -9.57
N GLU A 142 5.47 5.26 -9.58
CA GLU A 142 4.76 5.01 -10.83
C GLU A 142 4.40 6.31 -11.53
N PHE A 143 4.17 6.20 -12.84
CA PHE A 143 3.79 7.33 -13.67
C PHE A 143 2.37 7.80 -13.33
N LYS A 144 2.07 9.02 -13.76
CA LYS A 144 0.69 9.49 -13.81
C LYS A 144 0.00 8.86 -15.02
N GLN A 145 -1.13 8.19 -14.78
CA GLN A 145 -1.81 7.38 -15.79
C GLN A 145 -0.84 6.38 -16.40
N PRO A 146 -0.45 5.36 -15.66
CA PRO A 146 0.51 4.38 -16.18
C PRO A 146 -0.18 3.23 -16.91
N THR A 147 0.64 2.42 -17.57
CA THR A 147 0.18 1.22 -18.25
C THR A 147 1.23 0.13 -18.04
N PRO A 148 0.96 -0.82 -17.14
CA PRO A 148 1.96 -1.86 -16.87
C PRO A 148 2.34 -2.62 -18.13
N PHE A 149 3.60 -3.06 -18.16
CA PHE A 149 4.21 -3.72 -19.32
C PHE A 149 4.26 -2.80 -20.54
N LEU A 150 4.07 -1.49 -20.35
CA LEU A 150 4.26 -0.52 -21.42
C LEU A 150 4.87 0.76 -20.87
N ARG A 151 4.06 1.79 -20.71
CA ARG A 151 4.52 3.07 -20.13
C ARG A 151 4.44 2.95 -18.62
N THR A 152 5.55 2.53 -18.01
CA THR A 152 5.60 2.28 -16.58
C THR A 152 7.03 2.45 -16.09
N ARG A 153 7.16 2.83 -14.82
CA ARG A 153 8.46 2.92 -14.17
C ARG A 153 8.83 1.63 -13.43
N GLU A 154 8.08 0.56 -13.64
CA GLU A 154 8.36 -0.74 -13.06
C GLU A 154 8.50 -1.74 -14.20
N PHE A 155 9.72 -2.26 -14.40
CA PHE A 155 9.92 -3.18 -15.50
C PHE A 155 11.20 -3.98 -15.30
N LEU A 156 11.23 -5.13 -15.97
CA LEU A 156 12.42 -5.96 -16.13
C LEU A 156 12.97 -5.73 -17.53
N TRP A 157 14.29 -5.84 -17.67
CA TRP A 157 14.89 -5.61 -18.97
C TRP A 157 16.29 -6.23 -19.01
N GLN A 158 16.91 -6.13 -20.18
CA GLN A 158 18.31 -6.45 -20.36
C GLN A 158 18.96 -5.31 -21.12
N GLU A 159 20.24 -5.08 -20.83
CA GLU A 159 21.00 -4.07 -21.56
C GLU A 159 22.43 -4.55 -21.75
N GLY A 160 22.97 -4.29 -22.94
CA GLY A 160 24.31 -4.70 -23.27
C GLY A 160 25.12 -3.55 -23.83
N HIS A 161 26.42 -3.60 -23.56
CA HIS A 161 27.37 -2.59 -24.01
C HIS A 161 28.60 -3.29 -24.58
N THR A 162 29.08 -2.78 -25.72
CA THR A 162 30.26 -3.32 -26.37
C THR A 162 31.21 -2.20 -26.77
N ALA A 163 32.49 -2.54 -26.82
CA ALA A 163 33.54 -1.67 -27.33
C ALA A 163 34.38 -2.48 -28.31
N HIS A 164 34.68 -1.86 -29.46
CA HIS A 164 35.41 -2.53 -30.54
C HIS A 164 36.55 -1.62 -31.00
N ALA A 165 37.49 -2.23 -31.75
CA ALA A 165 38.60 -1.47 -32.30
C ALA A 165 38.18 -0.65 -33.51
N THR A 166 37.26 -1.16 -34.32
CA THR A 166 36.81 -0.49 -35.53
C THR A 166 35.33 -0.17 -35.45
N GLU A 167 34.90 0.79 -36.26
CA GLU A 167 33.48 1.13 -36.33
C GLU A 167 32.70 0.07 -37.09
N GLU A 168 33.35 -0.62 -38.03
CA GLU A 168 32.65 -1.62 -38.83
C GLU A 168 32.20 -2.80 -37.98
N GLU A 169 33.08 -3.30 -37.11
CA GLU A 169 32.71 -4.40 -36.23
C GLU A 169 31.61 -3.99 -35.26
N ALA A 170 31.69 -2.76 -34.75
CA ALA A 170 30.65 -2.26 -33.85
C ALA A 170 29.31 -2.18 -34.55
N TRP A 171 29.28 -1.68 -35.79
CA TRP A 171 28.03 -1.58 -36.53
C TRP A 171 27.48 -2.97 -36.87
N GLU A 172 28.36 -3.90 -37.21
CA GLU A 172 27.91 -5.27 -37.46
C GLU A 172 27.28 -5.87 -36.22
N LEU A 173 27.87 -5.63 -35.05
CA LEU A 173 27.28 -6.13 -33.82
C LEU A 173 25.94 -5.46 -33.53
N VAL A 174 25.83 -4.16 -33.84
CA VAL A 174 24.57 -3.46 -33.70
C VAL A 174 23.48 -4.14 -34.53
N LEU A 175 23.79 -4.39 -35.80
CA LEU A 175 22.81 -5.03 -36.67
C LEU A 175 22.49 -6.45 -36.24
N ASP A 176 23.48 -7.17 -35.71
CA ASP A 176 23.22 -8.52 -35.20
C ASP A 176 22.25 -8.47 -34.01
N ILE A 177 22.46 -7.52 -33.10
CA ILE A 177 21.57 -7.38 -31.96
C ILE A 177 20.17 -6.99 -32.42
N LEU A 178 20.07 -6.13 -33.43
CA LEU A 178 18.75 -5.75 -33.93
C LEU A 178 18.04 -6.94 -34.58
N GLU A 179 18.79 -7.81 -35.26
CA GLU A 179 18.20 -9.02 -35.81
C GLU A 179 17.74 -9.95 -34.69
N LEU A 180 18.52 -10.05 -33.61
CA LEU A 180 18.10 -10.82 -32.46
C LEU A 180 16.81 -10.27 -31.86
N TYR A 181 16.67 -8.94 -31.86
CA TYR A 181 15.42 -8.34 -31.37
C TYR A 181 14.25 -8.66 -32.29
N ARG A 182 14.48 -8.62 -33.61
CA ARG A 182 13.44 -9.02 -34.55
C ARG A 182 13.00 -10.46 -34.30
N ARG A 183 13.94 -11.37 -34.07
CA ARG A 183 13.59 -12.75 -33.78
C ARG A 183 12.87 -12.86 -32.44
N TRP A 184 13.29 -12.07 -31.45
CA TRP A 184 12.60 -11.99 -30.17
C TRP A 184 11.13 -11.68 -30.36
N TYR A 185 10.84 -10.66 -31.17
CA TYR A 185 9.45 -10.22 -31.30
C TYR A 185 8.63 -11.07 -32.26
N GLU A 186 9.26 -11.65 -33.28
CA GLU A 186 8.53 -12.37 -34.32
C GLU A 186 8.54 -13.88 -34.13
N GLU A 187 9.71 -14.46 -33.87
CA GLU A 187 9.79 -15.91 -33.72
C GLU A 187 9.25 -16.37 -32.37
N CYS A 188 9.37 -15.54 -31.34
CA CYS A 188 8.91 -15.90 -29.99
C CYS A 188 7.54 -15.36 -29.66
N LEU A 189 7.31 -14.07 -29.88
CA LEU A 189 6.05 -13.43 -29.52
C LEU A 189 5.11 -13.24 -30.71
N ALA A 190 5.54 -13.63 -31.92
CA ALA A 190 4.70 -13.58 -33.11
C ALA A 190 4.20 -12.16 -33.41
N VAL A 191 5.00 -11.16 -33.11
CA VAL A 191 4.64 -9.76 -33.32
C VAL A 191 5.52 -9.21 -34.44
N PRO A 192 4.93 -8.79 -35.57
CA PRO A 192 5.75 -8.24 -36.65
C PRO A 192 6.27 -6.85 -36.29
N VAL A 193 7.55 -6.61 -36.60
CA VAL A 193 8.21 -5.36 -36.31
C VAL A 193 8.88 -4.85 -37.58
N ILE A 194 9.26 -3.58 -37.55
CA ILE A 194 9.89 -2.90 -38.67
C ILE A 194 11.26 -2.40 -38.22
N LYS A 195 12.31 -2.87 -38.88
CA LYS A 195 13.66 -2.38 -38.62
C LYS A 195 13.88 -1.03 -39.29
N GLY A 196 14.48 -0.10 -38.56
CA GLY A 196 14.79 1.19 -39.12
C GLY A 196 15.82 1.92 -38.28
N GLU A 197 16.07 3.16 -38.65
CA GLU A 197 16.96 4.04 -37.88
C GLU A 197 16.22 5.31 -37.51
N LYS A 198 16.49 5.81 -36.31
CA LYS A 198 15.80 6.98 -35.80
C LYS A 198 16.29 8.24 -36.50
N SER A 199 15.43 9.26 -36.53
CA SER A 199 15.81 10.54 -37.09
C SER A 199 16.84 11.23 -36.18
N GLU A 200 17.36 12.36 -36.66
CA GLU A 200 18.35 13.10 -35.88
C GLU A 200 17.77 13.59 -34.57
N GLY A 201 16.48 13.93 -34.55
CA GLY A 201 15.84 14.41 -33.34
C GLY A 201 15.25 13.34 -32.47
N GLU A 202 15.17 12.09 -32.94
CA GLU A 202 14.57 11.00 -32.19
C GLU A 202 15.58 9.93 -31.81
N LYS A 203 16.86 10.14 -32.09
CA LYS A 203 17.89 9.18 -31.75
C LYS A 203 18.54 9.53 -30.41
N PHE A 204 19.33 8.59 -29.90
CA PHE A 204 20.15 8.85 -28.72
C PHE A 204 21.11 10.00 -29.04
N ALA A 205 20.94 11.13 -28.34
CA ALA A 205 21.72 12.32 -28.68
C ALA A 205 23.22 12.11 -28.48
N GLY A 206 23.60 11.25 -27.54
CA GLY A 206 25.00 11.00 -27.28
C GLY A 206 25.68 10.07 -28.27
N GLY A 207 24.91 9.26 -29.00
CA GLY A 207 25.46 8.32 -29.95
C GLY A 207 25.57 8.89 -31.35
N LYS A 208 26.03 8.03 -32.26
CA LYS A 208 26.17 8.40 -33.67
C LYS A 208 24.92 8.09 -34.47
N LYS A 209 24.44 6.84 -34.40
CA LYS A 209 23.23 6.42 -35.08
C LYS A 209 22.49 5.43 -34.22
N THR A 210 21.16 5.55 -34.19
CA THR A 210 20.30 4.72 -33.35
C THR A 210 19.36 3.91 -34.23
N THR A 211 19.55 2.59 -34.26
CA THR A 211 18.62 1.70 -34.92
C THR A 211 17.52 1.27 -33.95
N THR A 212 16.43 0.77 -34.51
CA THR A 212 15.28 0.43 -33.70
C THR A 212 14.37 -0.53 -34.46
N VAL A 213 13.50 -1.20 -33.71
CA VAL A 213 12.38 -1.96 -34.25
C VAL A 213 11.10 -1.30 -33.77
N GLU A 214 10.15 -1.12 -34.68
CA GLU A 214 8.90 -0.44 -34.40
C GLU A 214 7.74 -1.41 -34.55
N ALA A 215 6.78 -1.32 -33.65
CA ALA A 215 5.55 -2.09 -33.70
C ALA A 215 4.36 -1.13 -33.82
N PHE A 216 3.22 -1.68 -34.22
CA PHE A 216 2.03 -0.89 -34.50
C PHE A 216 0.84 -1.45 -33.72
N ILE A 217 0.12 -0.57 -33.04
CA ILE A 217 -1.11 -0.93 -32.32
C ILE A 217 -2.27 -0.38 -33.12
N PRO A 218 -3.09 -1.23 -33.75
CA PRO A 218 -4.17 -0.74 -34.61
C PRO A 218 -5.36 -0.20 -33.84
N GLU A 219 -5.57 -0.72 -32.62
CA GLU A 219 -6.75 -0.32 -31.85
C GLU A 219 -6.70 1.16 -31.48
N ASN A 220 -5.50 1.72 -31.29
CA ASN A 220 -5.34 3.16 -31.18
C ASN A 220 -4.50 3.74 -32.31
N GLY A 221 -4.06 2.91 -33.25
CA GLY A 221 -3.31 3.39 -34.41
C GLY A 221 -2.02 4.10 -34.07
N ARG A 222 -1.25 3.55 -33.14
CA ARG A 222 -0.04 4.21 -32.67
C ARG A 222 1.17 3.30 -32.83
N GLY A 223 2.29 3.91 -33.23
CA GLY A 223 3.55 3.19 -33.27
C GLY A 223 4.23 3.22 -31.92
N ILE A 224 5.04 2.18 -31.67
CA ILE A 224 5.73 2.02 -30.40
C ILE A 224 7.11 1.45 -30.65
N GLN A 225 8.08 1.89 -29.85
CA GLN A 225 9.48 1.46 -29.97
C GLN A 225 9.64 0.14 -29.21
N ALA A 226 9.73 -0.96 -29.96
CA ALA A 226 9.80 -2.28 -29.33
C ALA A 226 11.15 -2.49 -28.64
N ALA A 227 12.24 -2.25 -29.36
CA ALA A 227 13.58 -2.37 -28.81
C ALA A 227 14.50 -1.43 -29.57
N THR A 228 15.71 -1.25 -29.04
CA THR A 228 16.65 -0.30 -29.61
C THR A 228 18.07 -0.85 -29.53
N SER A 229 18.88 -0.46 -30.50
CA SER A 229 20.30 -0.82 -30.55
C SER A 229 21.06 0.37 -31.11
N HIS A 230 22.04 0.86 -30.36
CA HIS A 230 22.70 2.13 -30.65
C HIS A 230 24.12 1.89 -31.16
N LEU A 231 24.53 2.71 -32.13
CA LEU A 231 25.92 2.80 -32.55
C LEU A 231 26.48 4.07 -31.91
N LEU A 232 27.03 3.93 -30.70
CA LEU A 232 27.49 5.09 -29.95
C LEU A 232 28.71 5.72 -30.60
N GLY A 233 29.56 4.92 -31.21
CA GLY A 233 30.69 5.48 -31.94
C GLY A 233 31.80 5.81 -30.97
N THR A 234 32.41 6.99 -31.15
CA THR A 234 33.53 7.40 -30.32
C THR A 234 33.20 8.56 -29.40
N ASN A 235 31.95 9.00 -29.33
CA ASN A 235 31.60 10.15 -28.49
C ASN A 235 31.83 9.82 -27.02
N PHE A 236 31.26 8.73 -26.54
CA PHE A 236 31.49 8.32 -25.16
C PHE A 236 32.94 7.91 -24.93
N ALA A 237 33.62 7.43 -25.98
CA ALA A 237 35.05 7.15 -25.87
C ALA A 237 35.83 8.42 -25.56
N LYS A 238 35.49 9.53 -26.23
CA LYS A 238 36.10 10.81 -25.90
C LYS A 238 35.72 11.25 -24.50
N MET A 239 34.44 11.10 -24.14
CA MET A 239 33.94 11.66 -22.89
C MET A 239 34.55 10.97 -21.67
N PHE A 240 34.69 9.65 -21.73
CA PHE A 240 35.21 8.88 -20.60
C PHE A 240 36.65 8.45 -20.78
N GLU A 241 37.31 8.89 -21.86
CA GLU A 241 38.72 8.58 -22.12
C GLU A 241 38.95 7.07 -22.15
N ILE A 242 38.22 6.40 -23.04
CA ILE A 242 38.33 4.96 -23.23
C ILE A 242 39.17 4.75 -24.48
N GLU A 243 40.46 4.57 -24.30
CA GLU A 243 41.41 4.45 -25.41
C GLU A 243 42.12 3.10 -25.34
N PHE A 244 42.83 2.78 -26.42
CA PHE A 244 43.57 1.54 -26.52
C PHE A 244 44.73 1.71 -27.49
N GLU A 245 45.79 0.95 -27.26
CA GLU A 245 46.95 0.96 -28.12
C GLU A 245 46.79 -0.11 -29.21
N ASP A 246 46.98 0.30 -30.46
CA ASP A 246 46.81 -0.63 -31.58
C ASP A 246 48.04 -1.49 -31.79
N GLU A 247 48.15 -2.10 -32.97
CA GLU A 247 49.30 -2.96 -33.25
C GLU A 247 50.59 -2.15 -33.40
N GLU A 248 50.49 -0.92 -33.90
CA GLU A 248 51.66 -0.09 -34.14
C GLU A 248 52.07 0.73 -32.91
N GLY A 249 51.12 1.03 -32.03
CA GLY A 249 51.41 1.79 -30.82
C GLY A 249 50.63 3.08 -30.67
N HIS A 250 49.77 3.45 -31.62
CA HIS A 250 49.02 4.69 -31.51
C HIS A 250 47.81 4.50 -30.59
N LYS A 251 47.53 5.52 -29.78
CA LYS A 251 46.40 5.49 -28.87
C LYS A 251 45.15 5.92 -29.64
N ARG A 252 44.22 4.99 -29.83
CA ARG A 252 42.99 5.25 -30.57
C ARG A 252 41.78 5.06 -29.67
N LEU A 253 40.67 5.65 -30.07
CA LEU A 253 39.42 5.55 -29.33
C LEU A 253 38.66 4.29 -29.73
N VAL A 254 37.91 3.74 -28.78
CA VAL A 254 37.09 2.56 -29.04
C VAL A 254 35.77 3.00 -29.66
N HIS A 255 35.18 2.10 -30.45
CA HIS A 255 33.87 2.31 -31.04
C HIS A 255 32.87 1.51 -30.22
N GLN A 256 31.97 2.22 -29.53
CA GLN A 256 31.07 1.61 -28.58
C GLN A 256 29.66 1.48 -29.15
N THR A 257 28.95 0.46 -28.67
CA THR A 257 27.55 0.21 -28.97
C THR A 257 26.83 -0.13 -27.68
N SER A 258 25.51 0.11 -27.67
CA SER A 258 24.69 -0.24 -26.54
C SER A 258 23.27 -0.56 -27.02
N TRP A 259 22.63 -1.49 -26.34
CA TRP A 259 21.29 -1.91 -26.71
C TRP A 259 20.54 -2.35 -25.46
N GLY A 260 19.22 -2.46 -25.59
CA GLY A 260 18.40 -2.88 -24.46
C GLY A 260 17.01 -3.28 -24.92
N CYS A 261 16.37 -4.12 -24.08
CA CYS A 261 15.01 -4.56 -24.35
C CYS A 261 14.33 -4.87 -23.03
N THR A 262 13.09 -4.39 -22.87
CA THR A 262 12.37 -4.45 -21.60
C THR A 262 11.19 -5.42 -21.68
N THR A 263 10.39 -5.43 -20.61
CA THR A 263 9.15 -6.21 -20.58
C THR A 263 8.05 -5.60 -21.42
N ARG A 264 8.28 -4.41 -22.00
CA ARG A 264 7.32 -3.80 -22.91
C ARG A 264 6.88 -4.78 -23.99
N SER A 265 7.79 -5.65 -24.43
CA SER A 265 7.46 -6.68 -25.40
C SER A 265 6.20 -7.43 -25.00
N LEU A 266 6.16 -7.93 -23.75
CA LEU A 266 4.97 -8.60 -23.25
C LEU A 266 3.72 -7.78 -23.53
N GLY A 267 3.74 -6.50 -23.13
CA GLY A 267 2.60 -5.64 -23.38
C GLY A 267 2.21 -5.60 -24.84
N VAL A 268 3.20 -5.45 -25.73
CA VAL A 268 2.92 -5.49 -27.15
C VAL A 268 2.27 -6.83 -27.52
N MET A 269 2.86 -7.92 -27.03
CA MET A 269 2.31 -9.25 -27.30
C MET A 269 0.89 -9.37 -26.75
N ILE A 270 0.56 -8.60 -25.72
CA ILE A 270 -0.81 -8.60 -25.22
C ILE A 270 -1.74 -7.88 -26.19
N MET A 271 -1.31 -6.72 -26.71
CA MET A 271 -2.18 -5.92 -27.55
C MET A 271 -2.29 -6.50 -28.95
N THR A 272 -1.27 -7.23 -29.41
CA THR A 272 -1.23 -7.66 -30.81
C THR A 272 -2.17 -8.84 -31.06
N HIS A 273 -2.25 -9.78 -30.11
CA HIS A 273 -3.00 -11.00 -30.33
C HIS A 273 -4.28 -11.10 -29.51
N GLY A 274 -4.49 -10.23 -28.54
CA GLY A 274 -5.68 -10.32 -27.72
C GLY A 274 -6.94 -10.01 -28.51
N ASP A 275 -8.06 -10.54 -28.02
CA ASP A 275 -9.36 -10.26 -28.63
C ASP A 275 -10.39 -9.90 -27.56
N ASP A 276 -11.67 -9.88 -27.93
CA ASP A 276 -12.71 -9.46 -26.99
C ASP A 276 -12.87 -10.45 -25.84
N LYS A 277 -12.51 -11.72 -26.06
CA LYS A 277 -12.64 -12.70 -24.98
C LYS A 277 -11.52 -12.58 -23.96
N GLY A 278 -10.36 -12.08 -24.37
CA GLY A 278 -9.24 -11.94 -23.45
C GLY A 278 -7.89 -12.00 -24.12
N LEU A 279 -6.99 -12.81 -23.57
CA LEU A 279 -5.63 -12.92 -24.08
C LEU A 279 -5.52 -14.08 -25.07
N VAL A 280 -4.52 -13.97 -25.95
CA VAL A 280 -4.12 -15.05 -26.84
C VAL A 280 -2.60 -15.09 -26.88
N ILE A 281 -2.01 -16.05 -26.19
CA ILE A 281 -0.56 -16.14 -26.05
C ILE A 281 -0.04 -17.12 -27.09
N PRO A 282 1.00 -16.78 -27.86
CA PRO A 282 1.58 -17.72 -28.82
C PRO A 282 2.09 -18.96 -28.11
N PRO A 283 1.92 -20.14 -28.71
CA PRO A 283 2.27 -21.39 -28.01
C PRO A 283 3.75 -21.52 -27.66
N ARG A 284 4.64 -20.81 -28.36
CA ARG A 284 6.06 -20.93 -28.05
C ARG A 284 6.41 -20.39 -26.67
N VAL A 285 5.69 -19.35 -26.22
CA VAL A 285 5.98 -18.72 -24.94
C VAL A 285 4.86 -18.93 -23.92
N ALA A 286 3.91 -19.80 -24.24
CA ALA A 286 2.79 -20.02 -23.34
C ALA A 286 3.22 -20.83 -22.13
N SER A 287 2.81 -20.38 -20.94
CA SER A 287 3.09 -21.13 -19.72
C SER A 287 2.42 -22.51 -19.77
N VAL A 288 1.16 -22.55 -20.18
CA VAL A 288 0.42 -23.78 -20.39
C VAL A 288 -0.04 -23.80 -21.85
N GLN A 289 0.44 -24.78 -22.61
CA GLN A 289 0.09 -24.90 -24.02
C GLN A 289 -1.23 -25.60 -24.25
N VAL A 290 -1.51 -26.66 -23.48
CA VAL A 290 -2.75 -27.43 -23.62
C VAL A 290 -3.33 -27.63 -22.23
N VAL A 291 -4.59 -27.22 -22.04
CA VAL A 291 -5.31 -27.44 -20.79
C VAL A 291 -6.34 -28.53 -21.02
N ILE A 292 -6.34 -29.53 -20.13
CA ILE A 292 -7.26 -30.66 -20.21
C ILE A 292 -8.43 -30.39 -19.26
N ILE A 293 -9.64 -30.48 -19.79
CA ILE A 293 -10.85 -30.22 -19.03
C ILE A 293 -11.71 -31.48 -19.06
N PRO A 294 -11.67 -32.29 -18.00
CA PRO A 294 -12.52 -33.48 -17.96
C PRO A 294 -13.98 -33.11 -17.69
N ILE A 295 -14.87 -33.56 -18.57
CA ILE A 295 -16.29 -33.30 -18.44
C ILE A 295 -16.88 -34.34 -17.51
N LEU A 296 -17.37 -33.91 -16.35
CA LEU A 296 -17.90 -34.81 -15.32
C LEU A 296 -19.26 -34.32 -14.88
N PHE A 297 -20.31 -35.07 -15.22
CA PHE A 297 -21.65 -34.84 -14.69
C PHE A 297 -22.07 -36.04 -13.87
N LYS A 298 -22.68 -35.75 -12.70
CA LYS A 298 -23.11 -36.74 -11.71
C LYS A 298 -21.92 -37.49 -11.13
N ASP A 299 -22.20 -38.47 -10.27
CA ASP A 299 -21.15 -39.22 -9.59
C ASP A 299 -21.07 -40.60 -10.25
N GLU A 300 -20.85 -40.58 -11.56
CA GLU A 300 -20.77 -41.81 -12.35
C GLU A 300 -19.68 -41.67 -13.40
N ASN A 301 -18.84 -42.71 -13.51
CA ASN A 301 -17.79 -42.79 -14.53
C ASN A 301 -16.81 -41.63 -14.41
N THR A 302 -16.56 -41.17 -13.18
CA THR A 302 -15.69 -40.01 -12.98
C THR A 302 -14.22 -40.44 -12.90
N GLY A 303 -13.94 -41.51 -12.13
CA GLY A 303 -12.56 -41.91 -11.93
C GLY A 303 -11.89 -42.36 -13.21
N GLU A 304 -12.61 -43.07 -14.07
CA GLU A 304 -12.05 -43.50 -15.34
C GLU A 304 -11.66 -42.30 -16.20
N ILE A 305 -12.55 -41.31 -16.28
CA ILE A 305 -12.26 -40.11 -17.07
C ILE A 305 -11.07 -39.37 -16.51
N LEU A 306 -11.00 -39.26 -15.17
CA LEU A 306 -9.89 -38.54 -14.54
C LEU A 306 -8.56 -39.25 -14.80
N GLY A 307 -8.53 -40.58 -14.65
CA GLY A 307 -7.30 -41.31 -14.91
C GLY A 307 -6.90 -41.26 -16.37
N LYS A 308 -7.88 -41.28 -17.27
CA LYS A 308 -7.57 -41.16 -18.69
C LYS A 308 -6.99 -39.79 -19.01
N CYS A 309 -7.55 -38.74 -18.41
CA CYS A 309 -6.99 -37.41 -18.59
C CYS A 309 -5.57 -37.34 -18.06
N ARG A 310 -5.31 -37.99 -16.92
CA ARG A 310 -3.96 -37.96 -16.35
C ARG A 310 -2.95 -38.68 -17.24
N GLU A 311 -3.32 -39.85 -17.77
CA GLU A 311 -2.40 -40.56 -18.64
C GLU A 311 -2.21 -39.83 -19.97
N LEU A 312 -3.26 -39.16 -20.46
CA LEU A 312 -3.09 -38.29 -21.64
C LEU A 312 -2.14 -37.14 -21.35
N LYS A 313 -2.23 -36.57 -20.15
CA LYS A 313 -1.30 -35.50 -19.76
C LYS A 313 0.14 -36.02 -19.77
N THR A 314 0.36 -37.21 -19.22
CA THR A 314 1.71 -37.78 -19.23
C THR A 314 2.19 -38.03 -20.65
N MET A 315 1.30 -38.56 -21.50
CA MET A 315 1.67 -38.82 -22.90
C MET A 315 2.07 -37.54 -23.61
N LEU A 316 1.28 -36.47 -23.41
CA LEU A 316 1.59 -35.21 -24.06
C LEU A 316 2.87 -34.58 -23.51
N GLU A 317 3.10 -34.72 -22.20
CA GLU A 317 4.33 -34.22 -21.60
C GLU A 317 5.55 -34.98 -22.13
N LYS A 318 5.37 -36.24 -22.52
CA LYS A 318 6.46 -36.97 -23.17
C LYS A 318 6.88 -36.35 -24.50
N ALA A 319 6.08 -35.45 -25.06
CA ALA A 319 6.39 -34.77 -26.32
C ALA A 319 6.79 -33.31 -26.11
N ASP A 320 7.26 -32.96 -24.91
CA ASP A 320 7.68 -31.60 -24.58
C ASP A 320 6.53 -30.61 -24.76
N ILE A 321 5.32 -31.03 -24.38
CA ILE A 321 4.14 -30.18 -24.40
C ILE A 321 3.77 -29.84 -22.97
N ARG A 322 3.59 -28.55 -22.69
CA ARG A 322 3.20 -28.11 -21.36
C ARG A 322 1.70 -28.29 -21.16
N VAL A 323 1.33 -29.19 -20.25
CA VAL A 323 -0.07 -29.56 -20.05
C VAL A 323 -0.46 -29.29 -18.60
N ARG A 324 -1.75 -29.06 -18.39
CA ARG A 324 -2.32 -28.90 -17.06
C ARG A 324 -3.78 -29.32 -17.10
N ILE A 325 -4.21 -30.06 -16.08
CA ILE A 325 -5.57 -30.58 -15.99
C ILE A 325 -6.35 -29.76 -14.98
N ASP A 326 -7.57 -29.37 -15.35
CA ASP A 326 -8.46 -28.62 -14.49
C ASP A 326 -9.56 -29.57 -14.03
N ASP A 327 -9.31 -30.28 -12.93
CA ASP A 327 -10.25 -31.24 -12.37
C ASP A 327 -11.07 -30.64 -11.22
N ARG A 328 -11.18 -29.31 -11.17
CA ARG A 328 -11.92 -28.67 -10.10
C ARG A 328 -13.42 -28.92 -10.27
N SER A 329 -14.06 -29.39 -9.19
CA SER A 329 -15.46 -29.79 -9.26
C SER A 329 -16.43 -28.66 -8.98
N ASN A 330 -15.98 -27.56 -8.36
CA ASN A 330 -16.86 -26.45 -8.03
C ASN A 330 -17.19 -25.58 -9.23
N TYR A 331 -16.55 -25.79 -10.37
CA TYR A 331 -16.79 -24.99 -11.57
C TYR A 331 -17.26 -25.90 -12.70
N THR A 332 -18.17 -25.37 -13.52
CA THR A 332 -18.70 -26.12 -14.66
C THR A 332 -17.72 -26.01 -15.83
N PRO A 333 -17.92 -26.82 -16.88
CA PRO A 333 -17.05 -26.69 -18.06
C PRO A 333 -17.05 -25.30 -18.68
N GLY A 334 -18.17 -24.59 -18.67
CA GLY A 334 -18.18 -23.25 -19.23
C GLY A 334 -17.30 -22.28 -18.47
N TRP A 335 -17.30 -22.38 -17.14
CA TRP A 335 -16.41 -21.56 -16.32
C TRP A 335 -14.95 -21.81 -16.69
N LYS A 336 -14.57 -23.08 -16.83
CA LYS A 336 -13.19 -23.41 -17.19
C LYS A 336 -12.86 -22.91 -18.59
N TYR A 337 -13.80 -23.05 -19.52
CA TYR A 337 -13.61 -22.52 -20.87
C TYR A 337 -13.28 -21.04 -20.82
N ASN A 338 -14.13 -20.25 -20.15
CA ASN A 338 -13.91 -18.81 -20.08
C ASN A 338 -12.61 -18.48 -19.34
N HIS A 339 -12.31 -19.23 -18.28
CA HIS A 339 -11.11 -18.97 -17.48
C HIS A 339 -9.85 -19.13 -18.33
N TRP A 340 -9.70 -20.29 -18.97
CA TRP A 340 -8.51 -20.53 -19.78
C TRP A 340 -8.55 -19.82 -21.13
N GLU A 341 -9.70 -19.28 -21.54
CA GLU A 341 -9.72 -18.39 -22.70
C GLU A 341 -9.22 -17.01 -22.35
N VAL A 342 -9.59 -16.51 -21.16
CA VAL A 342 -9.08 -15.22 -20.70
C VAL A 342 -7.59 -15.31 -20.41
N LYS A 343 -7.15 -16.41 -19.80
CA LYS A 343 -5.72 -16.59 -19.55
C LYS A 343 -4.93 -16.71 -20.84
N GLY A 344 -5.56 -17.14 -21.93
CA GLY A 344 -4.90 -17.15 -23.22
C GLY A 344 -4.27 -18.47 -23.62
N VAL A 345 -4.70 -19.58 -23.02
CA VAL A 345 -4.14 -20.88 -23.39
C VAL A 345 -4.52 -21.19 -24.83
N PRO A 346 -3.55 -21.50 -25.70
CA PRO A 346 -3.87 -21.63 -27.14
C PRO A 346 -4.78 -22.80 -27.46
N LEU A 347 -4.70 -23.89 -26.70
CA LEU A 347 -5.48 -25.10 -27.00
C LEU A 347 -6.09 -25.66 -25.72
N ARG A 348 -7.36 -26.03 -25.78
CA ARG A 348 -8.00 -26.76 -24.70
C ARG A 348 -8.47 -28.12 -25.21
N LEU A 349 -8.48 -29.10 -24.32
CA LEU A 349 -8.78 -30.48 -24.66
C LEU A 349 -9.98 -30.94 -23.83
N GLU A 350 -11.13 -31.11 -24.47
CA GLU A 350 -12.33 -31.61 -23.83
C GLU A 350 -12.41 -33.12 -24.00
N LEU A 351 -12.74 -33.81 -22.92
CA LEU A 351 -12.86 -35.27 -22.89
C LEU A 351 -14.04 -35.62 -21.99
N GLY A 352 -15.16 -35.97 -22.62
CA GLY A 352 -16.31 -36.46 -21.89
C GLY A 352 -16.37 -37.97 -21.90
N PRO A 353 -17.48 -38.54 -21.41
CA PRO A 353 -17.62 -40.00 -21.47
C PRO A 353 -17.84 -40.50 -22.89
N LYS A 354 -18.52 -39.72 -23.73
CA LYS A 354 -18.69 -40.11 -25.13
C LYS A 354 -17.33 -40.13 -25.83
N ASP A 355 -16.46 -39.17 -25.52
CA ASP A 355 -15.11 -39.18 -26.07
C ASP A 355 -14.28 -40.30 -25.47
N LEU A 356 -14.57 -40.70 -24.22
CA LEU A 356 -13.91 -41.86 -23.64
C LEU A 356 -14.31 -43.13 -24.37
N ALA A 357 -15.56 -43.21 -24.81
CA ALA A 357 -16.02 -44.38 -25.55
C ALA A 357 -15.46 -44.40 -26.97
N LYS A 358 -15.57 -43.28 -27.69
CA LYS A 358 -15.07 -43.21 -29.05
C LYS A 358 -13.54 -43.26 -29.14
N GLY A 359 -12.84 -43.10 -28.02
CA GLY A 359 -11.40 -43.10 -28.06
C GLY A 359 -10.78 -41.85 -28.64
N THR A 360 -11.52 -40.75 -28.69
CA THR A 360 -11.05 -39.49 -29.24
C THR A 360 -11.20 -38.38 -28.21
N ALA A 361 -10.87 -37.16 -28.63
CA ALA A 361 -11.01 -35.98 -27.79
C ALA A 361 -11.26 -34.78 -28.67
N ARG A 362 -11.82 -33.72 -28.06
CA ARG A 362 -12.20 -32.52 -28.79
C ARG A 362 -11.24 -31.39 -28.42
N VAL A 363 -10.40 -30.98 -29.36
CA VAL A 363 -9.42 -29.92 -29.14
C VAL A 363 -9.93 -28.63 -29.76
N VAL A 364 -9.98 -27.57 -28.94
CA VAL A 364 -10.44 -26.25 -29.39
C VAL A 364 -9.27 -25.29 -29.32
N ARG A 365 -9.07 -24.54 -30.41
CA ARG A 365 -7.99 -23.57 -30.51
C ARG A 365 -8.47 -22.19 -30.10
N ARG A 366 -7.61 -21.44 -29.40
CA ARG A 366 -8.00 -20.17 -28.82
C ARG A 366 -8.05 -19.05 -29.86
N ASP A 367 -7.18 -19.09 -30.87
CA ASP A 367 -7.06 -17.99 -31.80
C ASP A 367 -8.32 -17.83 -32.64
N THR A 368 -8.77 -18.91 -33.28
CA THR A 368 -9.93 -18.86 -34.17
C THR A 368 -11.18 -19.49 -33.58
N GLY A 369 -11.05 -20.46 -32.69
CA GLY A 369 -12.20 -21.13 -32.12
C GLY A 369 -12.58 -22.42 -32.81
N GLU A 370 -11.89 -22.80 -33.88
CA GLU A 370 -12.24 -24.01 -34.60
C GLU A 370 -11.96 -25.24 -33.73
N ALA A 371 -12.90 -26.18 -33.74
CA ALA A 371 -12.78 -27.42 -32.99
C ALA A 371 -12.37 -28.56 -33.90
N TYR A 372 -11.59 -29.49 -33.35
CA TYR A 372 -11.17 -30.69 -34.05
C TYR A 372 -11.42 -31.90 -33.17
N GLN A 373 -11.62 -33.05 -33.80
CA GLN A 373 -11.75 -34.31 -33.10
C GLN A 373 -10.54 -35.17 -33.45
N ILE A 374 -9.74 -35.51 -32.44
CA ILE A 374 -8.47 -36.19 -32.66
C ILE A 374 -8.44 -37.48 -31.86
N SER A 375 -7.97 -38.55 -32.49
CA SER A 375 -7.76 -39.81 -31.79
C SER A 375 -6.61 -39.67 -30.79
N TRP A 376 -6.60 -40.57 -29.80
CA TRP A 376 -5.61 -40.49 -28.73
C TRP A 376 -4.20 -40.75 -29.24
N ALA A 377 -4.04 -41.67 -30.19
CA ALA A 377 -2.72 -41.95 -30.73
C ALA A 377 -2.20 -40.81 -31.58
N ASP A 378 -3.10 -40.03 -32.18
CA ASP A 378 -2.72 -38.87 -32.98
C ASP A 378 -2.65 -37.59 -32.17
N LEU A 379 -2.85 -37.67 -30.86
CA LEU A 379 -2.98 -36.45 -30.05
C LEU A 379 -1.70 -35.63 -30.06
N ALA A 380 -0.57 -36.24 -29.72
CA ALA A 380 0.68 -35.50 -29.64
C ALA A 380 1.12 -34.92 -30.98
N PRO A 381 1.18 -35.68 -32.09
CA PRO A 381 1.60 -35.07 -33.36
C PRO A 381 0.65 -33.99 -33.85
N LYS A 382 -0.66 -34.27 -33.81
CA LYS A 382 -1.62 -33.27 -34.29
C LYS A 382 -1.62 -32.03 -33.41
N LEU A 383 -1.36 -32.17 -32.11
CA LEU A 383 -1.30 -30.99 -31.24
C LEU A 383 -0.04 -30.19 -31.51
N LEU A 384 1.10 -30.86 -31.69
CA LEU A 384 2.38 -30.11 -32.09
C LEU A 384 2.12 -29.36 -33.38
N GLU A 385 1.39 -29.97 -34.32
CA GLU A 385 1.10 -29.32 -35.59
C GLU A 385 0.14 -28.15 -35.39
N LEU A 386 -0.93 -28.31 -34.61
CA LEU A 386 -1.86 -27.21 -34.37
C LEU A 386 -1.18 -26.05 -33.67
N MET A 387 -0.22 -26.31 -32.80
CA MET A 387 0.46 -25.33 -32.14
C MET A 387 1.28 -24.49 -33.12
N GLU A 388 2.04 -25.14 -34.00
CA GLU A 388 2.80 -24.40 -35.00
C GLU A 388 1.89 -23.55 -35.90
N GLY A 389 0.76 -24.16 -36.28
CA GLY A 389 -0.20 -23.47 -37.12
C GLY A 389 -0.75 -22.23 -36.46
N ILE A 390 -1.09 -22.33 -35.17
CA ILE A 390 -1.63 -21.19 -34.44
C ILE A 390 -0.58 -20.09 -34.32
N GLN A 391 0.68 -20.47 -34.07
CA GLN A 391 1.75 -19.48 -34.00
C GLN A 391 1.90 -18.73 -35.32
N ARG A 392 1.99 -19.48 -36.42
CA ARG A 392 2.17 -18.85 -37.73
C ARG A 392 0.97 -17.99 -38.08
N SER A 393 -0.24 -18.43 -37.73
CA SER A 393 -1.42 -17.63 -38.04
C SER A 393 -1.47 -16.35 -37.21
N LEU A 394 -1.04 -16.48 -35.95
CA LEU A 394 -0.98 -15.36 -35.03
C LEU A 394 -0.02 -14.34 -35.62
N PHE A 395 1.10 -14.82 -36.18
CA PHE A 395 2.05 -13.90 -36.79
C PHE A 395 1.50 -13.22 -38.08
N GLU A 396 0.90 -14.05 -38.93
CA GLU A 396 0.49 -13.59 -40.26
C GLU A 396 -0.66 -12.59 -40.18
N LYS A 397 -1.63 -12.83 -39.30
CA LYS A 397 -2.74 -11.90 -39.16
C LYS A 397 -2.25 -10.54 -38.66
N ALA A 398 -1.35 -10.55 -37.68
CA ALA A 398 -0.79 -9.30 -37.19
C ALA A 398 0.04 -8.59 -38.25
N LYS A 399 0.75 -9.36 -39.07
CA LYS A 399 1.54 -8.77 -40.15
C LYS A 399 0.62 -8.13 -41.18
N ALA A 400 -0.50 -8.78 -41.49
CA ALA A 400 -1.47 -8.17 -42.40
C ALA A 400 -2.06 -6.90 -41.82
N ARG A 401 -2.38 -6.91 -40.52
CA ARG A 401 -2.88 -5.70 -39.88
C ARG A 401 -1.86 -4.58 -39.92
N LEU A 402 -0.57 -4.92 -39.73
CA LEU A 402 0.49 -3.94 -39.83
C LEU A 402 0.58 -3.36 -41.24
N HIS A 403 0.53 -4.23 -42.24
CA HIS A 403 0.58 -3.77 -43.63
C HIS A 403 -0.62 -2.88 -43.96
N GLU A 404 -1.78 -3.17 -43.38
CA GLU A 404 -2.97 -2.36 -43.65
C GLU A 404 -2.98 -1.05 -42.86
N GLY A 405 -2.19 -0.94 -41.79
CA GLY A 405 -2.14 0.27 -41.01
C GLY A 405 -1.13 1.29 -41.47
N ILE A 406 -0.45 1.04 -42.60
CA ILE A 406 0.57 1.94 -43.13
C ILE A 406 0.10 2.42 -44.49
N GLU A 407 0.01 3.73 -44.66
CA GLU A 407 -0.40 4.34 -45.92
C GLU A 407 0.78 5.05 -46.55
N LYS A 408 1.05 4.74 -47.81
CA LYS A 408 2.11 5.40 -48.57
C LYS A 408 1.53 6.66 -49.21
N ILE A 409 2.04 7.82 -48.80
CA ILE A 409 1.53 9.10 -49.26
C ILE A 409 2.65 9.85 -49.98
N SER A 410 2.29 11.00 -50.56
CA SER A 410 3.23 11.79 -51.34
C SER A 410 3.23 13.25 -50.91
N THR A 411 2.09 13.73 -50.40
CA THR A 411 1.94 15.12 -50.02
C THR A 411 1.33 15.21 -48.62
N PHE A 412 1.43 16.40 -48.04
CA PHE A 412 1.11 16.57 -46.62
C PHE A 412 -0.39 16.60 -46.34
N ASP A 413 -1.20 17.05 -47.31
CA ASP A 413 -2.64 17.06 -47.07
C ASP A 413 -3.23 15.67 -46.99
N GLU A 414 -2.44 14.63 -47.28
CA GLU A 414 -2.85 13.25 -47.06
C GLU A 414 -2.60 12.79 -45.63
N VAL A 415 -1.95 13.61 -44.81
CA VAL A 415 -1.50 13.16 -43.49
C VAL A 415 -2.68 13.07 -42.53
N MET A 416 -3.35 14.20 -42.29
CA MET A 416 -4.43 14.22 -41.29
C MET A 416 -5.55 13.23 -41.58
N PRO A 417 -5.97 12.99 -42.83
CA PRO A 417 -6.90 11.86 -43.05
C PRO A 417 -6.36 10.54 -42.57
N ALA A 418 -5.16 10.16 -43.02
CA ALA A 418 -4.58 8.87 -42.64
C ALA A 418 -4.37 8.79 -41.13
N LEU A 419 -4.03 9.90 -40.48
CA LEU A 419 -3.92 9.89 -39.03
C LEU A 419 -5.28 9.69 -38.37
N ASN A 420 -6.33 10.28 -38.95
CA ASN A 420 -7.67 10.12 -38.38
C ASN A 420 -8.21 8.72 -38.61
N ARG A 421 -7.69 7.99 -39.59
CA ARG A 421 -8.05 6.59 -39.79
C ARG A 421 -7.27 5.65 -38.88
N LYS A 422 -6.58 6.19 -37.88
CA LYS A 422 -5.76 5.41 -36.95
C LYS A 422 -4.72 4.59 -37.70
N HIS A 423 -3.99 5.25 -38.60
CA HIS A 423 -2.99 4.61 -39.43
C HIS A 423 -1.67 5.38 -39.34
N LEU A 424 -0.60 4.70 -39.73
CA LEU A 424 0.69 5.34 -39.91
C LEU A 424 0.82 5.82 -41.36
N VAL A 425 1.87 6.57 -41.64
CA VAL A 425 2.13 7.07 -42.98
C VAL A 425 3.58 6.78 -43.35
N LEU A 426 3.81 6.45 -44.62
CA LEU A 426 5.15 6.25 -45.16
C LEU A 426 5.36 7.28 -46.25
N ALA A 427 6.22 8.27 -45.98
CA ALA A 427 6.32 9.40 -46.89
C ALA A 427 7.77 9.67 -47.25
N PRO A 428 8.01 10.19 -48.46
CA PRO A 428 9.36 10.62 -48.82
C PRO A 428 9.73 11.88 -48.05
N TRP A 429 10.92 11.88 -47.47
CA TRP A 429 11.36 12.93 -46.57
C TRP A 429 12.80 13.30 -46.85
N CYS A 430 13.12 14.57 -46.66
CA CYS A 430 14.45 15.12 -46.85
C CYS A 430 15.31 15.06 -45.58
N GLU A 431 14.76 14.53 -44.49
CA GLU A 431 15.50 14.32 -43.24
C GLU A 431 16.04 15.62 -42.65
N ASP A 432 15.28 16.70 -42.80
CA ASP A 432 15.66 17.98 -42.22
C ASP A 432 15.23 18.02 -40.75
N PRO A 433 16.15 18.26 -39.80
CA PRO A 433 15.76 18.19 -38.38
C PRO A 433 14.66 19.17 -37.99
N GLU A 434 14.75 20.43 -38.42
CA GLU A 434 13.73 21.40 -38.04
C GLU A 434 12.37 21.07 -38.65
N SER A 435 12.37 20.42 -39.81
CA SER A 435 11.11 20.05 -40.45
C SER A 435 10.33 19.06 -39.62
N GLU A 436 11.03 18.17 -38.88
CA GLU A 436 10.31 17.22 -38.03
C GLU A 436 9.59 17.94 -36.89
N GLU A 437 10.24 18.92 -36.27
CA GLU A 437 9.57 19.71 -35.23
C GLU A 437 8.41 20.51 -35.81
N GLN A 438 8.60 21.08 -37.00
CA GLN A 438 7.51 21.76 -37.67
C GLN A 438 6.33 20.83 -37.87
N ILE A 439 6.59 19.60 -38.30
CA ILE A 439 5.52 18.65 -38.57
C ILE A 439 4.83 18.23 -37.27
N LYS A 440 5.62 18.01 -36.22
CA LYS A 440 5.04 17.72 -34.90
C LYS A 440 4.06 18.81 -34.49
N LYS A 441 4.51 20.06 -34.52
CA LYS A 441 3.66 21.17 -34.08
C LYS A 441 2.45 21.33 -34.99
N GLU A 442 2.61 21.13 -36.29
CA GLU A 442 1.50 21.29 -37.21
C GLU A 442 0.45 20.20 -37.00
N THR A 443 0.87 18.94 -36.87
CA THR A 443 -0.08 17.87 -36.65
C THR A 443 -0.73 17.96 -35.29
N GLN A 444 -0.03 18.52 -34.30
CA GLN A 444 -0.67 18.76 -33.01
C GLN A 444 -1.72 19.86 -33.12
N LYS A 445 -1.42 20.92 -33.88
CA LYS A 445 -2.40 21.99 -34.07
C LYS A 445 -3.60 21.52 -34.88
N LEU A 446 -3.42 20.56 -35.78
CA LEU A 446 -4.49 20.08 -36.64
C LEU A 446 -5.22 18.88 -36.06
N SER A 447 -4.80 18.38 -34.89
CA SER A 447 -5.46 17.20 -34.31
C SER A 447 -6.91 17.50 -33.98
N GLU A 448 -7.16 18.60 -33.26
CA GLU A 448 -8.51 19.08 -32.95
C GLU A 448 -9.32 18.03 -32.19
N ILE A 449 -10.64 18.23 -32.13
CA ILE A 449 -11.61 17.37 -31.45
C ILE A 449 -11.19 17.10 -30.01
N GLN A 450 -10.30 17.94 -29.47
CA GLN A 450 -9.73 17.76 -28.14
C GLN A 450 -10.68 18.25 -27.05
N ALA A 451 -11.99 18.12 -27.28
CA ALA A 451 -12.94 18.65 -26.31
C ALA A 451 -14.25 17.86 -26.26
N ILE A 452 -14.29 16.66 -26.81
CA ILE A 452 -15.51 15.85 -26.65
C ILE A 452 -15.19 14.43 -26.18
N GLU A 453 -15.39 14.22 -24.89
CA GLU A 453 -15.29 12.89 -24.37
C GLU A 453 -16.76 12.57 -24.17
N ALA A 454 -17.24 11.44 -24.69
CA ALA A 454 -18.63 11.03 -24.50
C ALA A 454 -18.79 10.19 -23.24
N GLY A 455 -19.66 9.20 -23.29
CA GLY A 455 -19.90 8.36 -22.13
C GLY A 455 -18.85 7.28 -21.92
N ASP A 456 -17.67 7.47 -22.52
CA ASP A 456 -16.58 6.50 -22.38
C ASP A 456 -15.26 7.25 -22.59
N SER A 457 -14.71 7.75 -21.48
CA SER A 457 -13.42 8.44 -21.52
C SER A 457 -12.29 7.42 -21.41
N GLU A 458 -11.26 7.61 -22.21
CA GLU A 458 -10.10 6.73 -22.24
C GLU A 458 -8.85 7.52 -21.92
N GLN A 459 -7.69 6.91 -22.16
CA GLN A 459 -6.40 7.54 -21.91
C GLN A 459 -6.08 8.51 -23.03
N VAL A 460 -5.92 9.78 -22.70
CA VAL A 460 -5.64 10.82 -23.70
C VAL A 460 -4.13 10.96 -23.84
N MET A 461 -3.63 10.66 -25.03
CA MET A 461 -2.23 10.84 -25.37
C MET A 461 -2.09 11.98 -26.37
N THR A 462 -0.84 12.37 -26.63
CA THR A 462 -0.58 13.47 -27.54
C THR A 462 -1.02 13.12 -28.96
N GLY A 463 -1.56 14.10 -29.66
CA GLY A 463 -2.01 13.94 -31.03
C GLY A 463 -1.01 14.32 -32.09
N ALA A 464 0.20 14.70 -31.70
CA ALA A 464 1.22 15.08 -32.68
C ALA A 464 1.79 13.85 -33.38
N MET A 465 2.31 14.08 -34.57
CA MET A 465 2.91 13.02 -35.38
C MET A 465 4.41 13.25 -35.46
N LYS A 466 5.18 12.17 -35.29
CA LYS A 466 6.63 12.25 -35.30
C LYS A 466 7.19 11.06 -36.07
N THR A 467 8.49 11.11 -36.32
CA THR A 467 9.16 10.02 -37.04
C THR A 467 9.25 8.79 -36.16
N LEU A 468 8.72 7.67 -36.65
CA LEU A 468 8.91 6.39 -35.96
C LEU A 468 10.30 5.84 -36.28
N CYS A 469 10.59 5.65 -37.57
CA CYS A 469 11.92 5.24 -38.02
C CYS A 469 12.02 5.45 -39.51
N ILE A 470 13.26 5.47 -39.99
CA ILE A 470 13.56 5.41 -41.41
C ILE A 470 13.83 3.94 -41.72
N PRO A 471 12.86 3.20 -42.26
CA PRO A 471 12.98 1.74 -42.31
C PRO A 471 14.15 1.29 -43.18
N PHE A 472 14.77 0.18 -42.75
CA PHE A 472 15.82 -0.44 -43.56
C PHE A 472 15.27 -0.89 -44.91
N ASP A 473 14.19 -1.65 -44.89
CA ASP A 473 13.50 -2.06 -46.11
C ASP A 473 12.87 -0.82 -46.76
N GLN A 474 13.65 -0.12 -47.57
CA GLN A 474 13.19 1.10 -48.20
C GLN A 474 12.48 0.78 -49.50
N PRO A 475 11.24 1.21 -49.69
CA PRO A 475 10.63 1.12 -51.01
C PRO A 475 11.39 1.97 -52.00
N PRO A 476 11.38 1.60 -53.28
CA PRO A 476 12.18 2.34 -54.27
C PRO A 476 11.68 3.77 -54.42
N MET A 477 12.62 4.68 -54.66
CA MET A 477 12.34 6.10 -54.73
C MET A 477 12.53 6.61 -56.15
N PRO A 478 11.47 7.04 -56.83
CA PRO A 478 11.64 7.54 -58.21
C PRO A 478 12.40 8.86 -58.22
N GLU A 479 13.22 9.04 -59.25
CA GLU A 479 14.06 10.23 -59.35
C GLU A 479 13.20 11.49 -59.38
N GLY A 480 13.66 12.53 -58.69
CA GLY A 480 12.96 13.78 -58.64
C GLY A 480 11.85 13.87 -57.61
N THR A 481 11.73 12.89 -56.73
CA THR A 481 10.68 12.91 -55.71
C THR A 481 10.97 14.01 -54.70
N LYS A 482 9.98 14.85 -54.46
CA LYS A 482 10.11 15.96 -53.51
C LYS A 482 9.63 15.54 -52.13
N CYS A 483 10.12 16.26 -51.12
CA CYS A 483 9.70 16.01 -49.74
C CYS A 483 8.21 16.26 -49.60
N PHE A 484 7.54 15.36 -48.86
CA PHE A 484 6.09 15.45 -48.69
C PHE A 484 5.67 16.67 -47.88
N TYR A 485 6.61 17.35 -47.22
CA TYR A 485 6.29 18.52 -46.42
C TYR A 485 7.04 19.76 -46.87
N THR A 486 8.36 19.67 -47.04
CA THR A 486 9.17 20.85 -47.37
C THR A 486 9.25 21.13 -48.86
N GLY A 487 8.97 20.14 -49.70
CA GLY A 487 9.16 20.29 -51.13
C GLY A 487 10.58 20.12 -51.61
N LYS A 488 11.55 20.11 -50.70
CA LYS A 488 12.95 19.88 -51.06
C LYS A 488 13.13 18.47 -51.60
N PRO A 489 14.24 18.21 -52.30
CA PRO A 489 14.52 16.84 -52.77
C PRO A 489 14.44 15.81 -51.66
N ALA A 490 13.56 14.83 -51.82
CA ALA A 490 13.35 13.83 -50.78
C ALA A 490 14.53 12.87 -50.73
N LYS A 491 14.96 12.54 -49.50
CA LYS A 491 16.09 11.64 -49.31
C LYS A 491 15.64 10.19 -49.20
N ARG A 492 14.78 9.87 -48.23
CA ARG A 492 14.40 8.48 -47.99
C ARG A 492 12.95 8.40 -47.55
N TRP A 493 12.41 7.18 -47.58
CA TRP A 493 11.08 6.93 -47.05
C TRP A 493 11.13 6.84 -45.54
N THR A 494 10.30 7.64 -44.87
CA THR A 494 10.25 7.68 -43.41
C THR A 494 8.85 7.29 -42.96
N LEU A 495 8.78 6.55 -41.85
CA LEU A 495 7.51 6.11 -41.27
C LEU A 495 7.14 7.08 -40.16
N TRP A 496 6.10 7.88 -40.40
CA TRP A 496 5.56 8.80 -39.41
C TRP A 496 4.27 8.23 -38.82
N GLY A 497 3.92 8.74 -37.64
CA GLY A 497 2.68 8.35 -37.00
C GLY A 497 2.64 8.90 -35.59
N ARG A 498 1.46 8.75 -34.98
CA ARG A 498 1.30 9.04 -33.56
C ARG A 498 1.92 7.91 -32.76
N SER A 499 2.63 8.26 -31.70
CA SER A 499 3.48 7.32 -30.99
C SER A 499 3.10 7.24 -29.51
N TYR A 500 3.77 6.34 -28.81
CA TYR A 500 3.64 6.20 -27.36
C TYR A 500 4.64 7.10 -26.65
N GLY B 1 50.86 -8.39 -14.69
CA GLY B 1 51.62 -9.13 -13.69
C GLY B 1 50.84 -9.35 -12.41
N ALA B 2 49.55 -9.65 -12.55
CA ALA B 2 48.68 -9.89 -11.41
C ALA B 2 49.15 -11.11 -10.63
N MET B 3 49.91 -10.89 -9.56
CA MET B 3 50.47 -11.96 -8.75
C MET B 3 50.12 -11.73 -7.30
N VAL B 4 49.50 -12.73 -6.67
CA VAL B 4 49.10 -12.62 -5.27
C VAL B 4 50.34 -12.67 -4.39
N THR B 5 50.54 -11.63 -3.59
CA THR B 5 51.71 -11.54 -2.71
C THR B 5 51.43 -11.98 -1.29
N ALA B 6 50.23 -11.74 -0.77
CA ALA B 6 49.90 -12.14 0.59
C ALA B 6 49.71 -13.65 0.66
N LYS B 7 50.09 -14.21 1.80
CA LYS B 7 49.93 -15.65 2.05
C LYS B 7 48.58 -15.91 2.68
N LYS B 8 47.98 -17.04 2.31
CA LYS B 8 46.60 -17.32 2.73
C LYS B 8 46.51 -17.57 4.23
N ASP B 9 47.45 -18.32 4.79
CA ASP B 9 47.42 -18.63 6.22
C ASP B 9 47.91 -17.48 7.08
N GLU B 10 48.58 -16.48 6.50
CA GLU B 10 49.09 -15.36 7.27
C GLU B 10 48.10 -14.20 7.27
N ASN B 11 48.11 -13.40 6.20
CA ASN B 11 47.18 -12.29 6.04
C ASN B 11 46.01 -12.78 5.20
N PHE B 12 44.96 -13.26 5.89
CA PHE B 12 43.86 -13.91 5.19
C PHE B 12 42.97 -12.90 4.48
N SER B 13 42.67 -11.78 5.12
CA SER B 13 41.80 -10.77 4.51
C SER B 13 42.45 -10.16 3.28
N GLU B 14 43.73 -9.80 3.38
CA GLU B 14 44.43 -9.24 2.23
C GLU B 14 44.57 -10.26 1.13
N TRP B 15 44.75 -11.54 1.48
CA TRP B 15 44.78 -12.59 0.47
C TRP B 15 43.46 -12.67 -0.27
N TYR B 16 42.35 -12.65 0.47
CA TYR B 16 41.03 -12.67 -0.16
C TYR B 16 40.83 -11.48 -1.08
N THR B 17 41.23 -10.29 -0.63
CA THR B 17 41.09 -9.09 -1.45
C THR B 17 41.89 -9.22 -2.74
N GLN B 18 43.17 -9.57 -2.62
CA GLN B 18 44.02 -9.69 -3.81
C GLN B 18 43.51 -10.77 -4.74
N ALA B 19 42.98 -11.86 -4.19
CA ALA B 19 42.49 -12.95 -5.03
C ALA B 19 41.25 -12.52 -5.81
N ILE B 20 40.29 -11.87 -5.14
CA ILE B 20 39.08 -11.49 -5.84
C ILE B 20 39.29 -10.30 -6.77
N VAL B 21 40.34 -9.49 -6.55
CA VAL B 21 40.58 -8.34 -7.41
C VAL B 21 41.44 -8.72 -8.61
N ARG B 22 42.63 -9.26 -8.32
CA ARG B 22 43.59 -9.64 -9.37
C ARG B 22 43.06 -10.63 -10.39
N SER B 23 42.11 -11.46 -9.98
CA SER B 23 41.55 -12.47 -10.87
C SER B 23 40.48 -11.90 -11.79
N GLU B 24 40.31 -10.58 -11.80
CA GLU B 24 39.32 -9.90 -12.62
C GLU B 24 37.90 -10.39 -12.29
N MET B 25 37.66 -10.66 -11.02
CA MET B 25 36.36 -11.10 -10.55
C MET B 25 35.44 -9.92 -10.24
N ILE B 26 35.94 -8.95 -9.46
CA ILE B 26 35.16 -7.78 -9.07
C ILE B 26 35.99 -6.53 -9.35
N GLU B 27 35.32 -5.38 -9.26
CA GLU B 27 35.98 -4.10 -9.49
C GLU B 27 35.35 -3.06 -8.58
N TYR B 28 36.16 -2.45 -7.72
CA TYR B 28 35.67 -1.42 -6.81
C TYR B 28 35.53 -0.09 -7.54
N TYR B 29 34.99 0.90 -6.82
CA TYR B 29 35.22 2.30 -7.11
C TYR B 29 35.26 3.07 -5.79
N ASP B 30 35.20 4.40 -5.86
CA ASP B 30 35.57 5.22 -4.72
C ASP B 30 34.58 5.12 -3.57
N ILE B 31 33.28 4.97 -3.86
CA ILE B 31 32.30 4.90 -2.79
C ILE B 31 32.49 3.62 -1.99
N SER B 32 32.18 3.69 -0.70
CA SER B 32 32.50 2.61 0.23
C SER B 32 31.65 1.37 -0.06
N GLY B 33 32.32 0.23 -0.23
CA GLY B 33 31.67 -1.07 -0.33
C GLY B 33 31.26 -1.54 -1.72
N CYS B 34 30.67 -0.65 -2.51
CA CYS B 34 30.09 -1.06 -3.79
C CYS B 34 31.16 -1.61 -4.72
N TYR B 35 30.79 -2.67 -5.46
CA TYR B 35 31.69 -3.31 -6.40
C TYR B 35 30.90 -3.75 -7.62
N ILE B 36 31.64 -4.15 -8.65
CA ILE B 36 31.09 -4.61 -9.92
C ILE B 36 31.48 -6.07 -10.09
N MET B 37 30.50 -6.91 -10.40
CA MET B 37 30.73 -8.34 -10.62
C MET B 37 31.09 -8.56 -12.07
N ARG B 38 32.37 -8.77 -12.33
CA ARG B 38 32.84 -9.05 -13.68
C ARG B 38 32.48 -10.48 -14.07
N PRO B 39 32.50 -10.80 -15.37
CA PRO B 39 32.03 -12.12 -15.81
C PRO B 39 32.70 -13.30 -15.12
N TRP B 40 33.93 -13.15 -14.61
CA TRP B 40 34.65 -14.28 -14.05
C TRP B 40 33.91 -14.90 -12.88
N ALA B 41 33.22 -14.08 -12.08
CA ALA B 41 32.40 -14.59 -10.98
C ALA B 41 30.93 -14.71 -11.34
N PHE B 42 30.43 -13.85 -12.23
CA PHE B 42 29.04 -13.93 -12.63
C PHE B 42 28.76 -15.20 -13.41
N HIS B 43 29.77 -15.81 -14.04
CA HIS B 43 29.56 -17.09 -14.69
C HIS B 43 29.30 -18.20 -13.66
N ILE B 44 30.06 -18.19 -12.57
CA ILE B 44 29.80 -19.13 -11.48
C ILE B 44 28.41 -18.92 -10.90
N TRP B 45 28.05 -17.65 -10.69
CA TRP B 45 26.71 -17.34 -10.22
C TRP B 45 25.65 -17.85 -11.19
N GLU B 46 25.89 -17.72 -12.45
CA GLU B 46 24.93 -18.20 -13.38
C GLU B 46 24.81 -19.68 -13.28
N LYS B 47 25.91 -20.39 -13.26
CA LYS B 47 25.86 -21.85 -13.21
C LYS B 47 25.06 -22.33 -12.01
N VAL B 48 25.38 -21.82 -10.82
CA VAL B 48 24.64 -22.26 -9.64
C VAL B 48 23.18 -21.82 -9.72
N GLN B 49 22.93 -20.65 -10.33
CA GLN B 49 21.57 -20.16 -10.50
C GLN B 49 20.77 -21.08 -11.41
N ARG B 50 21.36 -21.48 -12.53
CA ARG B 50 20.67 -22.39 -13.44
C ARG B 50 20.39 -23.72 -12.78
N PHE B 51 21.37 -24.26 -12.03
CA PHE B 51 21.16 -25.50 -11.32
C PHE B 51 19.96 -25.41 -10.37
N PHE B 52 19.99 -24.42 -9.46
CA PHE B 52 18.93 -24.30 -8.49
C PHE B 52 17.58 -24.00 -9.16
N ASP B 53 17.59 -23.19 -10.21
CA ASP B 53 16.36 -22.81 -10.88
C ASP B 53 15.71 -24.02 -11.55
N ASP B 54 16.50 -24.82 -12.27
CA ASP B 54 15.94 -26.03 -12.87
C ASP B 54 15.45 -27.00 -11.80
N GLU B 55 16.21 -27.16 -10.73
CA GLU B 55 15.81 -28.11 -9.69
C GLU B 55 14.53 -27.68 -8.99
N ILE B 56 14.29 -26.37 -8.84
CA ILE B 56 13.03 -25.93 -8.25
C ILE B 56 11.91 -25.88 -9.27
N LYS B 57 12.23 -25.73 -10.56
CA LYS B 57 11.22 -25.91 -11.60
C LYS B 57 10.67 -27.34 -11.57
N LYS B 58 11.54 -28.31 -11.32
CA LYS B 58 11.08 -29.69 -11.20
C LYS B 58 10.11 -29.84 -10.04
N MET B 59 10.32 -29.10 -8.95
CA MET B 59 9.46 -29.15 -7.78
C MET B 59 8.16 -28.38 -7.95
N GLY B 60 7.95 -27.74 -9.10
CA GLY B 60 6.73 -26.97 -9.31
C GLY B 60 6.80 -25.55 -8.82
N VAL B 61 7.98 -25.04 -8.52
CA VAL B 61 8.13 -23.65 -8.08
C VAL B 61 8.14 -22.74 -9.31
N GLU B 62 7.33 -21.70 -9.27
CA GLU B 62 7.22 -20.75 -10.37
C GLU B 62 7.88 -19.43 -9.97
N ASN B 63 8.62 -18.85 -10.91
CA ASN B 63 9.28 -17.58 -10.66
C ASN B 63 8.32 -16.42 -10.88
N SER B 64 8.59 -15.31 -10.19
CA SER B 64 7.72 -14.15 -10.23
C SER B 64 8.54 -12.92 -9.83
N TYR B 65 7.88 -11.76 -9.83
CA TYR B 65 8.51 -10.51 -9.43
C TYR B 65 7.58 -9.76 -8.50
N PHE B 66 8.01 -9.57 -7.25
CA PHE B 66 7.32 -8.71 -6.31
C PHE B 66 8.09 -7.41 -6.11
N PRO B 67 7.40 -6.30 -5.88
CA PRO B 67 8.11 -5.05 -5.61
C PRO B 67 8.60 -4.95 -4.18
N MET B 68 9.80 -5.45 -3.92
CA MET B 68 10.34 -5.51 -2.57
C MET B 68 11.26 -4.32 -2.29
N PHE B 69 11.63 -4.18 -1.02
CA PHE B 69 12.25 -2.97 -0.50
C PHE B 69 13.74 -2.95 -0.80
N VAL B 70 14.44 -1.99 -0.21
CA VAL B 70 15.88 -1.84 -0.36
C VAL B 70 16.58 -2.27 0.93
N TRP B 91 5.70 -7.35 16.16
CA TRP B 91 5.32 -8.24 17.25
C TRP B 91 3.97 -8.90 17.00
N VAL B 92 3.54 -9.75 17.93
CA VAL B 92 2.50 -10.75 17.65
C VAL B 92 1.16 -10.07 17.39
N THR B 93 0.63 -9.38 18.40
CA THR B 93 -0.77 -8.95 18.35
C THR B 93 -0.98 -7.79 17.39
N HIS B 94 -0.30 -6.67 17.62
CA HIS B 94 -0.58 -5.45 16.87
C HIS B 94 -0.30 -5.63 15.39
N TYR B 95 0.89 -6.09 15.04
CA TYR B 95 1.19 -6.46 13.66
C TYR B 95 0.44 -7.75 13.34
N GLY B 96 -0.71 -7.61 12.71
CA GLY B 96 -1.57 -8.75 12.45
C GLY B 96 -3.02 -8.33 12.33
N ASP B 97 -3.51 -7.61 13.34
CA ASP B 97 -4.84 -7.01 13.29
C ASP B 97 -4.79 -5.52 12.95
N SER B 98 -3.71 -5.06 12.33
CA SER B 98 -3.55 -3.70 11.86
C SER B 98 -3.59 -3.65 10.34
N PRO B 99 -3.99 -2.52 9.75
CA PRO B 99 -4.08 -2.45 8.28
C PRO B 99 -2.72 -2.54 7.61
N LEU B 100 -2.76 -2.91 6.33
CA LEU B 100 -1.54 -3.08 5.56
C LEU B 100 -0.65 -1.83 5.52
N PRO B 101 -1.18 -0.61 5.38
CA PRO B 101 -0.28 0.56 5.42
C PRO B 101 0.52 0.66 6.70
N GLU B 102 -0.02 0.21 7.83
CA GLU B 102 0.75 0.20 9.06
C GLU B 102 1.62 -1.04 9.16
N LYS B 103 1.17 -2.17 8.61
CA LYS B 103 1.99 -3.38 8.59
C LYS B 103 3.29 -3.15 7.82
N ILE B 104 3.22 -2.39 6.73
CA ILE B 104 4.43 -2.07 5.98
C ILE B 104 5.38 -1.23 6.82
N ALA B 105 4.83 -0.28 7.60
CA ALA B 105 5.67 0.57 8.42
C ALA B 105 6.34 -0.21 9.55
N ILE B 106 5.58 -1.12 10.18
CA ILE B 106 6.12 -1.85 11.32
C ILE B 106 7.22 -2.81 10.87
N ARG B 107 6.92 -3.69 9.92
CA ARG B 107 7.88 -4.65 9.40
C ARG B 107 7.99 -4.51 7.89
N PRO B 108 8.82 -3.60 7.41
CA PRO B 108 9.06 -3.47 5.96
C PRO B 108 9.94 -4.60 5.42
N THR B 109 9.36 -5.79 5.33
CA THR B 109 10.06 -6.97 4.86
C THR B 109 9.34 -7.55 3.65
N SER B 110 9.97 -8.55 3.04
CA SER B 110 9.37 -9.19 1.86
C SER B 110 8.09 -9.93 2.22
N GLU B 111 7.97 -10.39 3.47
CA GLU B 111 6.74 -11.06 3.89
C GLU B 111 5.56 -10.10 3.88
N THR B 112 5.75 -8.89 4.42
CA THR B 112 4.68 -7.89 4.44
C THR B 112 4.25 -7.51 3.03
N ILE B 113 5.13 -7.65 2.06
CA ILE B 113 4.77 -7.36 0.67
C ILE B 113 4.03 -8.54 0.05
N MET B 114 4.57 -9.76 0.22
CA MET B 114 4.07 -10.91 -0.52
C MET B 114 2.78 -11.46 0.08
N TYR B 115 2.75 -11.65 1.40
CA TYR B 115 1.71 -12.46 2.03
C TYR B 115 0.30 -11.86 1.97
N PRO B 116 0.13 -10.53 1.86
CA PRO B 116 -1.21 -10.03 1.51
C PRO B 116 -1.71 -10.57 0.18
N ALA B 117 -0.86 -10.59 -0.84
CA ALA B 117 -1.22 -11.22 -2.11
C ALA B 117 -1.48 -12.70 -1.93
N TYR B 118 -0.75 -13.35 -1.03
CA TYR B 118 -1.01 -14.77 -0.74
C TYR B 118 -2.40 -14.95 -0.16
N ALA B 119 -2.79 -14.08 0.77
CA ALA B 119 -4.12 -14.17 1.36
C ALA B 119 -5.20 -13.89 0.32
N LYS B 120 -4.93 -12.98 -0.61
CA LYS B 120 -5.91 -12.70 -1.67
C LYS B 120 -6.04 -13.87 -2.63
N TRP B 121 -4.93 -14.54 -2.94
CA TRP B 121 -4.94 -15.59 -3.95
C TRP B 121 -5.42 -16.93 -3.41
N ILE B 122 -5.10 -17.24 -2.15
CA ILE B 122 -5.43 -18.53 -1.57
C ILE B 122 -6.84 -18.47 -0.99
N ARG B 123 -7.73 -19.34 -1.48
CA ARG B 123 -9.10 -19.38 -0.99
C ARG B 123 -9.55 -20.82 -0.79
N SER B 124 -9.31 -21.68 -1.78
CA SER B 124 -9.70 -23.08 -1.71
C SER B 124 -8.47 -23.96 -1.51
N HIS B 125 -8.72 -25.20 -1.08
CA HIS B 125 -7.65 -26.17 -0.95
C HIS B 125 -7.01 -26.48 -2.30
N ARG B 126 -7.77 -26.31 -3.38
CA ARG B 126 -7.25 -26.55 -4.72
C ARG B 126 -6.31 -25.45 -5.19
N ASP B 127 -6.21 -24.35 -4.44
CA ASP B 127 -5.23 -23.32 -4.72
C ASP B 127 -3.85 -23.63 -4.13
N LEU B 128 -3.73 -24.74 -3.40
CA LEU B 128 -2.52 -25.17 -2.74
C LEU B 128 -1.98 -26.45 -3.36
N PRO B 129 -0.65 -26.65 -3.36
CA PRO B 129 0.36 -25.76 -2.80
C PRO B 129 0.70 -24.58 -3.70
N LEU B 130 1.00 -23.43 -3.09
CA LEU B 130 1.42 -22.23 -3.80
C LEU B 130 2.92 -22.05 -3.59
N LYS B 131 3.69 -22.12 -4.67
CA LYS B 131 5.14 -22.07 -4.61
C LYS B 131 5.64 -20.94 -5.50
N LEU B 132 6.30 -19.95 -4.90
CA LEU B 132 6.85 -18.82 -5.64
C LEU B 132 8.30 -18.62 -5.25
N ASN B 133 9.08 -18.06 -6.16
CA ASN B 133 10.49 -17.79 -5.94
C ASN B 133 10.91 -16.61 -6.80
N GLN B 134 11.88 -15.84 -6.31
CA GLN B 134 12.40 -14.72 -7.08
C GLN B 134 13.90 -14.58 -6.86
N TRP B 135 14.60 -14.29 -7.96
CA TRP B 135 16.01 -13.93 -7.93
C TRP B 135 16.12 -12.41 -7.89
N CYS B 136 16.68 -11.88 -6.80
CA CYS B 136 16.70 -10.46 -6.53
C CYS B 136 18.12 -9.93 -6.51
N SER B 137 18.24 -8.61 -6.67
CA SER B 137 19.51 -7.93 -6.71
C SER B 137 19.33 -6.49 -6.25
N VAL B 138 20.19 -6.05 -5.34
CA VAL B 138 20.15 -4.67 -4.84
C VAL B 138 21.46 -4.33 -4.15
N PRO B 146 32.87 -2.97 4.62
CA PRO B 146 32.36 -4.27 4.19
C PRO B 146 33.37 -5.05 3.37
N THR B 147 33.04 -6.30 3.03
CA THR B 147 33.88 -7.15 2.19
C THR B 147 32.99 -7.87 1.18
N PRO B 148 33.44 -7.97 -0.07
CA PRO B 148 32.59 -8.54 -1.11
C PRO B 148 32.30 -10.02 -0.87
N PHE B 149 31.12 -10.44 -1.31
CA PHE B 149 30.62 -11.82 -1.26
C PHE B 149 30.39 -12.32 0.16
N LEU B 150 30.65 -11.51 1.18
CA LEU B 150 30.23 -11.81 2.54
C LEU B 150 29.09 -10.91 2.99
N ARG B 151 29.26 -9.59 2.89
CA ARG B 151 28.19 -8.64 3.14
C ARG B 151 28.43 -7.36 2.34
N PHE B 155 24.14 -7.03 -3.26
CA PHE B 155 24.47 -8.39 -3.68
C PHE B 155 23.25 -9.09 -4.28
N LEU B 156 23.51 -10.12 -5.08
CA LEU B 156 22.44 -10.93 -5.66
C LEU B 156 22.06 -12.05 -4.71
N TRP B 157 20.81 -12.50 -4.82
CA TRP B 157 20.35 -13.63 -4.02
C TRP B 157 19.06 -14.17 -4.63
N GLN B 158 18.52 -15.20 -3.98
CA GLN B 158 17.22 -15.74 -4.34
C GLN B 158 16.46 -16.08 -3.07
N GLU B 159 15.14 -15.91 -3.12
CA GLU B 159 14.30 -16.28 -2.00
C GLU B 159 12.98 -16.84 -2.51
N GLY B 160 12.50 -17.87 -1.83
CA GLY B 160 11.27 -18.53 -2.20
C GLY B 160 10.35 -18.70 -1.02
N HIS B 161 9.05 -18.68 -1.30
CA HIS B 161 8.00 -18.83 -0.31
C HIS B 161 6.94 -19.79 -0.81
N THR B 162 6.50 -20.69 0.08
CA THR B 162 5.47 -21.67 -0.25
C THR B 162 4.41 -21.70 0.83
N ALA B 163 3.20 -22.09 0.42
CA ALA B 163 2.07 -22.30 1.31
C ALA B 163 1.41 -23.63 0.95
N HIS B 164 1.20 -24.47 1.97
CA HIS B 164 0.65 -25.81 1.78
C HIS B 164 -0.56 -25.97 2.68
N ALA B 165 -1.30 -27.07 2.46
CA ALA B 165 -2.48 -27.38 3.26
C ALA B 165 -2.14 -28.10 4.56
N THR B 166 -1.00 -28.77 4.63
CA THR B 166 -0.60 -29.51 5.81
C THR B 166 0.81 -29.12 6.21
N GLU B 167 1.17 -29.45 7.45
CA GLU B 167 2.52 -29.17 7.94
C GLU B 167 3.53 -30.21 7.47
N GLU B 168 3.07 -31.45 7.21
CA GLU B 168 3.96 -32.48 6.71
C GLU B 168 4.48 -32.13 5.32
N GLU B 169 3.60 -31.62 4.45
CA GLU B 169 4.03 -31.19 3.12
C GLU B 169 5.02 -30.04 3.21
N ALA B 170 4.76 -29.09 4.10
CA ALA B 170 5.69 -27.97 4.31
C ALA B 170 7.06 -28.46 4.77
N TRP B 171 7.08 -29.40 5.72
CA TRP B 171 8.35 -29.93 6.20
C TRP B 171 9.09 -30.70 5.10
N GLU B 172 8.34 -31.48 4.32
CA GLU B 172 8.95 -32.19 3.19
C GLU B 172 9.59 -31.21 2.21
N LEU B 173 8.89 -30.11 1.89
CA LEU B 173 9.46 -29.14 0.97
C LEU B 173 10.67 -28.43 1.57
N VAL B 174 10.64 -28.17 2.88
CA VAL B 174 11.78 -27.55 3.55
C VAL B 174 13.01 -28.44 3.42
N LEU B 175 12.84 -29.74 3.71
CA LEU B 175 13.97 -30.66 3.61
C LEU B 175 14.43 -30.82 2.16
N ASP B 176 13.50 -30.78 1.21
CA ASP B 176 13.88 -30.85 -0.20
C ASP B 176 14.74 -29.66 -0.60
N ILE B 177 14.34 -28.46 -0.17
CA ILE B 177 15.11 -27.25 -0.49
C ILE B 177 16.47 -27.30 0.20
N LEU B 178 16.52 -27.82 1.42
CA LEU B 178 17.81 -27.92 2.11
C LEU B 178 18.74 -28.91 1.41
N GLU B 179 18.19 -30.00 0.88
CA GLU B 179 18.99 -30.91 0.08
C GLU B 179 19.46 -30.24 -1.21
N LEU B 180 18.60 -29.43 -1.83
CA LEU B 180 19.02 -28.68 -3.00
C LEU B 180 20.17 -27.73 -2.67
N TYR B 181 20.14 -27.15 -1.47
CA TYR B 181 21.25 -26.29 -1.04
C TYR B 181 22.52 -27.09 -0.81
N ARG B 182 22.39 -28.27 -0.19
CA ARG B 182 23.54 -29.16 -0.05
C ARG B 182 24.15 -29.50 -1.40
N ARG B 183 23.31 -29.73 -2.41
CA ARG B 183 23.83 -30.01 -3.74
C ARG B 183 24.46 -28.76 -4.37
N TRP B 184 23.85 -27.60 -4.15
CA TRP B 184 24.41 -26.33 -4.59
C TRP B 184 25.85 -26.18 -4.10
N TYR B 185 26.07 -26.44 -2.80
CA TYR B 185 27.38 -26.18 -2.23
C TYR B 185 28.38 -27.30 -2.49
N GLU B 186 27.94 -28.56 -2.37
CA GLU B 186 28.85 -29.69 -2.44
C GLU B 186 29.06 -30.22 -3.86
N GLU B 187 28.00 -30.24 -4.68
CA GLU B 187 28.11 -30.81 -6.01
C GLU B 187 28.53 -29.80 -7.06
N CYS B 188 28.22 -28.51 -6.85
CA CYS B 188 28.59 -27.46 -7.80
C CYS B 188 29.88 -26.75 -7.39
N LEU B 189 29.97 -26.30 -6.15
CA LEU B 189 31.13 -25.56 -5.68
C LEU B 189 32.12 -26.42 -4.91
N ALA B 190 31.82 -27.70 -4.71
CA ALA B 190 32.70 -28.62 -3.99
C ALA B 190 33.01 -28.12 -2.58
N VAL B 191 31.99 -27.56 -1.92
CA VAL B 191 32.14 -27.08 -0.54
C VAL B 191 31.28 -27.93 0.38
N PRO B 192 31.86 -28.73 1.27
CA PRO B 192 31.05 -29.58 2.15
C PRO B 192 30.35 -28.75 3.22
N VAL B 193 29.05 -29.00 3.39
CA VAL B 193 28.25 -28.30 4.36
C VAL B 193 27.57 -29.31 5.27
N ILE B 194 27.27 -28.87 6.49
CA ILE B 194 26.63 -29.70 7.51
C ILE B 194 25.18 -29.26 7.61
N LYS B 195 24.26 -30.20 7.40
CA LYS B 195 22.84 -29.94 7.63
C LYS B 195 22.55 -29.92 9.12
N GLY B 196 21.71 -28.98 9.54
CA GLY B 196 21.38 -28.88 10.95
C GLY B 196 20.15 -28.04 11.16
N GLU B 197 19.77 -27.92 12.44
CA GLU B 197 18.62 -27.14 12.86
C GLU B 197 19.10 -26.02 13.77
N LYS B 198 18.69 -24.79 13.46
CA LYS B 198 19.12 -23.64 14.25
C LYS B 198 18.51 -23.69 15.65
N SER B 199 19.24 -23.12 16.60
CA SER B 199 18.74 -23.03 17.96
C SER B 199 17.60 -22.01 18.04
N GLU B 200 16.94 -21.98 19.19
CA GLU B 200 15.82 -21.07 19.38
C GLU B 200 16.23 -19.61 19.31
N GLY B 201 17.52 -19.32 19.45
CA GLY B 201 17.99 -17.95 19.42
C GLY B 201 18.50 -17.53 18.06
N GLU B 202 18.86 -18.50 17.22
CA GLU B 202 19.41 -18.24 15.91
C GLU B 202 18.46 -18.58 14.77
N LYS B 203 17.25 -19.05 15.07
CA LYS B 203 16.30 -19.39 14.04
C LYS B 203 15.58 -18.14 13.55
N PHE B 204 14.69 -18.31 12.58
CA PHE B 204 13.88 -17.20 12.09
C PHE B 204 12.96 -16.71 13.21
N ALA B 205 12.80 -15.39 13.29
CA ALA B 205 12.09 -14.79 14.42
C ALA B 205 10.65 -15.30 14.51
N GLY B 206 9.89 -15.16 13.43
CA GLY B 206 8.50 -15.58 13.43
C GLY B 206 8.26 -17.03 13.06
N GLY B 207 9.29 -17.76 12.66
CA GLY B 207 9.12 -19.12 12.22
C GLY B 207 8.99 -20.11 13.37
N LYS B 208 8.60 -21.34 13.01
CA LYS B 208 8.48 -22.43 13.97
C LYS B 208 9.79 -23.19 14.13
N LYS B 209 10.48 -23.46 13.01
CA LYS B 209 11.78 -24.12 13.04
C LYS B 209 12.57 -23.65 11.82
N THR B 210 13.89 -23.63 11.95
CA THR B 210 14.77 -23.16 10.89
C THR B 210 15.89 -24.18 10.66
N THR B 211 15.90 -24.79 9.48
CA THR B 211 16.99 -25.64 9.06
C THR B 211 18.08 -24.81 8.38
N THR B 212 19.27 -25.39 8.28
CA THR B 212 20.39 -24.65 7.72
C THR B 212 21.48 -25.62 7.28
N VAL B 213 22.40 -25.09 6.48
CA VAL B 213 23.65 -25.76 6.15
C VAL B 213 24.79 -24.83 6.58
N GLU B 214 25.84 -25.43 7.14
CA GLU B 214 26.95 -24.66 7.69
C GLU B 214 28.25 -25.09 7.03
N ALA B 215 29.11 -24.11 6.72
CA ALA B 215 30.44 -24.34 6.21
C ALA B 215 31.46 -23.82 7.21
N PHE B 216 32.73 -24.18 6.99
CA PHE B 216 33.79 -23.90 7.94
C PHE B 216 34.98 -23.30 7.21
N ILE B 217 35.50 -22.18 7.73
CA ILE B 217 36.69 -21.52 7.21
C ILE B 217 37.83 -21.80 8.18
N PRO B 218 38.83 -22.60 7.80
CA PRO B 218 39.88 -22.98 8.77
C PRO B 218 40.89 -21.88 9.03
N GLU B 219 41.13 -21.01 8.04
CA GLU B 219 42.16 -19.98 8.18
C GLU B 219 41.88 -19.07 9.37
N ASN B 220 40.61 -18.76 9.62
CA ASN B 220 40.21 -18.05 10.82
C ASN B 220 39.42 -18.94 11.79
N GLY B 221 39.20 -20.21 11.43
CA GLY B 221 38.51 -21.14 12.29
C GLY B 221 37.10 -20.69 12.65
N ARG B 222 36.32 -20.29 11.65
CA ARG B 222 35.00 -19.72 11.89
C ARG B 222 33.95 -20.45 11.07
N GLY B 223 32.78 -20.65 11.66
CA GLY B 223 31.66 -21.17 10.92
C GLY B 223 30.94 -20.09 10.14
N ILE B 224 30.21 -20.52 9.11
CA ILE B 224 29.47 -19.59 8.25
C ILE B 224 28.20 -20.28 7.80
N GLN B 225 27.12 -19.50 7.71
CA GLN B 225 25.82 -20.03 7.29
C GLN B 225 25.77 -20.04 5.78
N ALA B 226 25.83 -21.24 5.18
CA ALA B 226 25.87 -21.35 3.74
C ALA B 226 24.51 -21.02 3.11
N ALA B 227 23.45 -21.60 3.65
CA ALA B 227 22.09 -21.34 3.17
C ALA B 227 21.12 -21.70 4.27
N THR B 228 19.89 -21.19 4.14
CA THR B 228 18.89 -21.35 5.18
C THR B 228 17.56 -21.74 4.55
N SER B 229 16.73 -22.42 5.34
CA SER B 229 15.40 -22.85 4.91
C SER B 229 14.52 -22.94 6.15
N HIS B 230 13.41 -22.20 6.15
CA HIS B 230 12.59 -22.04 7.34
C HIS B 230 11.25 -22.76 7.18
N LEU B 231 10.74 -23.27 8.30
CA LEU B 231 9.38 -23.77 8.40
C LEU B 231 8.58 -22.75 9.20
N LEU B 232 7.81 -21.93 8.50
CA LEU B 232 7.07 -20.86 9.16
C LEU B 232 5.79 -21.38 9.82
N GLY B 233 5.18 -22.42 9.26
CA GLY B 233 3.98 -22.95 9.88
C GLY B 233 2.79 -22.04 9.65
N THR B 234 1.98 -21.86 10.69
CA THR B 234 0.79 -21.03 10.60
C THR B 234 0.97 -19.68 11.28
N ASN B 235 2.20 -19.31 11.63
CA ASN B 235 2.43 -18.07 12.36
C ASN B 235 2.10 -16.85 11.51
N PHE B 236 2.60 -16.82 10.27
CA PHE B 236 2.31 -15.70 9.39
C PHE B 236 0.89 -15.78 8.83
N ALA B 237 0.38 -16.99 8.62
CA ALA B 237 -1.00 -17.14 8.18
C ALA B 237 -1.98 -16.59 9.21
N LYS B 238 -1.59 -16.60 10.48
CA LYS B 238 -2.42 -15.98 11.52
C LYS B 238 -2.47 -14.47 11.32
N MET B 239 -1.32 -13.85 11.07
CA MET B 239 -1.26 -12.39 10.99
C MET B 239 -1.88 -11.87 9.70
N PHE B 240 -1.81 -12.64 8.62
CA PHE B 240 -2.37 -12.20 7.34
C PHE B 240 -3.68 -12.90 6.98
N GLU B 241 -4.21 -13.76 7.86
CA GLU B 241 -5.44 -14.49 7.62
C GLU B 241 -5.40 -15.23 6.29
N ILE B 242 -4.33 -16.00 6.10
CA ILE B 242 -4.16 -16.81 4.88
C ILE B 242 -4.88 -18.13 5.15
N GLU B 243 -6.21 -18.09 4.96
CA GLU B 243 -7.07 -19.23 5.26
C GLU B 243 -7.55 -19.88 3.96
N PHE B 244 -7.86 -21.17 4.05
CA PHE B 244 -8.36 -21.91 2.90
C PHE B 244 -9.42 -22.90 3.35
N GLU B 245 -10.35 -23.20 2.44
CA GLU B 245 -11.39 -24.17 2.67
C GLU B 245 -10.95 -25.54 2.17
N ASP B 246 -11.03 -26.55 3.03
CA ASP B 246 -10.52 -27.88 2.72
C ASP B 246 -11.60 -28.69 2.00
N GLU B 247 -11.44 -30.02 1.97
CA GLU B 247 -12.41 -30.88 1.30
C GLU B 247 -13.71 -30.95 2.06
N GLU B 248 -13.64 -31.01 3.40
CA GLU B 248 -14.83 -31.05 4.23
C GLU B 248 -15.46 -29.69 4.45
N GLY B 249 -14.94 -28.64 3.82
CA GLY B 249 -15.52 -27.31 3.95
C GLY B 249 -15.11 -26.55 5.19
N HIS B 250 -14.03 -26.94 5.85
CA HIS B 250 -13.59 -26.29 7.07
C HIS B 250 -12.49 -25.27 6.76
N LYS B 251 -12.60 -24.09 7.35
CA LYS B 251 -11.60 -23.05 7.18
C LYS B 251 -10.37 -23.38 8.02
N ARG B 252 -9.22 -23.57 7.36
CA ARG B 252 -7.99 -23.91 8.04
C ARG B 252 -6.88 -22.98 7.58
N LEU B 253 -5.87 -22.80 8.44
CA LEU B 253 -4.73 -21.97 8.11
C LEU B 253 -3.74 -22.73 7.24
N VAL B 254 -3.09 -21.99 6.34
CA VAL B 254 -2.04 -22.59 5.51
C VAL B 254 -0.77 -22.75 6.33
N HIS B 255 0.10 -23.63 5.86
CA HIS B 255 1.41 -23.86 6.48
C HIS B 255 2.47 -23.37 5.49
N GLN B 256 3.18 -22.32 5.87
CA GLN B 256 4.11 -21.64 4.98
C GLN B 256 5.56 -22.03 5.29
N THR B 257 6.38 -21.98 4.25
CA THR B 257 7.82 -22.13 4.33
C THR B 257 8.47 -20.99 3.55
N SER B 258 9.71 -20.65 3.95
CA SER B 258 10.48 -19.66 3.22
C SER B 258 11.95 -20.07 3.27
N TRP B 259 12.66 -19.83 2.16
CA TRP B 259 14.06 -20.19 2.04
C TRP B 259 14.77 -19.15 1.19
N GLY B 260 16.10 -19.17 1.23
CA GLY B 260 16.87 -18.21 0.48
C GLY B 260 18.34 -18.57 0.47
N CYS B 261 19.04 -18.02 -0.53
CA CYS B 261 20.48 -18.22 -0.66
C CYS B 261 21.07 -17.07 -1.46
N THR B 262 22.22 -16.58 -1.01
CA THR B 262 22.84 -15.38 -1.55
C THR B 262 24.12 -15.72 -2.31
N THR B 263 24.79 -14.66 -2.80
CA THR B 263 26.08 -14.80 -3.46
C THR B 263 27.20 -15.16 -2.49
N ARG B 264 26.90 -15.28 -1.19
CA ARG B 264 27.90 -15.73 -0.23
C ARG B 264 28.50 -17.08 -0.65
N SER B 265 27.71 -17.91 -1.33
CA SER B 265 28.20 -19.19 -1.84
C SER B 265 29.48 -19.00 -2.66
N LEU B 266 29.58 -17.90 -3.40
CA LEU B 266 30.81 -17.63 -4.13
C LEU B 266 31.97 -17.41 -3.17
N GLY B 267 31.80 -16.50 -2.20
CA GLY B 267 32.89 -16.19 -1.28
C GLY B 267 33.41 -17.40 -0.55
N VAL B 268 32.49 -18.23 -0.02
CA VAL B 268 32.88 -19.48 0.63
C VAL B 268 33.66 -20.35 -0.35
N MET B 269 33.15 -20.48 -1.58
CA MET B 269 33.85 -21.28 -2.58
C MET B 269 35.23 -20.71 -2.87
N ILE B 270 35.42 -19.41 -2.65
CA ILE B 270 36.73 -18.80 -2.85
C ILE B 270 37.67 -19.19 -1.72
N MET B 271 37.16 -19.26 -0.49
CA MET B 271 38.01 -19.42 0.67
C MET B 271 38.40 -20.88 0.95
N THR B 272 37.60 -21.84 0.48
CA THR B 272 37.86 -23.25 0.78
C THR B 272 38.81 -23.91 -0.22
N HIS B 273 39.09 -23.28 -1.35
CA HIS B 273 39.90 -23.89 -2.39
C HIS B 273 41.12 -23.09 -2.80
N GLY B 274 41.15 -21.77 -2.56
CA GLY B 274 42.27 -20.97 -2.98
C GLY B 274 43.55 -21.30 -2.24
N ASP B 275 44.67 -20.96 -2.87
CA ASP B 275 45.99 -21.14 -2.27
C ASP B 275 46.81 -19.87 -2.37
N ASP B 276 48.11 -19.96 -2.09
CA ASP B 276 48.97 -18.79 -2.13
C ASP B 276 49.11 -18.24 -3.56
N LYS B 277 48.97 -19.09 -4.57
CA LYS B 277 49.05 -18.63 -5.95
C LYS B 277 47.86 -17.75 -6.31
N GLY B 278 46.68 -18.05 -5.77
CA GLY B 278 45.50 -17.27 -6.07
C GLY B 278 44.21 -18.05 -5.91
N LEU B 279 43.34 -17.97 -6.91
CA LEU B 279 42.06 -18.67 -6.88
C LEU B 279 42.21 -20.10 -7.43
N VAL B 280 41.33 -20.97 -6.95
CA VAL B 280 41.18 -22.32 -7.49
C VAL B 280 39.69 -22.56 -7.63
N ILE B 281 39.20 -22.61 -8.87
CA ILE B 281 37.77 -22.70 -9.15
C ILE B 281 37.44 -24.14 -9.53
N PRO B 282 36.43 -24.76 -8.93
CA PRO B 282 36.04 -26.12 -9.32
C PRO B 282 35.62 -26.16 -10.78
N PRO B 283 35.97 -27.23 -11.50
CA PRO B 283 35.71 -27.25 -12.96
C PRO B 283 34.24 -27.20 -13.33
N ARG B 284 33.32 -27.55 -12.42
CA ARG B 284 31.91 -27.59 -12.78
C ARG B 284 31.32 -26.20 -12.97
N VAL B 285 31.95 -25.16 -12.45
CA VAL B 285 31.44 -23.80 -12.54
C VAL B 285 32.44 -22.84 -13.17
N ALA B 286 33.53 -23.36 -13.73
CA ALA B 286 34.58 -22.50 -14.27
C ALA B 286 34.09 -21.75 -15.50
N SER B 287 34.44 -20.46 -15.57
CA SER B 287 34.13 -19.67 -16.76
C SER B 287 34.80 -20.28 -17.98
N VAL B 288 36.11 -20.51 -17.89
CA VAL B 288 36.84 -21.32 -18.87
C VAL B 288 37.53 -22.45 -18.12
N GLN B 289 37.32 -23.68 -18.58
CA GLN B 289 37.80 -24.85 -17.87
C GLN B 289 39.25 -25.18 -18.22
N VAL B 290 39.63 -25.03 -19.49
CA VAL B 290 40.99 -25.30 -19.93
C VAL B 290 41.43 -24.17 -20.85
N VAL B 291 42.64 -23.64 -20.60
CA VAL B 291 43.22 -22.58 -21.40
C VAL B 291 44.39 -23.15 -22.19
N ILE B 292 44.43 -22.85 -23.48
CA ILE B 292 45.47 -23.35 -24.37
C ILE B 292 46.47 -22.21 -24.62
N ILE B 293 47.72 -22.45 -24.28
CA ILE B 293 48.78 -21.46 -24.39
C ILE B 293 49.77 -21.93 -25.45
N PRO B 294 49.97 -21.19 -26.54
CA PRO B 294 51.00 -21.56 -27.50
C PRO B 294 52.39 -21.19 -27.01
N ILE B 295 53.39 -21.85 -27.58
CA ILE B 295 54.79 -21.63 -27.25
C ILE B 295 55.48 -21.07 -28.48
N LEU B 296 55.96 -19.83 -28.37
CA LEU B 296 56.62 -19.16 -29.49
C LEU B 296 58.00 -18.65 -29.09
N GLY B 303 54.28 -21.35 -36.35
CA GLY B 303 53.26 -20.86 -37.25
C GLY B 303 52.02 -21.75 -37.30
N GLU B 304 52.24 -23.02 -37.62
CA GLU B 304 51.14 -23.98 -37.68
C GLU B 304 50.62 -24.33 -36.29
N ILE B 305 51.40 -24.03 -35.24
CA ILE B 305 50.97 -24.35 -33.88
C ILE B 305 49.69 -23.61 -33.52
N LEU B 306 49.49 -22.40 -34.07
CA LEU B 306 48.25 -21.67 -33.80
C LEU B 306 47.05 -22.37 -34.44
N GLY B 307 47.21 -22.83 -35.68
CA GLY B 307 46.13 -23.59 -36.31
C GLY B 307 45.81 -24.87 -35.58
N LYS B 308 46.85 -25.57 -35.10
CA LYS B 308 46.60 -26.78 -34.32
C LYS B 308 45.94 -26.47 -32.98
N CYS B 309 46.29 -25.33 -32.37
CA CYS B 309 45.62 -24.92 -31.14
C CYS B 309 44.14 -24.65 -31.39
N ARG B 310 43.83 -23.96 -32.49
CA ARG B 310 42.42 -23.70 -32.80
C ARG B 310 41.68 -25.01 -33.12
N GLU B 311 42.36 -25.95 -33.78
CA GLU B 311 41.75 -27.25 -34.03
C GLU B 311 41.45 -27.97 -32.73
N LEU B 312 42.39 -27.97 -31.78
CA LEU B 312 42.15 -28.61 -30.49
C LEU B 312 41.03 -27.91 -29.73
N LYS B 313 40.96 -26.58 -29.84
CA LYS B 313 39.88 -25.85 -29.18
C LYS B 313 38.52 -26.22 -29.76
N THR B 314 38.44 -26.34 -31.09
CA THR B 314 37.19 -26.77 -31.70
C THR B 314 36.83 -28.19 -31.29
N MET B 315 37.84 -29.06 -31.19
CA MET B 315 37.60 -30.43 -30.74
C MET B 315 37.07 -30.46 -29.32
N LEU B 316 37.62 -29.62 -28.44
CA LEU B 316 37.25 -29.65 -27.03
C LEU B 316 35.91 -28.98 -26.77
N GLU B 317 35.60 -27.90 -27.50
CA GLU B 317 34.33 -27.20 -27.30
C GLU B 317 33.14 -28.09 -27.61
N LYS B 318 33.33 -29.08 -28.47
CA LYS B 318 32.25 -30.00 -28.78
C LYS B 318 31.84 -30.83 -27.56
N ALA B 319 32.83 -31.26 -26.78
CA ALA B 319 32.58 -32.10 -25.61
C ALA B 319 32.23 -31.31 -24.36
N ASP B 320 31.42 -30.25 -24.50
CA ASP B 320 30.91 -29.46 -23.37
C ASP B 320 32.00 -28.65 -22.68
N ILE B 321 33.25 -28.86 -23.07
CA ILE B 321 34.37 -28.21 -22.40
C ILE B 321 34.45 -26.75 -22.84
N ARG B 322 34.61 -25.85 -21.87
CA ARG B 322 34.76 -24.42 -22.14
C ARG B 322 36.24 -24.11 -22.29
N VAL B 323 36.63 -23.60 -23.46
CA VAL B 323 38.03 -23.40 -23.81
C VAL B 323 38.27 -21.96 -24.19
N ARG B 324 39.42 -21.43 -23.78
CA ARG B 324 39.89 -20.11 -24.19
C ARG B 324 41.34 -20.23 -24.61
N ILE B 325 41.66 -19.74 -25.80
CA ILE B 325 43.02 -19.77 -26.32
C ILE B 325 43.64 -18.40 -26.07
N ASP B 326 44.63 -18.35 -25.18
CA ASP B 326 45.34 -17.11 -24.87
C ASP B 326 46.54 -17.01 -25.80
N ASP B 327 46.33 -16.37 -26.95
CA ASP B 327 47.39 -16.19 -27.93
C ASP B 327 47.90 -14.76 -27.93
N ARG B 328 48.29 -14.26 -26.75
CA ARG B 328 48.82 -12.91 -26.65
C ARG B 328 50.21 -12.83 -27.29
N SER B 329 50.51 -11.66 -27.85
CA SER B 329 51.75 -11.49 -28.63
C SER B 329 52.97 -11.34 -27.73
N ASN B 330 53.02 -10.23 -26.98
CA ASN B 330 54.23 -9.88 -26.23
C ASN B 330 54.35 -10.61 -24.90
N TYR B 331 53.24 -11.13 -24.35
CA TYR B 331 53.27 -11.70 -23.02
C TYR B 331 54.01 -13.03 -23.01
N THR B 332 54.93 -13.17 -22.06
CA THR B 332 55.72 -14.39 -21.95
C THR B 332 54.83 -15.55 -21.51
N PRO B 333 55.21 -16.79 -21.84
CA PRO B 333 54.41 -17.94 -21.39
C PRO B 333 54.28 -18.03 -19.88
N GLY B 334 55.33 -17.68 -19.13
CA GLY B 334 55.22 -17.67 -17.69
C GLY B 334 54.25 -16.64 -17.17
N TRP B 335 54.19 -15.48 -17.85
CA TRP B 335 53.20 -14.47 -17.47
C TRP B 335 51.79 -14.99 -17.64
N LYS B 336 51.51 -15.67 -18.75
CA LYS B 336 50.19 -16.27 -18.95
C LYS B 336 49.92 -17.37 -17.94
N TYR B 337 50.96 -18.15 -17.61
CA TYR B 337 50.84 -19.15 -16.56
C TYR B 337 50.35 -18.53 -15.27
N ASN B 338 51.03 -17.47 -14.81
CA ASN B 338 50.65 -16.81 -13.56
C ASN B 338 49.27 -16.18 -13.68
N HIS B 339 48.96 -15.58 -14.83
CA HIS B 339 47.65 -14.94 -15.03
C HIS B 339 46.53 -15.96 -14.86
N TRP B 340 46.57 -17.05 -15.62
CA TRP B 340 45.51 -18.04 -15.54
C TRP B 340 45.54 -18.82 -14.23
N GLU B 341 46.68 -18.91 -13.56
CA GLU B 341 46.73 -19.54 -12.24
C GLU B 341 46.05 -18.67 -11.19
N VAL B 342 46.26 -17.36 -11.27
CA VAL B 342 45.57 -16.44 -10.36
C VAL B 342 44.07 -16.46 -10.64
N LYS B 343 43.68 -16.46 -11.92
CA LYS B 343 42.27 -16.55 -12.26
C LYS B 343 41.65 -17.85 -11.77
N GLY B 344 42.42 -18.93 -11.73
CA GLY B 344 41.98 -20.17 -11.17
C GLY B 344 41.41 -21.17 -12.15
N VAL B 345 41.90 -21.20 -13.39
CA VAL B 345 41.43 -22.21 -14.34
C VAL B 345 41.91 -23.58 -13.87
N PRO B 346 41.05 -24.60 -13.87
CA PRO B 346 41.47 -25.90 -13.31
C PRO B 346 42.53 -26.61 -14.14
N LEU B 347 42.56 -26.39 -15.45
CA LEU B 347 43.52 -27.06 -16.32
C LEU B 347 44.09 -26.06 -17.31
N ARG B 348 45.38 -26.22 -17.63
CA ARG B 348 46.01 -25.41 -18.66
C ARG B 348 46.82 -26.33 -19.58
N LEU B 349 46.79 -26.03 -20.88
CA LEU B 349 47.35 -26.89 -21.91
C LEU B 349 48.48 -26.16 -22.61
N GLU B 350 49.65 -26.80 -22.67
CA GLU B 350 50.83 -26.26 -23.33
C GLU B 350 51.10 -27.07 -24.60
N LEU B 351 51.38 -26.37 -25.69
CA LEU B 351 51.68 -26.98 -26.98
C LEU B 351 52.87 -26.24 -27.58
N GLY B 352 54.02 -26.89 -27.60
CA GLY B 352 55.22 -26.30 -28.14
C GLY B 352 55.75 -27.05 -29.34
N PRO B 353 56.96 -26.71 -29.80
CA PRO B 353 57.54 -27.44 -30.93
C PRO B 353 57.78 -28.91 -30.63
N LYS B 354 58.38 -29.21 -29.47
CA LYS B 354 58.57 -30.61 -29.09
C LYS B 354 57.23 -31.30 -28.88
N ASP B 355 56.26 -30.59 -28.31
CA ASP B 355 54.93 -31.15 -28.13
C ASP B 355 54.25 -31.42 -29.48
N LEU B 356 54.47 -30.52 -30.45
CA LEU B 356 53.92 -30.74 -31.78
C LEU B 356 54.62 -31.90 -32.49
N ALA B 357 55.89 -32.12 -32.18
CA ALA B 357 56.64 -33.18 -32.85
C ALA B 357 56.30 -34.56 -32.29
N LYS B 358 56.39 -34.71 -30.96
CA LYS B 358 56.16 -36.03 -30.36
C LYS B 358 54.71 -36.45 -30.39
N GLY B 359 53.78 -35.53 -30.66
CA GLY B 359 52.38 -35.87 -30.79
C GLY B 359 51.56 -35.74 -29.52
N THR B 360 52.08 -35.08 -28.49
CA THR B 360 51.38 -34.95 -27.22
C THR B 360 51.33 -33.48 -26.81
N ALA B 361 50.38 -33.18 -25.94
CA ALA B 361 50.25 -31.87 -25.31
C ALA B 361 50.49 -32.02 -23.81
N ARG B 362 50.96 -30.93 -23.18
CA ARG B 362 51.32 -30.96 -21.77
C ARG B 362 50.23 -30.25 -20.97
N VAL B 363 49.37 -31.02 -20.34
CA VAL B 363 48.29 -30.49 -19.52
C VAL B 363 48.76 -30.45 -18.07
N VAL B 364 48.40 -29.39 -17.35
CA VAL B 364 48.73 -29.28 -15.94
C VAL B 364 47.51 -28.76 -15.19
N ARG B 365 47.23 -29.38 -14.05
CA ARG B 365 46.11 -29.02 -13.20
C ARG B 365 46.48 -27.90 -12.23
N ARG B 366 45.48 -27.37 -11.54
CA ARG B 366 45.65 -26.20 -10.69
C ARG B 366 45.66 -26.54 -9.19
N ASP B 367 44.82 -27.47 -8.75
CA ASP B 367 44.78 -27.83 -7.34
C ASP B 367 46.15 -28.35 -6.88
N THR B 368 46.73 -29.28 -7.64
CA THR B 368 48.10 -29.74 -7.42
C THR B 368 48.94 -29.40 -8.64
N GLY B 369 50.23 -29.65 -8.53
CA GLY B 369 51.15 -29.33 -9.61
C GLY B 369 51.40 -30.48 -10.56
N GLU B 370 50.50 -31.47 -10.56
CA GLU B 370 50.69 -32.66 -11.38
C GLU B 370 50.57 -32.30 -12.86
N ALA B 371 51.48 -32.84 -13.66
CA ALA B 371 51.50 -32.63 -15.11
C ALA B 371 51.26 -33.95 -15.83
N TYR B 372 50.77 -33.84 -17.05
CA TYR B 372 50.43 -35.00 -17.87
C TYR B 372 50.77 -34.73 -19.32
N GLN B 373 51.56 -35.61 -19.92
CA GLN B 373 51.86 -35.58 -21.34
C GLN B 373 50.88 -36.53 -22.03
N ILE B 374 49.87 -35.99 -22.69
CA ILE B 374 48.76 -36.78 -23.20
C ILE B 374 48.59 -36.55 -24.69
N SER B 375 48.21 -37.61 -25.41
CA SER B 375 48.05 -37.55 -26.85
C SER B 375 46.88 -36.64 -27.24
N TRP B 376 46.91 -36.18 -28.49
CA TRP B 376 45.86 -35.28 -28.97
C TRP B 376 44.54 -36.02 -29.18
N ALA B 377 44.59 -37.32 -29.50
CA ALA B 377 43.37 -38.07 -29.73
C ALA B 377 42.63 -38.36 -28.43
N ASP B 378 43.36 -38.81 -27.41
CA ASP B 378 42.80 -39.09 -26.09
C ASP B 378 42.63 -37.83 -25.25
N LEU B 379 42.53 -36.65 -25.89
CA LEU B 379 42.56 -35.40 -25.14
C LEU B 379 41.26 -35.17 -24.40
N ALA B 380 40.13 -35.14 -25.12
CA ALA B 380 38.86 -34.75 -24.51
C ALA B 380 38.40 -35.70 -23.41
N PRO B 381 38.35 -37.03 -23.61
CA PRO B 381 37.83 -37.89 -22.53
C PRO B 381 38.71 -37.89 -21.29
N LYS B 382 40.02 -37.98 -21.46
CA LYS B 382 40.90 -37.95 -20.29
C LYS B 382 40.91 -36.58 -19.64
N LEU B 383 40.68 -35.51 -20.42
CA LEU B 383 40.60 -34.18 -19.82
C LEU B 383 39.35 -34.03 -18.96
N LEU B 384 38.20 -34.50 -19.44
CA LEU B 384 37.00 -34.43 -18.61
C LEU B 384 37.10 -35.37 -17.41
N GLU B 385 37.78 -36.50 -17.57
CA GLU B 385 38.07 -37.37 -16.43
C GLU B 385 38.92 -36.63 -15.39
N LEU B 386 39.95 -35.91 -15.85
CA LEU B 386 40.76 -35.12 -14.95
C LEU B 386 39.93 -34.03 -14.27
N MET B 387 38.99 -33.44 -14.99
CA MET B 387 38.13 -32.41 -14.41
C MET B 387 37.28 -32.98 -13.28
N GLU B 388 36.64 -34.13 -13.53
CA GLU B 388 35.85 -34.76 -12.48
C GLU B 388 36.72 -35.17 -11.30
N GLY B 389 37.93 -35.68 -11.58
CA GLY B 389 38.84 -36.03 -10.51
C GLY B 389 39.26 -34.82 -9.69
N ILE B 390 39.47 -33.68 -10.35
CA ILE B 390 39.83 -32.45 -9.66
C ILE B 390 38.69 -31.98 -8.76
N GLN B 391 37.46 -32.04 -9.28
CA GLN B 391 36.29 -31.66 -8.48
C GLN B 391 36.18 -32.55 -7.25
N ARG B 392 36.29 -33.87 -7.44
CA ARG B 392 36.19 -34.79 -6.31
C ARG B 392 37.34 -34.59 -5.33
N SER B 393 38.55 -34.31 -5.83
CA SER B 393 39.68 -34.09 -4.95
C SER B 393 39.49 -32.83 -4.11
N LEU B 394 39.02 -31.74 -4.73
CA LEU B 394 38.74 -30.52 -3.99
C LEU B 394 37.70 -30.78 -2.90
N PHE B 395 36.61 -31.45 -3.26
CA PHE B 395 35.57 -31.72 -2.26
C PHE B 395 36.10 -32.58 -1.13
N GLU B 396 36.87 -33.61 -1.44
CA GLU B 396 37.35 -34.52 -0.41
C GLU B 396 38.37 -33.85 0.50
N LYS B 397 39.26 -33.02 -0.06
CA LYS B 397 40.22 -32.30 0.76
C LYS B 397 39.52 -31.30 1.67
N ALA B 398 38.51 -30.59 1.13
CA ALA B 398 37.75 -29.66 1.96
C ALA B 398 36.99 -30.39 3.06
N LYS B 399 36.44 -31.57 2.76
CA LYS B 399 35.75 -32.35 3.78
C LYS B 399 36.71 -32.86 4.84
N ALA B 400 37.93 -33.24 4.43
CA ALA B 400 38.93 -33.64 5.40
C ALA B 400 39.31 -32.49 6.33
N ARG B 401 39.51 -31.30 5.77
CA ARG B 401 39.80 -30.14 6.60
C ARG B 401 38.63 -29.83 7.54
N LEU B 402 37.40 -29.99 7.04
CA LEU B 402 36.22 -29.77 7.88
C LEU B 402 36.20 -30.73 9.06
N HIS B 403 36.44 -32.02 8.79
CA HIS B 403 36.47 -33.01 9.87
C HIS B 403 37.59 -32.71 10.86
N GLU B 404 38.75 -32.28 10.36
CA GLU B 404 39.86 -31.96 11.23
C GLU B 404 39.63 -30.66 12.02
N GLY B 405 38.69 -29.84 11.58
CA GLY B 405 38.39 -28.59 12.26
C GLY B 405 37.34 -28.66 13.35
N ILE B 406 36.86 -29.85 13.71
CA ILE B 406 35.81 -30.01 14.71
C ILE B 406 36.36 -30.86 15.85
N GLU B 407 36.05 -30.45 17.08
CA GLU B 407 36.47 -31.15 18.29
C GLU B 407 35.24 -31.55 19.09
N LYS B 408 35.09 -32.85 19.34
CA LYS B 408 33.98 -33.38 20.13
C LYS B 408 34.38 -33.35 21.60
N ILE B 409 33.78 -32.42 22.37
CA ILE B 409 34.16 -32.21 23.76
C ILE B 409 33.07 -32.73 24.69
N SER B 410 33.19 -32.42 25.98
CA SER B 410 32.22 -32.86 26.97
C SER B 410 32.04 -31.87 28.11
N THR B 411 33.09 -31.12 28.44
CA THR B 411 33.06 -30.15 29.52
C THR B 411 33.49 -28.79 28.96
N PHE B 412 33.14 -27.74 29.70
CA PHE B 412 33.33 -26.38 29.19
C PHE B 412 34.80 -25.98 29.13
N ASP B 413 35.63 -26.50 30.03
CA ASP B 413 37.04 -26.11 30.06
C ASP B 413 37.78 -26.43 28.78
N GLU B 414 37.17 -27.17 27.85
CA GLU B 414 37.79 -27.49 26.57
C GLU B 414 37.44 -26.51 25.47
N VAL B 415 36.55 -25.55 25.71
CA VAL B 415 36.10 -24.67 24.63
C VAL B 415 37.16 -23.64 24.27
N MET B 416 37.84 -23.08 25.27
CA MET B 416 38.79 -22.01 25.02
C MET B 416 40.04 -22.52 24.29
N PRO B 417 40.61 -23.68 24.67
CA PRO B 417 41.69 -24.23 23.83
C PRO B 417 41.23 -24.58 22.43
N ALA B 418 40.09 -25.26 22.30
CA ALA B 418 39.58 -25.64 20.99
C ALA B 418 39.34 -24.42 20.10
N LEU B 419 38.79 -23.35 20.68
CA LEU B 419 38.62 -22.12 19.91
C LEU B 419 39.96 -21.47 19.58
N ASN B 420 40.96 -21.62 20.47
CA ASN B 420 42.27 -21.05 20.20
C ASN B 420 43.05 -21.85 19.15
N ARG B 421 42.62 -23.08 18.86
CA ARG B 421 43.20 -23.87 17.78
C ARG B 421 42.49 -23.64 16.45
N LYS B 422 41.65 -22.60 16.36
CA LYS B 422 40.86 -22.31 15.16
C LYS B 422 39.97 -23.48 14.78
N HIS B 423 39.24 -24.00 15.76
CA HIS B 423 38.39 -25.16 15.58
C HIS B 423 37.00 -24.90 16.12
N LEU B 424 36.04 -25.66 15.60
CA LEU B 424 34.68 -25.67 16.13
C LEU B 424 34.56 -26.74 17.21
N VAL B 425 33.44 -26.73 17.94
CA VAL B 425 33.21 -27.71 18.99
C VAL B 425 31.85 -28.35 18.78
N LEU B 426 31.74 -29.60 19.22
CA LEU B 426 30.48 -30.35 19.18
C LEU B 426 30.22 -30.85 20.59
N ALA B 427 29.24 -30.26 21.27
CA ALA B 427 29.05 -30.52 22.68
C ALA B 427 27.62 -30.90 23.00
N PRO B 428 27.39 -31.69 24.05
CA PRO B 428 26.02 -31.96 24.48
C PRO B 428 25.39 -30.70 25.08
N TRP B 429 24.14 -30.45 24.68
CA TRP B 429 23.45 -29.23 25.07
C TRP B 429 22.00 -29.56 25.41
N CYS B 430 21.48 -28.85 26.42
CA CYS B 430 20.09 -28.95 26.81
C CYS B 430 19.18 -27.98 26.05
N GLU B 431 19.77 -27.12 25.20
CA GLU B 431 19.02 -26.22 24.34
C GLU B 431 18.18 -25.22 25.13
N ASP B 432 18.76 -24.70 26.21
CA ASP B 432 18.13 -23.64 26.98
C ASP B 432 18.55 -22.30 26.40
N PRO B 433 17.61 -21.47 25.94
CA PRO B 433 18.01 -20.21 25.27
C PRO B 433 18.87 -19.29 26.12
N GLU B 434 18.65 -19.26 27.44
CA GLU B 434 19.50 -18.43 28.30
C GLU B 434 20.93 -18.91 28.29
N SER B 435 21.14 -20.23 28.22
CA SER B 435 22.49 -20.79 28.28
C SER B 435 23.32 -20.35 27.08
N GLU B 436 22.69 -20.24 25.91
CA GLU B 436 23.43 -19.80 24.72
C GLU B 436 23.95 -18.38 24.89
N GLU B 437 23.10 -17.48 25.39
CA GLU B 437 23.54 -16.10 25.62
C GLU B 437 24.61 -16.04 26.69
N GLN B 438 24.47 -16.84 27.75
CA GLN B 438 25.50 -16.88 28.79
C GLN B 438 26.84 -17.35 28.23
N ILE B 439 26.81 -18.39 27.39
CA ILE B 439 28.04 -18.91 26.80
C ILE B 439 28.68 -17.89 25.87
N LYS B 440 27.86 -17.20 25.07
CA LYS B 440 28.39 -16.16 24.19
C LYS B 440 29.04 -15.05 25.00
N LYS B 441 28.36 -14.57 26.05
CA LYS B 441 28.91 -13.51 26.88
C LYS B 441 30.22 -13.93 27.53
N GLU B 442 30.27 -15.16 28.06
CA GLU B 442 31.48 -15.60 28.75
C GLU B 442 32.64 -15.81 27.78
N THR B 443 32.37 -16.41 26.61
CA THR B 443 33.43 -16.62 25.63
C THR B 443 33.93 -15.31 25.05
N GLN B 444 33.07 -14.28 24.97
CA GLN B 444 33.55 -12.97 24.59
C GLN B 444 34.35 -12.33 25.72
N LYS B 445 33.94 -12.55 26.97
CA LYS B 445 34.71 -12.05 28.11
C LYS B 445 36.03 -12.79 28.25
N LEU B 446 36.04 -14.09 27.94
CA LEU B 446 37.26 -14.89 28.04
C LEU B 446 38.19 -14.65 26.86
N SER B 447 38.09 -13.47 26.25
CA SER B 447 38.99 -13.04 25.18
C SER B 447 40.09 -12.14 25.72
N GLU B 448 40.62 -12.45 26.90
CA GLU B 448 41.74 -11.70 27.45
C GLU B 448 42.95 -11.78 26.53
N ILE B 449 43.28 -13.00 26.08
CA ILE B 449 44.37 -13.23 25.15
C ILE B 449 44.15 -12.44 23.88
N GLN B 450 44.94 -11.39 23.68
CA GLN B 450 44.80 -10.52 22.51
C GLN B 450 45.41 -11.17 21.27
N MET B 461 36.71 -8.81 13.60
CA MET B 461 35.30 -8.97 13.92
C MET B 461 35.08 -9.16 15.41
N THR B 462 34.50 -10.30 15.79
CA THR B 462 34.17 -10.61 17.17
C THR B 462 35.11 -11.70 17.69
N GLY B 463 34.67 -12.39 18.75
CA GLY B 463 35.45 -13.46 19.35
C GLY B 463 34.62 -14.41 20.16
N ALA B 464 33.33 -14.12 20.29
CA ALA B 464 32.43 -14.97 21.06
C ALA B 464 32.09 -16.24 20.28
N MET B 465 31.56 -17.23 20.99
CA MET B 465 31.20 -18.51 20.42
C MET B 465 29.70 -18.70 20.54
N LYS B 466 29.04 -18.89 19.40
CA LYS B 466 27.59 -19.08 19.33
C LYS B 466 27.27 -20.45 18.75
N THR B 467 25.99 -20.79 18.76
CA THR B 467 25.53 -22.04 18.16
C THR B 467 25.59 -21.93 16.64
N LEU B 468 26.41 -22.77 16.01
CA LEU B 468 26.32 -22.91 14.56
C LEU B 468 25.05 -23.64 14.17
N CYS B 469 24.87 -24.87 14.66
CA CYS B 469 23.63 -25.59 14.36
C CYS B 469 23.56 -26.87 15.17
N ILE B 470 22.35 -27.42 15.27
CA ILE B 470 22.14 -28.75 15.82
C ILE B 470 22.08 -29.72 14.64
N PRO B 471 23.15 -30.47 14.36
CA PRO B 471 23.20 -31.25 13.12
C PRO B 471 22.13 -32.33 13.07
N PHE B 472 21.69 -32.62 11.84
CA PHE B 472 20.73 -33.71 11.64
C PHE B 472 21.37 -35.06 11.93
N ASP B 473 22.65 -35.22 11.55
CA ASP B 473 23.39 -36.44 11.83
C ASP B 473 23.84 -36.39 13.28
N GLN B 474 23.01 -36.93 14.17
CA GLN B 474 23.25 -36.86 15.60
C GLN B 474 24.09 -38.05 16.07
N PRO B 475 25.22 -37.82 16.73
CA PRO B 475 25.95 -38.92 17.35
C PRO B 475 25.15 -39.51 18.49
N PRO B 476 25.46 -40.74 18.91
CA PRO B 476 24.71 -41.35 20.01
C PRO B 476 24.92 -40.59 21.31
N MET B 477 23.83 -40.41 22.05
CA MET B 477 23.85 -39.69 23.33
C MET B 477 23.69 -40.68 24.47
N PRO B 478 24.71 -40.88 25.31
CA PRO B 478 24.55 -41.73 26.48
C PRO B 478 23.48 -41.19 27.42
N GLU B 479 23.00 -42.07 28.31
CA GLU B 479 21.84 -41.75 29.13
C GLU B 479 22.12 -40.55 30.04
N GLY B 480 23.06 -40.71 30.97
CA GLY B 480 23.28 -39.69 31.98
C GLY B 480 24.14 -38.52 31.54
N THR B 481 24.26 -38.31 30.24
CA THR B 481 25.09 -37.22 29.73
C THR B 481 24.52 -35.88 30.16
N LYS B 482 25.38 -35.03 30.70
CA LYS B 482 25.00 -33.70 31.16
C LYS B 482 25.43 -32.64 30.16
N CYS B 483 24.82 -31.46 30.29
CA CYS B 483 25.15 -30.35 29.42
C CYS B 483 26.57 -29.86 29.68
N PHE B 484 27.26 -29.47 28.61
CA PHE B 484 28.67 -29.08 28.71
C PHE B 484 28.86 -27.72 29.37
N TYR B 485 27.80 -27.01 29.73
CA TYR B 485 27.94 -25.70 30.35
C TYR B 485 27.10 -25.61 31.63
N THR B 486 25.79 -25.79 31.51
CA THR B 486 24.91 -25.63 32.66
C THR B 486 25.04 -26.80 33.62
N GLY B 487 25.10 -28.03 33.09
CA GLY B 487 25.09 -29.22 33.90
C GLY B 487 23.75 -29.93 33.96
N LYS B 488 22.72 -29.33 33.36
CA LYS B 488 21.40 -29.94 33.30
C LYS B 488 21.46 -31.17 32.40
N PRO B 489 20.44 -32.04 32.45
CA PRO B 489 20.38 -33.16 31.50
C PRO B 489 20.45 -32.67 30.06
N ALA B 490 21.45 -33.16 29.34
CA ALA B 490 21.67 -32.74 27.97
C ALA B 490 20.59 -33.30 27.05
N LYS B 491 20.35 -32.59 25.94
CA LYS B 491 19.35 -32.99 24.97
C LYS B 491 19.98 -33.51 23.68
N ARG B 492 20.77 -32.68 22.98
CA ARG B 492 21.31 -33.09 21.70
C ARG B 492 22.72 -32.52 21.53
N TRP B 493 23.43 -33.06 20.54
CA TRP B 493 24.76 -32.58 20.21
C TRP B 493 24.64 -31.33 19.35
N THR B 494 25.24 -30.24 19.82
CA THR B 494 25.18 -28.95 19.13
C THR B 494 26.58 -28.56 18.68
N LEU B 495 26.70 -28.10 17.44
CA LEU B 495 27.94 -27.59 16.88
C LEU B 495 28.00 -26.09 17.12
N TRP B 496 28.99 -25.66 17.91
CA TRP B 496 29.28 -24.28 18.24
C TRP B 496 30.60 -23.86 17.64
N GLY B 497 30.82 -22.55 17.62
CA GLY B 497 32.09 -22.00 17.16
C GLY B 497 31.94 -20.52 16.88
N ARG B 498 33.08 -19.89 16.65
CA ARG B 498 33.07 -18.52 16.15
C ARG B 498 32.48 -18.51 14.74
N SER B 499 31.80 -17.41 14.40
CA SER B 499 31.08 -17.35 13.15
C SER B 499 31.19 -15.95 12.56
N TYR B 500 30.73 -15.83 11.31
CA TYR B 500 30.65 -14.53 10.65
C TYR B 500 29.37 -13.82 11.08
N GLY C 1 -17.71 9.76 -17.62
CA GLY C 1 -16.98 8.84 -18.47
C GLY C 1 -17.08 7.41 -17.99
N ALA C 2 -16.65 7.18 -16.75
CA ALA C 2 -16.72 5.85 -16.15
C ALA C 2 -18.19 5.49 -15.93
N MET C 3 -18.71 4.60 -16.76
CA MET C 3 -20.09 4.15 -16.65
C MET C 3 -20.18 2.92 -15.74
N VAL C 4 -21.36 2.73 -15.15
CA VAL C 4 -21.65 1.54 -14.36
C VAL C 4 -22.16 0.49 -15.33
N THR C 5 -21.31 -0.49 -15.65
CA THR C 5 -21.64 -1.43 -16.71
C THR C 5 -22.46 -2.61 -16.20
N ALA C 6 -22.10 -3.13 -15.03
CA ALA C 6 -22.76 -4.32 -14.51
C ALA C 6 -24.21 -4.02 -14.13
N LYS C 7 -25.10 -4.96 -14.44
CA LYS C 7 -26.50 -4.83 -14.07
C LYS C 7 -26.67 -5.09 -12.58
N LYS C 8 -27.57 -4.32 -11.95
CA LYS C 8 -27.70 -4.40 -10.50
C LYS C 8 -28.35 -5.71 -10.08
N ASP C 9 -29.33 -6.19 -10.84
CA ASP C 9 -30.03 -7.42 -10.51
C ASP C 9 -29.45 -8.65 -11.20
N GLU C 10 -28.25 -8.53 -11.77
CA GLU C 10 -27.58 -9.65 -12.42
C GLU C 10 -26.16 -9.87 -11.90
N ASN C 11 -25.41 -8.81 -11.64
CA ASN C 11 -24.08 -8.88 -11.03
C ASN C 11 -24.07 -7.87 -9.89
N PHE C 12 -24.57 -8.29 -8.73
CA PHE C 12 -24.78 -7.35 -7.62
C PHE C 12 -23.46 -6.90 -7.01
N SER C 13 -22.50 -7.81 -6.86
CA SER C 13 -21.22 -7.44 -6.26
C SER C 13 -20.46 -6.47 -7.16
N GLU C 14 -20.35 -6.80 -8.45
CA GLU C 14 -19.70 -5.89 -9.39
C GLU C 14 -20.43 -4.55 -9.43
N TRP C 15 -21.77 -4.58 -9.39
CA TRP C 15 -22.52 -3.34 -9.40
C TRP C 15 -22.18 -2.48 -8.19
N TYR C 16 -22.14 -3.10 -7.01
CA TYR C 16 -21.82 -2.36 -5.78
C TYR C 16 -20.43 -1.75 -5.87
N THR C 17 -19.45 -2.55 -6.31
CA THR C 17 -18.08 -2.04 -6.40
C THR C 17 -17.99 -0.87 -7.37
N GLN C 18 -18.53 -1.05 -8.59
CA GLN C 18 -18.48 0.01 -9.59
C GLN C 18 -19.20 1.27 -9.11
N ALA C 19 -20.34 1.09 -8.42
CA ALA C 19 -21.10 2.25 -7.97
C ALA C 19 -20.36 3.01 -6.87
N ILE C 20 -19.74 2.29 -5.93
CA ILE C 20 -19.08 2.99 -4.84
C ILE C 20 -17.76 3.60 -5.29
N VAL C 21 -17.10 3.02 -6.30
CA VAL C 21 -15.81 3.57 -6.74
C VAL C 21 -15.99 4.69 -7.75
N ARG C 22 -16.80 4.47 -8.78
CA ARG C 22 -16.96 5.44 -9.85
C ARG C 22 -17.83 6.63 -9.48
N SER C 23 -18.53 6.57 -8.36
CA SER C 23 -19.21 7.75 -7.83
C SER C 23 -18.31 8.59 -6.95
N GLU C 24 -17.02 8.26 -6.86
CA GLU C 24 -16.06 8.97 -6.03
C GLU C 24 -16.47 8.95 -4.56
N MET C 25 -17.07 7.84 -4.13
CA MET C 25 -17.43 7.66 -2.73
C MET C 25 -16.25 7.13 -1.93
N ILE C 26 -15.67 6.02 -2.37
CA ILE C 26 -14.50 5.43 -1.73
C ILE C 26 -13.36 5.40 -2.75
N GLU C 27 -12.16 5.16 -2.24
CA GLU C 27 -10.97 5.00 -3.07
C GLU C 27 -10.09 3.93 -2.45
N TYR C 28 -9.98 2.77 -3.11
CA TYR C 28 -9.17 1.69 -2.56
C TYR C 28 -7.71 2.10 -2.47
N TYR C 29 -7.07 1.75 -1.35
CA TYR C 29 -5.70 2.16 -1.11
C TYR C 29 -4.69 1.09 -1.54
N ASP C 30 -4.86 -0.15 -1.08
CA ASP C 30 -3.91 -1.19 -1.39
C ASP C 30 -4.65 -2.51 -1.63
N ILE C 31 -3.88 -3.59 -1.77
CA ILE C 31 -4.42 -4.87 -2.21
C ILE C 31 -5.32 -5.48 -1.14
N SER C 32 -5.11 -5.13 0.13
CA SER C 32 -5.86 -5.76 1.21
C SER C 32 -7.33 -5.35 1.23
N GLY C 33 -7.68 -4.25 0.58
CA GLY C 33 -9.02 -3.70 0.63
C GLY C 33 -9.15 -2.45 1.45
N CYS C 34 -8.08 -2.01 2.10
CA CYS C 34 -8.08 -0.74 2.82
C CYS C 34 -8.43 0.39 1.85
N TYR C 35 -9.34 1.27 2.27
CA TYR C 35 -9.86 2.29 1.38
C TYR C 35 -9.95 3.63 2.10
N ILE C 36 -10.28 4.66 1.32
CA ILE C 36 -10.44 6.03 1.78
C ILE C 36 -11.90 6.41 1.57
N MET C 37 -12.51 7.01 2.60
CA MET C 37 -13.88 7.51 2.53
C MET C 37 -13.84 8.95 2.02
N ARG C 38 -14.18 9.13 0.75
CA ARG C 38 -14.13 10.46 0.14
C ARG C 38 -15.32 11.29 0.60
N PRO C 39 -15.24 12.63 0.45
CA PRO C 39 -16.31 13.50 0.96
C PRO C 39 -17.71 13.17 0.46
N TRP C 40 -17.82 12.52 -0.70
CA TRP C 40 -19.13 12.22 -1.25
C TRP C 40 -19.97 11.38 -0.30
N ALA C 41 -19.35 10.44 0.40
CA ALA C 41 -20.02 9.63 1.41
C ALA C 41 -19.87 10.19 2.82
N PHE C 42 -18.75 10.85 3.10
CA PHE C 42 -18.58 11.45 4.42
C PHE C 42 -19.60 12.53 4.68
N HIS C 43 -20.12 13.18 3.63
CA HIS C 43 -21.18 14.16 3.82
C HIS C 43 -22.45 13.49 4.31
N ILE C 44 -22.81 12.34 3.74
CA ILE C 44 -23.97 11.59 4.21
C ILE C 44 -23.76 11.16 5.65
N TRP C 45 -22.56 10.67 5.97
CA TRP C 45 -22.28 10.28 7.35
C TRP C 45 -22.39 11.48 8.28
N GLU C 46 -21.93 12.66 7.84
CA GLU C 46 -22.02 13.86 8.66
C GLU C 46 -23.48 14.26 8.90
N LYS C 47 -24.32 14.14 7.86
CA LYS C 47 -25.73 14.47 8.03
C LYS C 47 -26.40 13.55 9.05
N VAL C 48 -26.21 12.24 8.89
CA VAL C 48 -26.85 11.32 9.83
C VAL C 48 -26.26 11.48 11.23
N GLN C 49 -24.96 11.80 11.32
CA GLN C 49 -24.34 12.03 12.62
C GLN C 49 -24.95 13.25 13.31
N ARG C 50 -25.10 14.35 12.57
CA ARG C 50 -25.68 15.55 13.14
C ARG C 50 -27.12 15.28 13.60
N PHE C 51 -27.90 14.57 12.78
CA PHE C 51 -29.27 14.26 13.16
C PHE C 51 -29.31 13.46 14.46
N PHE C 52 -28.60 12.33 14.49
CA PHE C 52 -28.66 11.47 15.67
C PHE C 52 -28.09 12.16 16.90
N ASP C 53 -27.06 12.98 16.73
CA ASP C 53 -26.43 13.65 17.86
C ASP C 53 -27.35 14.73 18.42
N ASP C 54 -27.93 15.55 17.55
CA ASP C 54 -28.89 16.56 18.02
C ASP C 54 -30.09 15.89 18.68
N GLU C 55 -30.47 14.70 18.24
CA GLU C 55 -31.63 14.04 18.84
C GLU C 55 -31.29 13.43 20.20
N ILE C 56 -30.11 12.85 20.35
CA ILE C 56 -29.76 12.25 21.63
C ILE C 56 -29.31 13.29 22.65
N LYS C 57 -28.85 14.47 22.21
CA LYS C 57 -28.58 15.53 23.18
C LYS C 57 -29.86 16.03 23.83
N LYS C 58 -30.99 15.94 23.13
CA LYS C 58 -32.28 16.25 23.75
C LYS C 58 -32.64 15.20 24.81
N MET C 59 -32.12 13.99 24.68
CA MET C 59 -32.36 12.92 25.65
C MET C 59 -31.45 13.00 26.86
N GLY C 60 -30.57 14.00 26.92
CA GLY C 60 -29.64 14.13 28.03
C GLY C 60 -28.40 13.29 27.90
N VAL C 61 -28.13 12.71 26.73
CA VAL C 61 -26.94 11.91 26.53
C VAL C 61 -25.77 12.86 26.24
N GLU C 62 -24.67 12.67 26.98
CA GLU C 62 -23.47 13.48 26.82
C GLU C 62 -22.40 12.68 26.11
N ASN C 63 -21.68 13.35 25.21
CA ASN C 63 -20.61 12.69 24.48
C ASN C 63 -19.32 12.66 25.31
N SER C 64 -18.48 11.67 25.02
CA SER C 64 -17.23 11.49 25.74
C SER C 64 -16.27 10.74 24.82
N TYR C 65 -15.08 10.44 25.35
CA TYR C 65 -14.07 9.71 24.59
C TYR C 65 -13.40 8.69 25.49
N PHE C 66 -13.59 7.40 25.17
CA PHE C 66 -12.88 6.31 25.83
C PHE C 66 -11.89 5.72 24.85
N PRO C 67 -10.59 5.70 25.16
CA PRO C 67 -9.62 5.12 24.23
C PRO C 67 -9.73 3.60 24.18
N MET C 68 -9.27 3.05 23.07
CA MET C 68 -9.35 1.60 22.83
C MET C 68 -8.03 0.94 23.22
N PHE C 69 -7.81 0.89 24.53
CA PHE C 69 -6.62 0.22 25.07
C PHE C 69 -6.94 -1.23 25.45
N PRO C 101 -22.11 -6.81 19.40
CA PRO C 101 -22.84 -5.67 18.86
C PRO C 101 -22.41 -5.29 17.44
N GLU C 102 -23.08 -5.87 16.45
CA GLU C 102 -22.89 -5.56 15.04
C GLU C 102 -21.50 -5.93 14.54
N LYS C 103 -20.72 -4.99 14.01
CA LYS C 103 -19.48 -5.28 13.30
C LYS C 103 -18.17 -5.21 14.03
N ILE C 104 -18.21 -5.60 15.28
CA ILE C 104 -16.98 -5.63 16.08
C ILE C 104 -16.87 -6.99 16.76
N ALA C 105 -15.99 -7.84 16.23
CA ALA C 105 -15.43 -8.97 16.96
C ALA C 105 -13.96 -8.72 17.28
N ILE C 106 -13.61 -7.46 17.49
CA ILE C 106 -12.21 -7.04 17.59
C ILE C 106 -11.71 -7.10 19.03
N ARG C 107 -10.59 -6.42 19.29
CA ARG C 107 -9.77 -6.62 20.48
C ARG C 107 -10.25 -5.90 21.74
N PRO C 108 -10.52 -4.58 21.70
CA PRO C 108 -10.65 -3.84 22.97
C PRO C 108 -11.86 -4.31 23.76
N THR C 109 -13.00 -4.44 23.04
CA THR C 109 -14.42 -4.63 23.51
C THR C 109 -14.87 -3.20 23.99
N SER C 110 -15.93 -2.98 24.73
CA SER C 110 -16.28 -1.58 25.00
C SER C 110 -16.88 -1.51 26.35
N GLU C 111 -16.99 -2.71 26.88
CA GLU C 111 -17.56 -2.93 28.21
C GLU C 111 -16.47 -2.99 29.26
N THR C 112 -15.44 -3.83 29.03
CA THR C 112 -14.35 -4.00 29.98
C THR C 112 -13.61 -2.70 30.25
N ILE C 113 -13.74 -1.70 29.38
CA ILE C 113 -13.09 -0.42 29.58
C ILE C 113 -14.01 0.56 30.29
N MET C 114 -15.26 0.66 29.85
CA MET C 114 -16.16 1.68 30.37
C MET C 114 -16.72 1.31 31.74
N TYR C 115 -17.19 0.07 31.89
CA TYR C 115 -17.98 -0.30 33.06
C TYR C 115 -17.20 -0.29 34.38
N PRO C 116 -15.88 -0.51 34.38
CA PRO C 116 -15.13 -0.19 35.61
C PRO C 116 -15.26 1.27 36.03
N ALA C 117 -15.08 2.20 35.08
CA ALA C 117 -15.30 3.61 35.38
C ALA C 117 -16.74 3.87 35.77
N TYR C 118 -17.69 3.14 35.18
CA TYR C 118 -19.09 3.28 35.59
C TYR C 118 -19.29 2.86 37.04
N ALA C 119 -18.64 1.77 37.46
CA ALA C 119 -18.75 1.32 38.84
C ALA C 119 -18.10 2.33 39.78
N LYS C 120 -16.99 2.94 39.36
CA LYS C 120 -16.36 3.94 40.21
C LYS C 120 -17.20 5.20 40.31
N TRP C 121 -17.87 5.59 39.24
CA TRP C 121 -18.60 6.86 39.22
C TRP C 121 -19.92 6.76 39.99
N ILE C 122 -20.76 5.77 39.66
CA ILE C 122 -22.09 5.69 40.24
C ILE C 122 -21.98 5.25 41.70
N ARG C 123 -22.61 6.01 42.59
CA ARG C 123 -22.62 5.71 44.02
C ARG C 123 -24.01 5.81 44.63
N SER C 124 -24.80 6.81 44.25
CA SER C 124 -26.13 7.01 44.79
C SER C 124 -27.14 7.11 43.65
N HIS C 125 -28.42 7.16 44.02
CA HIS C 125 -29.47 7.29 43.02
C HIS C 125 -29.47 8.67 42.36
N ARG C 126 -28.82 9.66 42.97
CA ARG C 126 -28.70 10.97 42.37
C ARG C 126 -27.63 11.04 41.30
N ASP C 127 -26.74 10.04 41.23
CA ASP C 127 -25.80 9.92 40.13
C ASP C 127 -26.42 9.32 38.88
N LEU C 128 -27.66 8.82 38.97
CA LEU C 128 -28.40 8.19 37.89
C LEU C 128 -29.57 9.07 37.46
N PRO C 129 -30.02 8.98 36.20
CA PRO C 129 -29.48 8.09 35.15
C PRO C 129 -28.21 8.62 34.49
N LEU C 130 -27.26 7.73 34.21
CA LEU C 130 -26.04 8.10 33.52
C LEU C 130 -26.17 7.72 32.05
N LYS C 131 -25.93 8.69 31.16
CA LYS C 131 -26.07 8.50 29.72
C LYS C 131 -24.83 9.02 29.03
N LEU C 132 -24.09 8.13 28.36
CA LEU C 132 -22.89 8.53 27.64
C LEU C 132 -22.95 8.00 26.22
N ASN C 133 -22.28 8.70 25.31
CA ASN C 133 -22.20 8.30 23.91
C ASN C 133 -20.86 8.73 23.37
N GLN C 134 -20.40 8.05 22.32
CA GLN C 134 -19.17 8.44 21.66
C GLN C 134 -19.21 8.05 20.19
N TRP C 135 -18.72 8.97 19.36
CA TRP C 135 -18.54 8.76 17.93
C TRP C 135 -17.09 8.34 17.69
N CYS C 136 -16.89 7.16 17.11
CA CYS C 136 -15.56 6.61 16.92
C CYS C 136 -15.40 6.13 15.48
N SER C 137 -14.16 5.83 15.13
CA SER C 137 -13.82 5.25 13.83
C SER C 137 -12.68 4.26 14.04
N VAL C 138 -12.65 3.22 13.21
CA VAL C 138 -11.63 2.19 13.34
C VAL C 138 -11.31 1.64 11.97
N VAL C 139 -10.06 1.17 11.81
CA VAL C 139 -9.62 0.45 10.62
C VAL C 139 -8.66 -0.64 11.08
N ARG C 140 -8.98 -1.89 10.74
CA ARG C 140 -8.17 -3.04 11.09
C ARG C 140 -7.85 -3.82 9.83
N TRP C 141 -7.12 -4.93 10.00
CA TRP C 141 -6.79 -5.79 8.86
C TRP C 141 -8.07 -6.29 8.21
N GLU C 142 -8.25 -5.95 6.93
CA GLU C 142 -9.53 -6.11 6.27
C GLU C 142 -9.93 -7.58 6.17
N PHE C 143 -11.25 -7.81 6.13
CA PHE C 143 -11.81 -9.15 5.98
C PHE C 143 -11.35 -9.79 4.67
N LYS C 144 -11.50 -11.11 4.60
CA LYS C 144 -11.39 -11.82 3.34
C LYS C 144 -12.73 -11.72 2.61
N GLN C 145 -12.66 -11.37 1.32
CA GLN C 145 -13.85 -11.03 0.53
C GLN C 145 -14.66 -9.97 1.25
N PRO C 146 -14.16 -8.74 1.35
CA PRO C 146 -14.88 -7.72 2.13
C PRO C 146 -15.85 -6.91 1.28
N THR C 147 -16.59 -6.01 1.92
CA THR C 147 -17.51 -5.11 1.24
C THR C 147 -17.53 -3.78 1.98
N PRO C 148 -17.02 -2.70 1.38
CA PRO C 148 -16.99 -1.41 2.07
C PRO C 148 -18.38 -0.96 2.48
N PHE C 149 -18.43 -0.28 3.63
CA PHE C 149 -19.69 0.19 4.21
C PHE C 149 -20.65 -0.97 4.51
N LEU C 150 -20.12 -2.17 4.71
CA LEU C 150 -20.96 -3.34 4.90
C LEU C 150 -20.23 -4.42 5.69
N ARG C 151 -19.56 -5.34 5.00
CA ARG C 151 -18.78 -6.39 5.65
C ARG C 151 -17.32 -5.97 5.61
N THR C 152 -16.93 -5.16 6.60
CA THR C 152 -15.61 -4.58 6.64
C THR C 152 -15.18 -4.32 8.08
N ARG C 153 -13.88 -4.42 8.33
CA ARG C 153 -13.29 -4.04 9.60
C ARG C 153 -12.84 -2.59 9.63
N GLU C 154 -13.21 -1.80 8.62
CA GLU C 154 -12.95 -0.37 8.57
C GLU C 154 -14.29 0.35 8.53
N PHE C 155 -14.61 1.08 9.59
CA PHE C 155 -15.89 1.75 9.64
C PHE C 155 -15.90 2.83 10.72
N LEU C 156 -16.82 3.78 10.53
CA LEU C 156 -17.15 4.79 11.52
C LEU C 156 -18.48 4.41 12.18
N TRP C 157 -18.64 4.80 13.44
CA TRP C 157 -19.85 4.43 14.16
C TRP C 157 -20.04 5.33 15.36
N GLN C 158 -21.19 5.16 16.00
CA GLN C 158 -21.49 5.73 17.30
C GLN C 158 -21.95 4.61 18.22
N GLU C 159 -21.61 4.74 19.51
CA GLU C 159 -22.12 3.80 20.50
C GLU C 159 -22.39 4.53 21.81
N GLY C 160 -23.48 4.15 22.45
CA GLY C 160 -23.90 4.78 23.69
C GLY C 160 -24.23 3.75 24.74
N HIS C 161 -23.97 4.11 25.99
CA HIS C 161 -24.23 3.28 27.15
C HIS C 161 -24.91 4.10 28.23
N THR C 162 -25.93 3.50 28.86
CA THR C 162 -26.67 4.14 29.92
C THR C 162 -26.88 3.20 31.09
N ALA C 163 -27.04 3.79 32.27
CA ALA C 163 -27.36 3.08 33.49
C ALA C 163 -28.46 3.83 34.21
N HIS C 164 -29.52 3.12 34.61
CA HIS C 164 -30.68 3.70 35.25
C HIS C 164 -30.93 3.01 36.58
N ALA C 165 -31.86 3.58 37.36
CA ALA C 165 -32.23 2.99 38.64
C ALA C 165 -33.28 1.89 38.46
N THR C 166 -34.26 2.12 37.59
CA THR C 166 -35.32 1.16 37.34
C THR C 166 -35.18 0.57 35.94
N GLU C 167 -35.66 -0.66 35.79
CA GLU C 167 -35.61 -1.32 34.48
C GLU C 167 -36.58 -0.69 33.50
N GLU C 168 -37.66 -0.10 33.99
CA GLU C 168 -38.63 0.53 33.10
C GLU C 168 -38.03 1.72 32.38
N GLU C 169 -37.27 2.56 33.10
CA GLU C 169 -36.60 3.68 32.47
C GLU C 169 -35.60 3.21 31.42
N ALA C 170 -34.85 2.16 31.75
CA ALA C 170 -33.87 1.60 30.80
C ALA C 170 -34.56 1.10 29.54
N TRP C 171 -35.67 0.39 29.69
CA TRP C 171 -36.38 -0.14 28.53
C TRP C 171 -36.99 0.98 27.69
N GLU C 172 -37.52 2.02 28.34
CA GLU C 172 -38.07 3.14 27.59
C GLU C 172 -36.97 3.85 26.82
N LEU C 173 -35.78 3.99 27.41
CA LEU C 173 -34.67 4.60 26.69
C LEU C 173 -34.22 3.73 25.52
N VAL C 174 -34.25 2.41 25.70
CA VAL C 174 -33.93 1.50 24.60
C VAL C 174 -34.90 1.72 23.44
N LEU C 175 -36.19 1.78 23.75
CA LEU C 175 -37.18 1.97 22.69
C LEU C 175 -37.03 3.33 22.02
N ASP C 176 -36.67 4.36 22.81
CA ASP C 176 -36.46 5.68 22.24
C ASP C 176 -35.27 5.67 21.27
N ILE C 177 -34.19 4.99 21.64
CA ILE C 177 -33.03 4.89 20.75
C ILE C 177 -33.40 4.11 19.49
N LEU C 178 -34.21 3.07 19.63
CA LEU C 178 -34.63 2.30 18.47
C LEU C 178 -35.48 3.14 17.52
N GLU C 179 -36.36 3.97 18.08
CA GLU C 179 -37.13 4.90 17.24
C GLU C 179 -36.22 5.90 16.56
N LEU C 180 -35.19 6.37 17.28
CA LEU C 180 -34.23 7.27 16.65
C LEU C 180 -33.50 6.60 15.50
N TYR C 181 -33.23 5.29 15.63
CA TYR C 181 -32.63 4.55 14.52
C TYR C 181 -33.59 4.42 13.34
N ARG C 182 -34.87 4.16 13.63
CA ARG C 182 -35.86 4.12 12.57
C ARG C 182 -35.92 5.44 11.81
N ARG C 183 -35.82 6.55 12.55
CA ARG C 183 -35.82 7.86 11.89
C ARG C 183 -34.51 8.07 11.12
N TRP C 184 -33.39 7.61 11.66
CA TRP C 184 -32.11 7.69 10.97
C TRP C 184 -32.20 7.03 9.60
N TYR C 185 -32.82 5.85 9.55
CA TYR C 185 -32.84 5.12 8.28
C TYR C 185 -33.96 5.60 7.35
N GLU C 186 -35.12 5.91 7.90
CA GLU C 186 -36.30 6.23 7.08
C GLU C 186 -36.42 7.71 6.76
N GLU C 187 -36.21 8.58 7.74
CA GLU C 187 -36.35 10.01 7.50
C GLU C 187 -35.14 10.59 6.78
N CYS C 188 -33.95 10.06 7.05
CA CYS C 188 -32.73 10.59 6.43
C CYS C 188 -32.37 9.83 5.15
N LEU C 189 -32.17 8.51 5.25
CA LEU C 189 -31.73 7.71 4.14
C LEU C 189 -32.89 7.12 3.32
N ALA C 190 -34.13 7.35 3.72
CA ALA C 190 -35.30 6.87 3.01
C ALA C 190 -35.27 5.36 2.82
N VAL C 191 -34.81 4.65 3.85
CA VAL C 191 -34.68 3.20 3.82
C VAL C 191 -35.70 2.62 4.80
N PRO C 192 -36.71 1.88 4.32
CA PRO C 192 -37.69 1.30 5.25
C PRO C 192 -37.06 0.18 6.07
N VAL C 193 -37.30 0.22 7.38
CA VAL C 193 -36.76 -0.77 8.31
C VAL C 193 -37.87 -1.30 9.19
N ILE C 194 -37.69 -2.51 9.69
CA ILE C 194 -38.67 -3.20 10.52
C ILE C 194 -38.15 -3.28 11.95
N LYS C 195 -38.94 -2.78 12.91
CA LYS C 195 -38.60 -2.90 14.31
C LYS C 195 -38.91 -4.30 14.81
N GLY C 196 -37.98 -4.89 15.56
CA GLY C 196 -38.22 -6.21 16.11
C GLY C 196 -37.26 -6.47 17.26
N GLU C 197 -37.35 -7.69 17.80
CA GLU C 197 -36.43 -8.14 18.84
C GLU C 197 -35.77 -9.44 18.40
N LYS C 198 -34.50 -9.58 18.74
CA LYS C 198 -33.74 -10.76 18.37
C LYS C 198 -34.23 -11.99 19.14
N SER C 199 -33.96 -13.16 18.58
CA SER C 199 -34.25 -14.40 19.28
C SER C 199 -33.24 -14.60 20.41
N GLU C 200 -33.43 -15.68 21.16
CA GLU C 200 -32.49 -15.98 22.25
C GLU C 200 -31.11 -16.34 21.71
N GLY C 201 -31.04 -16.90 20.50
CA GLY C 201 -29.78 -17.26 19.90
C GLY C 201 -29.17 -16.22 18.99
N GLU C 202 -29.90 -15.14 18.70
CA GLU C 202 -29.40 -14.07 17.83
C GLU C 202 -29.23 -12.75 18.58
N LYS C 203 -29.42 -12.74 19.89
CA LYS C 203 -29.28 -11.54 20.69
C LYS C 203 -27.89 -11.45 21.32
N PHE C 204 -27.63 -10.33 21.98
CA PHE C 204 -26.45 -10.21 22.81
C PHE C 204 -26.54 -11.22 23.95
N ALA C 205 -25.53 -12.08 24.06
CA ALA C 205 -25.57 -13.16 25.05
C ALA C 205 -25.60 -12.60 26.47
N GLY C 206 -24.71 -11.65 26.77
CA GLY C 206 -24.65 -11.09 28.10
C GLY C 206 -25.81 -10.19 28.47
N GLY C 207 -26.63 -9.80 27.49
CA GLY C 207 -27.76 -8.92 27.78
C GLY C 207 -29.05 -9.67 28.02
N LYS C 208 -30.08 -8.92 28.41
CA LYS C 208 -31.40 -9.48 28.67
C LYS C 208 -32.22 -9.59 27.39
N LYS C 209 -32.55 -8.46 26.78
CA LYS C 209 -33.30 -8.42 25.53
C LYS C 209 -32.60 -7.50 24.55
N THR C 210 -32.61 -7.87 23.28
CA THR C 210 -31.95 -7.11 22.22
C THR C 210 -32.95 -6.76 21.14
N THR C 211 -33.22 -5.47 20.97
CA THR C 211 -34.07 -4.97 19.90
C THR C 211 -33.20 -4.54 18.72
N THR C 212 -33.85 -4.41 17.55
CA THR C 212 -33.12 -4.14 16.32
C THR C 212 -34.07 -3.59 15.28
N VAL C 213 -33.48 -2.95 14.27
CA VAL C 213 -34.15 -2.60 13.02
C VAL C 213 -33.53 -3.43 11.92
N GLU C 214 -34.37 -3.98 11.05
CA GLU C 214 -33.92 -4.85 9.98
C GLU C 214 -34.26 -4.25 8.62
N ALA C 215 -33.38 -4.45 7.66
CA ALA C 215 -33.58 -4.01 6.29
C ALA C 215 -33.47 -5.20 5.35
N PHE C 216 -33.97 -5.01 4.13
CA PHE C 216 -34.06 -6.09 3.14
C PHE C 216 -33.41 -5.64 1.84
N ILE C 217 -32.51 -6.46 1.31
CA ILE C 217 -31.90 -6.23 0.00
C ILE C 217 -32.56 -7.22 -0.98
N PRO C 218 -33.34 -6.74 -1.95
CA PRO C 218 -34.04 -7.68 -2.85
C PRO C 218 -33.15 -8.29 -3.91
N GLU C 219 -32.04 -7.64 -4.27
CA GLU C 219 -31.20 -8.12 -5.37
C GLU C 219 -30.61 -9.49 -5.04
N ASN C 220 -30.26 -9.73 -3.78
CA ASN C 220 -29.89 -11.05 -3.32
C ASN C 220 -30.90 -11.64 -2.34
N GLY C 221 -31.94 -10.89 -2.00
CA GLY C 221 -32.99 -11.37 -1.12
C GLY C 221 -32.50 -11.68 0.28
N ARG C 222 -31.75 -10.77 0.87
CA ARG C 222 -31.13 -11.01 2.17
C ARG C 222 -31.53 -9.93 3.18
N GLY C 223 -31.74 -10.35 4.42
CA GLY C 223 -31.95 -9.41 5.50
C GLY C 223 -30.64 -8.96 6.11
N ILE C 224 -30.66 -7.75 6.68
CA ILE C 224 -29.47 -7.15 7.26
C ILE C 224 -29.87 -6.37 8.51
N GLN C 225 -28.99 -6.39 9.51
CA GLN C 225 -29.23 -5.71 10.78
C GLN C 225 -28.78 -4.26 10.65
N ALA C 226 -29.74 -3.35 10.50
CA ALA C 226 -29.42 -1.94 10.28
C ALA C 226 -28.80 -1.32 11.53
N ALA C 227 -29.44 -1.52 12.68
CA ALA C 227 -28.93 -1.01 13.95
C ALA C 227 -29.50 -1.88 15.06
N THR C 228 -28.95 -1.70 16.26
CA THR C 228 -29.35 -2.52 17.40
C THR C 228 -29.38 -1.67 18.65
N SER C 229 -30.31 -2.03 19.55
CA SER C 229 -30.43 -1.37 20.85
C SER C 229 -30.68 -2.46 21.89
N HIS C 230 -29.79 -2.55 22.88
CA HIS C 230 -29.80 -3.64 23.84
C HIS C 230 -30.34 -3.18 25.18
N LEU C 231 -31.05 -4.08 25.86
CA LEU C 231 -31.44 -3.93 27.25
C LEU C 231 -30.55 -4.88 28.05
N LEU C 232 -29.41 -4.36 28.51
CA LEU C 232 -28.44 -5.22 29.20
C LEU C 232 -28.98 -5.69 30.54
N GLY C 233 -29.76 -4.86 31.23
CA GLY C 233 -30.36 -5.28 32.49
C GLY C 233 -29.36 -5.15 33.62
N THR C 234 -29.23 -6.20 34.43
CA THR C 234 -28.34 -6.16 35.59
C THR C 234 -27.19 -7.15 35.49
N ASN C 235 -27.01 -7.81 34.36
CA ASN C 235 -25.93 -8.79 34.23
C ASN C 235 -24.57 -8.12 34.33
N PHE C 236 -24.33 -7.09 33.50
CA PHE C 236 -23.06 -6.37 33.58
C PHE C 236 -22.95 -5.60 34.89
N ALA C 237 -24.09 -5.19 35.47
CA ALA C 237 -24.07 -4.57 36.78
C ALA C 237 -23.50 -5.54 37.82
N LYS C 238 -23.88 -6.81 37.72
CA LYS C 238 -23.28 -7.84 38.59
C LYS C 238 -21.80 -8.01 38.26
N MET C 239 -21.46 -8.10 36.98
CA MET C 239 -20.10 -8.47 36.58
C MET C 239 -19.10 -7.40 37.01
N PHE C 240 -19.42 -6.13 36.80
CA PHE C 240 -18.49 -5.05 37.11
C PHE C 240 -18.81 -4.32 38.41
N GLU C 241 -19.78 -4.83 39.18
CA GLU C 241 -20.12 -4.29 40.50
C GLU C 241 -20.52 -2.80 40.40
N ILE C 242 -21.56 -2.55 39.63
CA ILE C 242 -22.07 -1.19 39.44
C ILE C 242 -23.34 -1.11 40.29
N GLU C 243 -23.19 -0.61 41.51
CA GLU C 243 -24.28 -0.49 42.47
C GLU C 243 -24.55 0.98 42.79
N PHE C 244 -25.67 1.21 43.45
CA PHE C 244 -26.02 2.55 43.90
C PHE C 244 -26.95 2.46 45.10
N GLU C 245 -26.85 3.44 45.99
CA GLU C 245 -27.70 3.50 47.16
C GLU C 245 -28.99 4.26 46.82
N ASP C 246 -30.13 3.63 47.10
CA ASP C 246 -31.42 4.23 46.79
C ASP C 246 -31.80 5.33 47.78
N GLU C 247 -33.07 5.72 47.78
CA GLU C 247 -33.51 6.77 48.71
C GLU C 247 -33.56 6.27 50.15
N GLU C 248 -33.78 4.97 50.34
CA GLU C 248 -33.87 4.40 51.67
C GLU C 248 -32.53 3.92 52.21
N GLY C 249 -31.54 3.71 51.36
CA GLY C 249 -30.22 3.27 51.78
C GLY C 249 -29.79 1.93 51.24
N HIS C 250 -30.68 1.16 50.62
CA HIS C 250 -30.31 -0.15 50.11
C HIS C 250 -29.44 -0.03 48.86
N LYS C 251 -28.47 -0.92 48.74
CA LYS C 251 -27.58 -0.95 47.58
C LYS C 251 -28.20 -1.84 46.51
N ARG C 252 -28.58 -1.24 45.39
CA ARG C 252 -29.23 -1.94 44.29
C ARG C 252 -28.35 -1.86 43.05
N LEU C 253 -28.57 -2.81 42.13
CA LEU C 253 -27.86 -2.84 40.87
C LEU C 253 -28.50 -1.87 39.87
N VAL C 254 -27.67 -1.35 38.98
CA VAL C 254 -28.18 -0.48 37.93
C VAL C 254 -28.74 -1.32 36.79
N HIS C 255 -29.64 -0.71 36.02
CA HIS C 255 -30.19 -1.32 34.82
C HIS C 255 -29.54 -0.64 33.62
N GLN C 256 -28.69 -1.38 32.92
CA GLN C 256 -27.86 -0.83 31.86
C GLN C 256 -28.45 -1.13 30.48
N THR C 257 -28.21 -0.20 29.56
CA THR C 257 -28.55 -0.34 28.16
C THR C 257 -27.35 0.08 27.32
N SER C 258 -27.29 -0.46 26.10
CA SER C 258 -26.23 -0.09 25.15
C SER C 258 -26.78 -0.16 23.75
N TRP C 259 -26.27 0.71 22.88
CA TRP C 259 -26.72 0.77 21.50
C TRP C 259 -25.59 1.29 20.62
N GLY C 260 -25.74 1.08 19.31
CA GLY C 260 -24.73 1.52 18.37
C GLY C 260 -25.24 1.50 16.95
N CYS C 261 -24.56 2.27 16.10
CA CYS C 261 -24.90 2.33 14.68
C CYS C 261 -23.66 2.74 13.89
N THR C 262 -23.41 2.03 12.79
CA THR C 262 -22.18 2.16 12.02
C THR C 262 -22.45 2.81 10.66
N THR C 263 -21.39 2.90 9.86
CA THR C 263 -21.50 3.37 8.47
C THR C 263 -22.16 2.35 7.56
N ARG C 264 -22.48 1.16 8.07
CA ARG C 264 -23.20 0.16 7.29
C ARG C 264 -24.47 0.75 6.68
N SER C 265 -25.12 1.68 7.41
CA SER C 265 -26.29 2.38 6.90
C SER C 265 -26.04 2.89 5.48
N LEU C 266 -24.93 3.60 5.28
CA LEU C 266 -24.55 4.08 3.95
C LEU C 266 -24.68 2.96 2.93
N GLY C 267 -23.97 1.85 3.15
CA GLY C 267 -24.06 0.72 2.25
C GLY C 267 -25.50 0.30 1.99
N VAL C 268 -26.29 0.17 3.07
CA VAL C 268 -27.69 -0.20 2.92
C VAL C 268 -28.39 0.76 1.98
N MET C 269 -28.21 2.06 2.21
CA MET C 269 -28.79 3.06 1.32
C MET C 269 -28.32 2.83 -0.11
N ILE C 270 -27.01 2.62 -0.30
CA ILE C 270 -26.47 2.38 -1.63
C ILE C 270 -27.19 1.22 -2.29
N MET C 271 -27.54 0.18 -1.52
CA MET C 271 -28.20 -0.97 -2.10
C MET C 271 -29.70 -0.76 -2.27
N THR C 272 -30.30 0.09 -1.43
CA THR C 272 -31.75 0.25 -1.47
C THR C 272 -32.16 1.05 -2.70
N HIS C 273 -31.62 2.25 -2.84
CA HIS C 273 -31.80 3.05 -4.04
C HIS C 273 -30.70 2.70 -5.04
N GLY C 274 -30.54 3.51 -6.08
CA GLY C 274 -29.52 3.23 -7.07
C GLY C 274 -29.95 2.15 -8.04
N ASP C 275 -29.77 2.41 -9.33
CA ASP C 275 -30.19 1.50 -10.37
C ASP C 275 -29.03 1.07 -11.26
N ASP C 276 -29.33 0.62 -12.48
CA ASP C 276 -28.29 0.15 -13.39
C ASP C 276 -27.36 1.28 -13.82
N LYS C 277 -27.77 2.54 -13.68
CA LYS C 277 -26.95 3.67 -14.07
C LYS C 277 -26.00 4.12 -12.96
N GLY C 278 -26.16 3.63 -11.74
CA GLY C 278 -25.28 4.03 -10.66
C GLY C 278 -26.00 4.27 -9.34
N LEU C 279 -25.64 5.34 -8.65
CA LEU C 279 -26.20 5.64 -7.35
C LEU C 279 -27.40 6.58 -7.46
N VAL C 280 -28.26 6.54 -6.44
CA VAL C 280 -29.35 7.49 -6.25
C VAL C 280 -29.36 7.84 -4.77
N ILE C 281 -28.88 9.03 -4.43
CA ILE C 281 -28.76 9.47 -3.04
C ILE C 281 -29.98 10.32 -2.69
N PRO C 282 -30.62 10.08 -1.56
CA PRO C 282 -31.76 10.92 -1.14
C PRO C 282 -31.34 12.36 -0.97
N PRO C 283 -32.20 13.31 -1.35
CA PRO C 283 -31.81 14.73 -1.29
C PRO C 283 -31.48 15.23 0.11
N ARG C 284 -32.00 14.59 1.15
CA ARG C 284 -31.72 15.08 2.51
C ARG C 284 -30.26 14.93 2.89
N VAL C 285 -29.56 13.95 2.32
CA VAL C 285 -28.18 13.67 2.66
C VAL C 285 -27.24 13.86 1.48
N ALA C 286 -27.73 14.29 0.33
CA ALA C 286 -26.89 14.43 -0.85
C ALA C 286 -25.86 15.54 -0.67
N SER C 287 -24.60 15.23 -0.98
CA SER C 287 -23.56 16.25 -0.92
C SER C 287 -23.85 17.39 -1.88
N VAL C 288 -24.38 17.07 -3.06
CA VAL C 288 -24.79 18.06 -4.05
C VAL C 288 -26.23 17.74 -4.43
N GLN C 289 -27.13 18.68 -4.22
CA GLN C 289 -28.55 18.47 -4.49
C GLN C 289 -28.93 18.76 -5.93
N VAL C 290 -28.45 19.88 -6.47
CA VAL C 290 -28.74 20.29 -7.84
C VAL C 290 -27.43 20.59 -8.54
N VAL C 291 -27.25 20.01 -9.73
CA VAL C 291 -26.09 20.29 -10.57
C VAL C 291 -26.56 21.07 -11.79
N ILE C 292 -25.91 22.21 -12.04
CA ILE C 292 -26.22 23.06 -13.18
C ILE C 292 -25.27 22.71 -14.32
N ILE C 293 -25.83 22.42 -15.48
CA ILE C 293 -25.06 21.99 -16.65
C ILE C 293 -25.33 22.97 -17.78
N PRO C 294 -24.47 23.98 -17.95
CA PRO C 294 -24.64 24.89 -19.10
C PRO C 294 -24.27 24.19 -20.40
N ILE C 295 -25.07 24.45 -21.42
CA ILE C 295 -24.93 23.80 -22.73
C ILE C 295 -24.49 24.85 -23.73
N LEU C 296 -23.31 24.65 -24.32
CA LEU C 296 -22.76 25.52 -25.34
C LEU C 296 -22.95 24.88 -26.71
N PHE C 297 -23.45 25.65 -27.67
CA PHE C 297 -23.73 25.16 -29.01
C PHE C 297 -23.09 26.09 -30.04
N LYS C 298 -21.99 25.64 -30.63
CA LYS C 298 -21.36 26.31 -31.78
C LYS C 298 -20.93 27.74 -31.44
N ASP C 299 -20.61 28.00 -30.18
CA ASP C 299 -20.01 29.28 -29.75
C ASP C 299 -20.89 30.47 -30.12
N GLU C 300 -22.18 30.36 -29.84
CA GLU C 300 -23.12 31.47 -29.98
C GLU C 300 -23.82 31.68 -28.65
N ASN C 301 -23.81 32.93 -28.16
CA ASN C 301 -24.35 33.28 -26.85
C ASN C 301 -23.67 32.45 -25.76
N THR C 302 -22.34 32.41 -25.81
CA THR C 302 -21.57 31.51 -24.95
C THR C 302 -21.38 32.10 -23.55
N GLY C 303 -21.15 33.41 -23.45
CA GLY C 303 -20.85 33.99 -22.15
C GLY C 303 -22.05 34.33 -21.29
N GLU C 304 -23.22 34.52 -21.91
CA GLU C 304 -24.39 34.96 -21.15
C GLU C 304 -24.98 33.82 -20.32
N ILE C 305 -25.02 32.61 -20.89
CA ILE C 305 -25.57 31.49 -20.15
C ILE C 305 -24.72 31.17 -18.91
N LEU C 306 -23.42 31.46 -18.96
CA LEU C 306 -22.56 31.19 -17.81
C LEU C 306 -22.91 32.12 -16.64
N GLY C 307 -23.05 33.41 -16.92
CA GLY C 307 -23.47 34.33 -15.88
C GLY C 307 -24.87 34.03 -15.38
N LYS C 308 -25.77 33.62 -16.28
CA LYS C 308 -27.11 33.21 -15.87
C LYS C 308 -27.04 32.02 -14.93
N CYS C 309 -26.20 31.03 -15.25
CA CYS C 309 -26.06 29.86 -14.39
C CYS C 309 -25.45 30.23 -13.04
N ARG C 310 -24.51 31.18 -13.02
CA ARG C 310 -23.91 31.60 -11.76
C ARG C 310 -24.94 32.30 -10.87
N GLU C 311 -25.74 33.20 -11.44
CA GLU C 311 -26.74 33.87 -10.62
C GLU C 311 -27.87 32.92 -10.22
N LEU C 312 -28.17 31.93 -11.06
CA LEU C 312 -29.12 30.88 -10.66
C LEU C 312 -28.56 30.07 -9.49
N LYS C 313 -27.26 29.77 -9.52
CA LYS C 313 -26.64 29.05 -8.41
C LYS C 313 -26.73 29.85 -7.13
N THR C 314 -26.46 31.16 -7.19
CA THR C 314 -26.54 31.98 -5.99
C THR C 314 -27.98 32.07 -5.49
N MET C 315 -28.94 32.21 -6.41
CA MET C 315 -30.35 32.24 -6.01
C MET C 315 -30.75 30.95 -5.32
N LEU C 316 -30.31 29.80 -5.84
CA LEU C 316 -30.64 28.53 -5.23
C LEU C 316 -29.95 28.37 -3.88
N GLU C 317 -28.71 28.85 -3.76
CA GLU C 317 -28.00 28.79 -2.50
C GLU C 317 -28.67 29.65 -1.45
N LYS C 318 -29.35 30.73 -1.86
CA LYS C 318 -30.14 31.51 -0.91
C LYS C 318 -31.21 30.66 -0.22
N ALA C 319 -31.64 29.56 -0.85
CA ALA C 319 -32.67 28.70 -0.29
C ALA C 319 -32.09 27.44 0.37
N ASP C 320 -30.83 27.49 0.79
CA ASP C 320 -30.14 26.36 1.43
C ASP C 320 -30.11 25.13 0.54
N ILE C 321 -30.05 25.33 -0.78
CA ILE C 321 -29.92 24.23 -1.72
C ILE C 321 -28.44 24.04 -2.04
N ARG C 322 -27.98 22.80 -1.99
CA ARG C 322 -26.58 22.48 -2.30
C ARG C 322 -26.41 22.38 -3.80
N VAL C 323 -25.75 23.38 -4.40
CA VAL C 323 -25.63 23.50 -5.85
C VAL C 323 -24.16 23.65 -6.22
N ARG C 324 -23.83 23.19 -7.43
CA ARG C 324 -22.55 23.47 -8.05
C ARG C 324 -22.71 23.35 -9.56
N ILE C 325 -21.90 24.10 -10.29
CA ILE C 325 -22.00 24.21 -11.74
C ILE C 325 -20.86 23.42 -12.38
N ASP C 326 -21.20 22.64 -13.40
CA ASP C 326 -20.23 21.86 -14.17
C ASP C 326 -20.04 22.53 -15.52
N ASP C 327 -19.31 23.64 -15.52
CA ASP C 327 -19.04 24.42 -16.72
C ASP C 327 -17.80 23.93 -17.47
N ARG C 328 -17.34 22.71 -17.19
CA ARG C 328 -16.15 22.18 -17.83
C ARG C 328 -16.36 22.02 -19.33
N SER C 329 -15.49 22.64 -20.12
CA SER C 329 -15.65 22.68 -21.56
C SER C 329 -15.11 21.45 -22.27
N ASN C 330 -14.32 20.62 -21.60
CA ASN C 330 -13.70 19.48 -22.26
C ASN C 330 -14.65 18.30 -22.42
N TYR C 331 -15.77 18.29 -21.71
CA TYR C 331 -16.69 17.16 -21.73
C TYR C 331 -18.02 17.55 -22.34
N THR C 332 -18.61 16.62 -23.09
CA THR C 332 -19.92 16.82 -23.67
C THR C 332 -20.99 16.79 -22.57
N PRO C 333 -22.13 17.43 -22.80
CA PRO C 333 -23.24 17.31 -21.82
C PRO C 333 -23.62 15.89 -21.48
N GLY C 334 -23.49 14.94 -22.42
CA GLY C 334 -23.78 13.55 -22.08
C GLY C 334 -22.80 12.97 -21.07
N TRP C 335 -21.52 13.32 -21.21
CA TRP C 335 -20.52 12.93 -20.21
C TRP C 335 -20.94 13.41 -18.82
N LYS C 336 -21.38 14.67 -18.72
CA LYS C 336 -21.77 15.22 -17.43
C LYS C 336 -23.04 14.55 -16.90
N TYR C 337 -24.00 14.29 -17.80
CA TYR C 337 -25.20 13.57 -17.40
C TYR C 337 -24.84 12.24 -16.76
N ASN C 338 -24.00 11.45 -17.45
CA ASN C 338 -23.61 10.15 -16.91
C ASN C 338 -22.82 10.30 -15.62
N HIS C 339 -21.92 11.29 -15.57
CA HIS C 339 -21.10 11.50 -14.39
C HIS C 339 -21.95 11.74 -13.15
N TRP C 340 -22.84 12.72 -13.22
CA TRP C 340 -23.67 13.05 -12.06
C TRP C 340 -24.83 12.08 -11.85
N GLU C 341 -25.15 11.24 -12.84
CA GLU C 341 -26.10 10.17 -12.60
C GLU C 341 -25.44 9.02 -11.84
N VAL C 342 -24.16 8.76 -12.14
CA VAL C 342 -23.42 7.75 -11.39
C VAL C 342 -23.17 8.24 -9.97
N LYS C 343 -22.79 9.51 -9.81
CA LYS C 343 -22.56 10.05 -8.47
C LYS C 343 -23.84 10.12 -7.64
N GLY C 344 -25.01 10.08 -8.28
CA GLY C 344 -26.26 10.02 -7.56
C GLY C 344 -26.93 11.34 -7.26
N VAL C 345 -26.54 12.42 -7.95
CA VAL C 345 -27.15 13.73 -7.76
C VAL C 345 -28.63 13.63 -8.09
N PRO C 346 -29.52 14.00 -7.17
CA PRO C 346 -30.95 13.75 -7.39
C PRO C 346 -31.55 14.59 -8.51
N LEU C 347 -31.10 15.82 -8.70
CA LEU C 347 -31.67 16.72 -9.70
C LEU C 347 -30.56 17.35 -10.52
N ARG C 348 -30.75 17.38 -11.84
CA ARG C 348 -29.84 18.09 -12.72
C ARG C 348 -30.59 19.20 -13.47
N LEU C 349 -29.90 20.30 -13.71
CA LEU C 349 -30.49 21.48 -14.33
C LEU C 349 -29.76 21.76 -15.65
N GLU C 350 -30.51 21.70 -16.74
CA GLU C 350 -30.01 22.01 -18.08
C GLU C 350 -30.49 23.39 -18.49
N LEU C 351 -29.57 24.19 -19.04
CA LEU C 351 -29.85 25.56 -19.47
C LEU C 351 -29.04 25.84 -20.72
N GLY C 352 -29.69 25.77 -21.88
CA GLY C 352 -29.04 26.04 -23.14
C GLY C 352 -29.47 27.37 -23.72
N PRO C 353 -29.18 27.58 -25.00
CA PRO C 353 -29.63 28.83 -25.64
C PRO C 353 -31.14 28.90 -25.80
N LYS C 354 -31.77 27.78 -26.16
CA LYS C 354 -33.23 27.73 -26.19
C LYS C 354 -33.83 28.09 -24.84
N ASP C 355 -33.30 27.50 -23.77
CA ASP C 355 -33.81 27.76 -22.43
C ASP C 355 -33.49 29.18 -21.98
N LEU C 356 -32.36 29.73 -22.42
CA LEU C 356 -32.07 31.13 -22.12
C LEU C 356 -33.06 32.06 -22.79
N ALA C 357 -33.47 31.73 -24.02
CA ALA C 357 -34.46 32.53 -24.71
C ALA C 357 -35.82 32.42 -24.05
N LYS C 358 -36.25 31.19 -23.70
CA LYS C 358 -37.55 30.97 -23.10
C LYS C 358 -37.60 31.38 -21.64
N GLY C 359 -36.48 31.77 -21.03
CA GLY C 359 -36.48 32.16 -19.63
C GLY C 359 -36.79 31.04 -18.66
N THR C 360 -36.59 29.79 -19.07
CA THR C 360 -36.85 28.65 -18.20
C THR C 360 -35.62 27.75 -18.08
N ALA C 361 -35.80 26.57 -17.51
CA ALA C 361 -34.72 25.60 -17.37
C ALA C 361 -35.33 24.20 -17.29
N ARG C 362 -34.52 23.20 -17.65
CA ARG C 362 -34.98 21.82 -17.71
C ARG C 362 -34.41 21.06 -16.51
N VAL C 363 -35.27 20.68 -15.57
CA VAL C 363 -34.86 19.97 -14.37
C VAL C 363 -35.21 18.49 -14.54
N VAL C 364 -34.22 17.62 -14.40
CA VAL C 364 -34.40 16.18 -14.58
C VAL C 364 -34.11 15.48 -13.25
N ARG C 365 -34.98 14.54 -12.90
CA ARG C 365 -34.85 13.75 -11.69
C ARG C 365 -33.92 12.57 -11.91
N ARG C 366 -33.21 12.18 -10.85
CA ARG C 366 -32.34 11.01 -10.93
C ARG C 366 -33.10 9.72 -10.71
N ASP C 367 -34.12 9.73 -9.85
CA ASP C 367 -34.81 8.50 -9.51
C ASP C 367 -35.70 8.01 -10.65
N THR C 368 -36.54 8.89 -11.19
CA THR C 368 -37.51 8.51 -12.21
C THR C 368 -37.12 8.94 -13.62
N GLY C 369 -36.22 9.91 -13.77
CA GLY C 369 -35.88 10.43 -15.06
C GLY C 369 -36.90 11.40 -15.64
N GLU C 370 -37.95 11.74 -14.89
CA GLU C 370 -38.94 12.69 -15.38
C GLU C 370 -38.31 14.07 -15.56
N ALA C 371 -38.75 14.79 -16.58
CA ALA C 371 -38.22 16.09 -16.92
C ALA C 371 -39.29 17.16 -16.72
N TYR C 372 -38.86 18.31 -16.22
CA TYR C 372 -39.75 19.44 -15.95
C TYR C 372 -39.16 20.69 -16.59
N GLN C 373 -40.03 21.57 -17.05
CA GLN C 373 -39.63 22.87 -17.59
C GLN C 373 -40.11 23.94 -16.60
N ILE C 374 -39.18 24.48 -15.81
CA ILE C 374 -39.52 25.38 -14.71
C ILE C 374 -38.98 26.77 -15.04
N SER C 375 -39.81 27.79 -14.81
CA SER C 375 -39.37 29.16 -14.95
C SER C 375 -38.32 29.50 -13.91
N TRP C 376 -37.51 30.52 -14.21
CA TRP C 376 -36.40 30.87 -13.33
C TRP C 376 -36.90 31.33 -11.96
N ALA C 377 -37.95 32.14 -11.93
CA ALA C 377 -38.46 32.63 -10.66
C ALA C 377 -39.00 31.51 -9.79
N ASP C 378 -39.52 30.45 -10.40
CA ASP C 378 -40.05 29.30 -9.68
C ASP C 378 -39.00 28.26 -9.35
N LEU C 379 -37.73 28.53 -9.63
CA LEU C 379 -36.71 27.48 -9.52
C LEU C 379 -36.52 27.03 -8.08
N ALA C 380 -36.24 27.95 -7.16
CA ALA C 380 -35.99 27.57 -5.77
C ALA C 380 -37.19 26.86 -5.14
N PRO C 381 -38.42 27.40 -5.15
CA PRO C 381 -39.52 26.70 -4.45
C PRO C 381 -39.84 25.36 -5.08
N LYS C 382 -39.98 25.33 -6.41
CA LYS C 382 -40.32 24.09 -7.08
C LYS C 382 -39.22 23.07 -6.95
N LEU C 383 -37.95 23.49 -6.88
CA LEU C 383 -36.87 22.54 -6.71
C LEU C 383 -36.86 21.94 -5.31
N LEU C 384 -37.13 22.75 -4.29
CA LEU C 384 -37.30 22.19 -2.95
C LEU C 384 -38.44 21.17 -2.92
N GLU C 385 -39.55 21.51 -3.60
CA GLU C 385 -40.67 20.58 -3.70
C GLU C 385 -40.27 19.30 -4.41
N LEU C 386 -39.53 19.42 -5.52
CA LEU C 386 -39.01 18.27 -6.25
C LEU C 386 -38.21 17.37 -5.33
N MET C 387 -37.29 17.94 -4.57
CA MET C 387 -36.45 17.15 -3.68
C MET C 387 -37.28 16.42 -2.65
N GLU C 388 -38.28 17.10 -2.07
CA GLU C 388 -39.15 16.44 -1.09
C GLU C 388 -39.89 15.26 -1.72
N GLY C 389 -40.44 15.47 -2.92
CA GLY C 389 -41.14 14.40 -3.59
C GLY C 389 -40.24 13.23 -3.94
N ILE C 390 -39.00 13.54 -4.36
CA ILE C 390 -38.04 12.48 -4.67
C ILE C 390 -37.71 11.67 -3.44
N GLN C 391 -37.52 12.35 -2.30
CA GLN C 391 -37.23 11.64 -1.06
C GLN C 391 -38.37 10.71 -0.69
N ARG C 392 -39.61 11.23 -0.70
CA ARG C 392 -40.75 10.40 -0.36
C ARG C 392 -40.92 9.24 -1.32
N SER C 393 -40.64 9.45 -2.61
CA SER C 393 -40.78 8.38 -3.58
C SER C 393 -39.72 7.30 -3.39
N LEU C 394 -38.47 7.72 -3.13
CA LEU C 394 -37.41 6.76 -2.84
C LEU C 394 -37.77 5.91 -1.64
N PHE C 395 -38.44 6.51 -0.63
CA PHE C 395 -38.87 5.72 0.51
C PHE C 395 -40.02 4.78 0.14
N GLU C 396 -41.02 5.29 -0.58
CA GLU C 396 -42.24 4.53 -0.80
C GLU C 396 -41.99 3.33 -1.72
N LYS C 397 -41.21 3.52 -2.79
CA LYS C 397 -40.90 2.41 -3.69
C LYS C 397 -40.15 1.31 -2.96
N ALA C 398 -39.18 1.70 -2.13
CA ALA C 398 -38.42 0.71 -1.36
C ALA C 398 -39.32 0.00 -0.35
N LYS C 399 -40.26 0.71 0.25
CA LYS C 399 -41.19 0.08 1.18
C LYS C 399 -42.09 -0.92 0.46
N ALA C 400 -42.50 -0.59 -0.76
CA ALA C 400 -43.28 -1.54 -1.57
C ALA C 400 -42.45 -2.78 -1.87
N ARG C 401 -41.18 -2.60 -2.25
CA ARG C 401 -40.30 -3.75 -2.47
C ARG C 401 -40.18 -4.60 -1.20
N LEU C 402 -40.04 -3.95 -0.05
CA LEU C 402 -39.97 -4.66 1.22
C LEU C 402 -41.23 -5.50 1.45
N HIS C 403 -42.41 -4.89 1.24
CA HIS C 403 -43.65 -5.63 1.41
C HIS C 403 -43.75 -6.78 0.43
N GLU C 404 -43.20 -6.64 -0.77
CA GLU C 404 -43.22 -7.71 -1.76
C GLU C 404 -42.17 -8.78 -1.48
N GLY C 405 -41.19 -8.51 -0.61
CA GLY C 405 -40.19 -9.49 -0.29
C GLY C 405 -40.47 -10.37 0.91
N ILE C 406 -41.63 -10.22 1.55
CA ILE C 406 -41.96 -10.97 2.76
C ILE C 406 -43.19 -11.83 2.46
N GLU C 407 -43.05 -13.14 2.57
CA GLU C 407 -44.12 -14.09 2.34
C GLU C 407 -44.57 -14.67 3.68
N LYS C 408 -45.85 -14.48 4.01
CA LYS C 408 -46.41 -15.10 5.20
C LYS C 408 -46.70 -16.56 4.92
N ILE C 409 -46.01 -17.44 5.65
CA ILE C 409 -46.17 -18.89 5.45
C ILE C 409 -46.76 -19.51 6.71
N SER C 410 -47.02 -20.81 6.66
CA SER C 410 -47.56 -21.53 7.81
C SER C 410 -46.88 -22.87 8.07
N THR C 411 -46.25 -23.49 7.08
CA THR C 411 -45.57 -24.76 7.25
C THR C 411 -44.21 -24.71 6.56
N PHE C 412 -43.36 -25.67 6.92
CA PHE C 412 -41.94 -25.57 6.58
C PHE C 412 -41.65 -25.85 5.11
N ASP C 413 -42.50 -26.64 4.44
CA ASP C 413 -42.25 -26.91 3.03
C ASP C 413 -42.42 -25.66 2.17
N GLU C 414 -43.06 -24.62 2.70
CA GLU C 414 -43.14 -23.32 2.04
C GLU C 414 -41.84 -22.53 2.15
N VAL C 415 -40.88 -23.00 2.95
CA VAL C 415 -39.69 -22.21 3.24
C VAL C 415 -38.77 -22.14 2.02
N MET C 416 -38.35 -23.30 1.52
CA MET C 416 -37.35 -23.32 0.46
C MET C 416 -37.79 -22.63 -0.83
N PRO C 417 -39.05 -22.74 -1.29
CA PRO C 417 -39.44 -21.95 -2.47
C PRO C 417 -39.30 -20.45 -2.26
N ALA C 418 -39.86 -19.92 -1.18
CA ALA C 418 -39.77 -18.49 -0.91
C ALA C 418 -38.32 -18.05 -0.76
N LEU C 419 -37.46 -18.92 -0.23
CA LEU C 419 -36.03 -18.59 -0.14
C LEU C 419 -35.38 -18.58 -1.51
N ASN C 420 -35.83 -19.44 -2.43
CA ASN C 420 -35.30 -19.42 -3.78
C ASN C 420 -35.87 -18.28 -4.62
N ARG C 421 -36.96 -17.67 -4.17
CA ARG C 421 -37.50 -16.47 -4.80
C ARG C 421 -36.85 -15.20 -4.26
N LYS C 422 -35.73 -15.33 -3.54
CA LYS C 422 -35.02 -14.20 -2.96
C LYS C 422 -35.95 -13.35 -2.10
N HIS C 423 -36.65 -14.01 -1.19
CA HIS C 423 -37.63 -13.38 -0.33
C HIS C 423 -37.35 -13.74 1.13
N LEU C 424 -38.08 -13.08 2.02
CA LEU C 424 -38.10 -13.41 3.43
C LEU C 424 -39.43 -14.08 3.78
N VAL C 425 -39.46 -14.77 4.91
CA VAL C 425 -40.67 -15.44 5.35
C VAL C 425 -41.09 -14.89 6.71
N LEU C 426 -42.39 -14.83 6.93
CA LEU C 426 -42.96 -14.44 8.22
C LEU C 426 -43.80 -15.61 8.71
N ALA C 427 -43.28 -16.33 9.70
CA ALA C 427 -43.90 -17.59 10.11
C ALA C 427 -44.22 -17.59 11.58
N PRO C 428 -45.28 -18.30 11.99
CA PRO C 428 -45.52 -18.49 13.42
C PRO C 428 -44.49 -19.45 14.01
N TRP C 429 -43.98 -19.08 15.19
CA TRP C 429 -42.85 -19.77 15.78
C TRP C 429 -43.02 -19.87 17.29
N CYS C 430 -42.53 -20.97 17.85
CA CYS C 430 -42.57 -21.25 19.27
C CYS C 430 -41.35 -20.71 20.01
N GLU C 431 -40.43 -20.07 19.30
CA GLU C 431 -39.25 -19.44 19.91
C GLU C 431 -38.40 -20.44 20.70
N ASP C 432 -38.35 -21.69 20.25
CA ASP C 432 -37.48 -22.67 20.86
C ASP C 432 -36.03 -22.43 20.43
N PRO C 433 -35.10 -22.20 21.36
CA PRO C 433 -33.73 -21.89 20.93
C PRO C 433 -33.08 -22.96 20.05
N GLU C 434 -33.27 -24.24 20.37
CA GLU C 434 -32.64 -25.29 19.57
C GLU C 434 -33.31 -25.42 18.21
N SER C 435 -34.59 -25.07 18.11
CA SER C 435 -35.28 -25.15 16.83
C SER C 435 -34.67 -24.21 15.80
N GLU C 436 -34.15 -23.06 16.23
CA GLU C 436 -33.52 -22.15 15.29
C GLU C 436 -32.25 -22.75 14.69
N GLU C 437 -31.43 -23.39 15.53
CA GLU C 437 -30.25 -24.07 15.00
C GLU C 437 -30.63 -25.23 14.09
N GLN C 438 -31.68 -25.97 14.47
CA GLN C 438 -32.18 -27.03 13.60
C GLN C 438 -32.57 -26.48 12.24
N ILE C 439 -33.27 -25.34 12.22
CA ILE C 439 -33.73 -24.74 10.96
C ILE C 439 -32.54 -24.23 10.16
N LYS C 440 -31.56 -23.62 10.82
CA LYS C 440 -30.35 -23.18 10.14
C LYS C 440 -29.68 -24.34 9.41
N LYS C 441 -29.43 -25.44 10.14
CA LYS C 441 -28.74 -26.58 9.54
C LYS C 441 -29.58 -27.21 8.44
N GLU C 442 -30.90 -27.31 8.64
CA GLU C 442 -31.77 -27.88 7.63
C GLU C 442 -31.72 -27.06 6.35
N THR C 443 -31.92 -25.75 6.46
CA THR C 443 -31.92 -24.89 5.27
C THR C 443 -30.56 -24.88 4.59
N GLN C 444 -29.47 -24.93 5.37
CA GLN C 444 -28.15 -25.01 4.76
C GLN C 444 -27.93 -26.34 4.07
N LYS C 445 -28.63 -27.39 4.49
CA LYS C 445 -28.49 -28.70 3.85
C LYS C 445 -28.96 -28.65 2.40
N LEU C 446 -30.25 -28.38 2.18
CA LEU C 446 -30.82 -28.44 0.82
C LEU C 446 -30.67 -27.10 0.09
N SER C 447 -29.42 -26.61 0.01
CA SER C 447 -29.16 -25.33 -0.63
C SER C 447 -28.35 -25.49 -1.92
N GLU C 448 -28.76 -26.43 -2.78
CA GLU C 448 -28.17 -26.59 -4.11
C GLU C 448 -26.66 -26.86 -4.04
N ILE C 449 -26.29 -27.89 -3.27
CA ILE C 449 -24.91 -28.34 -3.12
C ILE C 449 -24.00 -27.16 -2.79
N GLN C 450 -22.84 -27.11 -3.43
CA GLN C 450 -21.88 -26.02 -3.18
C GLN C 450 -22.30 -24.75 -3.91
N ALA C 451 -22.12 -24.74 -5.24
CA ALA C 451 -22.50 -23.59 -6.06
C ALA C 451 -22.60 -23.99 -7.52
N ILE C 452 -21.65 -24.81 -7.97
CA ILE C 452 -21.46 -25.23 -9.37
C ILE C 452 -21.79 -24.08 -10.32
N GLU C 453 -21.24 -22.91 -10.05
CA GLU C 453 -21.47 -21.72 -10.84
C GLU C 453 -20.48 -21.65 -12.01
N ALA C 454 -20.69 -20.68 -12.88
CA ALA C 454 -19.88 -20.54 -14.09
C ALA C 454 -20.07 -19.13 -14.66
N GLY C 455 -19.58 -18.93 -15.88
CA GLY C 455 -19.80 -17.69 -16.61
C GLY C 455 -19.30 -16.44 -15.90
N ASP C 456 -20.23 -15.60 -15.46
CA ASP C 456 -19.92 -14.34 -14.80
C ASP C 456 -20.41 -14.35 -13.36
N SER C 457 -20.23 -15.49 -12.68
CA SER C 457 -20.65 -15.59 -11.28
C SER C 457 -19.66 -14.84 -10.38
N GLU C 458 -20.07 -14.66 -9.13
CA GLU C 458 -19.29 -13.86 -8.19
C GLU C 458 -19.53 -14.65 -6.92
N GLN C 459 -19.43 -13.98 -5.77
CA GLN C 459 -19.14 -14.48 -4.44
C GLN C 459 -20.19 -15.48 -3.99
N VAL C 460 -19.98 -16.05 -2.81
CA VAL C 460 -20.91 -17.01 -2.20
C VAL C 460 -21.02 -16.69 -0.72
N MET C 461 -22.25 -16.46 -0.25
CA MET C 461 -22.54 -16.38 1.17
C MET C 461 -23.25 -17.65 1.62
N THR C 462 -23.43 -17.77 2.94
CA THR C 462 -24.16 -18.92 3.47
C THR C 462 -25.63 -18.85 3.08
N GLY C 463 -26.16 -19.97 2.63
CA GLY C 463 -27.55 -20.03 2.21
C GLY C 463 -28.48 -20.47 3.31
N ALA C 464 -28.03 -20.37 4.56
CA ALA C 464 -28.83 -20.79 5.69
C ALA C 464 -29.81 -19.70 6.10
N MET C 465 -30.99 -20.12 6.54
CA MET C 465 -32.04 -19.20 6.99
C MET C 465 -32.01 -19.12 8.50
N LYS C 466 -32.05 -17.90 9.03
CA LYS C 466 -32.03 -17.67 10.47
C LYS C 466 -33.06 -16.60 10.81
N THR C 467 -33.27 -16.41 12.11
CA THR C 467 -34.19 -15.39 12.57
C THR C 467 -33.60 -14.01 12.34
N LEU C 468 -34.35 -13.16 11.63
CA LEU C 468 -33.96 -11.76 11.52
C LEU C 468 -34.43 -10.98 12.73
N CYS C 469 -35.71 -11.07 13.07
CA CYS C 469 -36.27 -10.44 14.25
C CYS C 469 -37.69 -10.93 14.46
N ILE C 470 -38.16 -10.80 15.70
CA ILE C 470 -39.57 -10.97 16.02
C ILE C 470 -40.20 -9.58 16.00
N PRO C 471 -40.89 -9.20 14.92
CA PRO C 471 -41.29 -7.80 14.76
C PRO C 471 -42.24 -7.34 15.85
N PHE C 472 -42.08 -6.08 16.26
CA PHE C 472 -43.01 -5.47 17.20
C PHE C 472 -44.42 -5.46 16.63
N ASP C 473 -44.57 -5.00 15.39
CA ASP C 473 -45.85 -5.04 14.69
C ASP C 473 -46.27 -6.48 14.45
N GLN C 474 -47.03 -7.05 15.38
CA GLN C 474 -47.43 -8.43 15.30
C GLN C 474 -48.82 -8.55 14.68
N PRO C 475 -48.98 -9.32 13.62
CA PRO C 475 -50.32 -9.61 13.10
C PRO C 475 -51.06 -10.53 14.04
N PRO C 476 -52.39 -10.62 13.92
CA PRO C 476 -53.15 -11.47 14.85
C PRO C 476 -52.75 -12.93 14.73
N MET C 477 -52.74 -13.63 15.87
CA MET C 477 -52.41 -15.05 15.92
C MET C 477 -53.64 -15.83 16.35
N PRO C 478 -54.35 -16.48 15.42
CA PRO C 478 -55.51 -17.27 15.81
C PRO C 478 -55.11 -18.47 16.66
N GLU C 479 -55.85 -18.68 17.74
CA GLU C 479 -55.52 -19.74 18.69
C GLU C 479 -55.59 -21.10 18.01
N GLY C 480 -54.55 -21.91 18.23
CA GLY C 480 -54.45 -23.23 17.67
C GLY C 480 -53.41 -23.38 16.59
N THR C 481 -52.89 -22.28 16.05
CA THR C 481 -51.88 -22.35 15.01
C THR C 481 -50.58 -22.93 15.55
N LYS C 482 -50.06 -23.95 14.88
CA LYS C 482 -48.85 -24.61 15.31
C LYS C 482 -47.61 -23.91 14.75
N CYS C 483 -46.46 -24.23 15.34
CA CYS C 483 -45.20 -23.73 14.81
C CYS C 483 -44.96 -24.31 13.43
N PHE C 484 -44.41 -23.48 12.54
CA PHE C 484 -44.23 -23.89 11.15
C PHE C 484 -43.16 -24.97 10.98
N TYR C 485 -42.37 -25.26 12.00
CA TYR C 485 -41.31 -26.25 11.90
C TYR C 485 -41.44 -27.37 12.92
N THR C 486 -41.64 -27.04 14.20
CA THR C 486 -41.69 -28.05 15.25
C THR C 486 -43.07 -28.68 15.41
N GLY C 487 -44.14 -27.98 15.03
CA GLY C 487 -45.48 -28.45 15.27
C GLY C 487 -46.05 -28.08 16.63
N LYS C 488 -45.21 -27.63 17.54
CA LYS C 488 -45.67 -27.17 18.83
C LYS C 488 -46.52 -25.91 18.67
N PRO C 489 -47.38 -25.60 19.65
CA PRO C 489 -48.20 -24.39 19.54
C PRO C 489 -47.33 -23.14 19.41
N ALA C 490 -47.70 -22.29 18.46
CA ALA C 490 -46.89 -21.13 18.11
C ALA C 490 -47.00 -20.04 19.16
N LYS C 491 -45.93 -19.27 19.29
CA LYS C 491 -45.88 -18.12 20.20
C LYS C 491 -46.04 -16.80 19.45
N ARG C 492 -45.14 -16.51 18.52
CA ARG C 492 -45.17 -15.21 17.86
C ARG C 492 -44.77 -15.34 16.40
N TRP C 493 -45.09 -14.31 15.63
CA TRP C 493 -44.66 -14.22 14.24
C TRP C 493 -43.20 -13.78 14.19
N THR C 494 -42.38 -14.55 13.50
CA THR C 494 -40.95 -14.29 13.38
C THR C 494 -40.57 -14.14 11.92
N LEU C 495 -39.67 -13.20 11.62
CA LEU C 495 -39.20 -12.94 10.27
C LEU C 495 -37.89 -13.70 10.06
N TRP C 496 -37.93 -14.71 9.21
CA TRP C 496 -36.76 -15.50 8.84
C TRP C 496 -36.30 -15.15 7.43
N GLY C 497 -35.04 -15.45 7.16
CA GLY C 497 -34.49 -15.24 5.84
C GLY C 497 -32.98 -15.38 5.88
N ARG C 498 -32.40 -15.48 4.69
CA ARG C 498 -30.96 -15.45 4.57
C ARG C 498 -30.45 -14.05 4.91
N SER C 499 -29.30 -13.98 5.56
CA SER C 499 -28.85 -12.73 6.16
C SER C 499 -27.39 -12.45 5.82
N TYR C 500 -26.96 -11.25 6.20
CA TYR C 500 -25.56 -10.84 6.08
C TYR C 500 -24.77 -11.23 7.32
N GLY D 1 -15.80 16.63 49.16
CA GLY D 1 -14.37 16.69 49.39
C GLY D 1 -13.57 17.12 48.18
N ALA D 2 -14.28 17.36 47.07
CA ALA D 2 -13.64 17.77 45.82
C ALA D 2 -13.13 19.20 45.99
N MET D 3 -11.98 19.32 46.65
CA MET D 3 -11.36 20.61 46.94
C MET D 3 -9.89 20.54 46.59
N VAL D 4 -9.42 21.52 45.82
CA VAL D 4 -8.02 21.59 45.41
C VAL D 4 -7.21 22.13 46.58
N THR D 5 -6.12 21.43 46.93
CA THR D 5 -5.28 21.82 48.05
C THR D 5 -3.93 22.39 47.64
N ALA D 6 -3.49 22.14 46.41
CA ALA D 6 -2.23 22.70 45.93
C ALA D 6 -2.43 24.11 45.41
N LYS D 7 -1.53 25.01 45.76
CA LYS D 7 -1.58 26.39 45.27
C LYS D 7 -0.97 26.46 43.88
N LYS D 8 -1.55 27.33 43.04
CA LYS D 8 -1.19 27.34 41.63
C LYS D 8 0.24 27.84 41.41
N ASP D 9 0.63 28.89 42.12
CA ASP D 9 1.96 29.46 41.94
C ASP D 9 3.06 28.63 42.58
N GLU D 10 2.73 27.83 43.59
CA GLU D 10 3.73 27.01 44.28
C GLU D 10 3.97 25.70 43.54
N ASN D 11 3.08 24.73 43.72
CA ASN D 11 3.19 23.43 43.06
C ASN D 11 2.23 23.42 41.88
N PHE D 12 2.77 23.80 40.71
CA PHE D 12 1.92 23.96 39.53
C PHE D 12 1.47 22.62 38.97
N SER D 13 2.36 21.61 38.96
CA SER D 13 2.02 20.32 38.38
C SER D 13 0.94 19.62 39.19
N GLU D 14 1.12 19.57 40.53
CA GLU D 14 0.10 18.96 41.38
C GLU D 14 -1.22 19.72 41.29
N TRP D 15 -1.15 21.05 41.17
CA TRP D 15 -2.37 21.83 41.01
C TRP D 15 -3.09 21.47 39.73
N TYR D 16 -2.36 21.34 38.63
CA TYR D 16 -2.97 20.95 37.35
C TYR D 16 -3.62 19.58 37.47
N THR D 17 -2.90 18.62 38.06
CA THR D 17 -3.45 17.27 38.23
C THR D 17 -4.73 17.30 39.06
N GLN D 18 -4.69 17.95 40.22
CA GLN D 18 -5.86 18.01 41.09
C GLN D 18 -7.01 18.72 40.40
N ALA D 19 -6.73 19.77 39.64
CA ALA D 19 -7.79 20.52 38.98
C ALA D 19 -8.46 19.68 37.89
N ILE D 20 -7.68 18.91 37.15
CA ILE D 20 -8.30 18.13 36.08
C ILE D 20 -8.98 16.87 36.60
N VAL D 21 -8.55 16.34 37.74
CA VAL D 21 -9.18 15.11 38.23
C VAL D 21 -10.35 15.40 39.14
N ARG D 22 -10.29 16.45 39.95
CA ARG D 22 -11.35 16.76 40.91
C ARG D 22 -12.56 17.42 40.25
N SER D 23 -12.36 18.07 39.10
CA SER D 23 -13.46 18.66 38.35
C SER D 23 -14.20 17.65 37.49
N GLU D 24 -13.87 16.36 37.63
CA GLU D 24 -14.47 15.30 36.83
C GLU D 24 -14.26 15.53 35.34
N MET D 25 -13.12 16.14 34.98
CA MET D 25 -12.79 16.33 33.58
C MET D 25 -12.29 15.04 32.95
N ILE D 26 -11.35 14.37 33.62
CA ILE D 26 -10.74 13.15 33.11
C ILE D 26 -10.91 12.05 34.15
N GLU D 27 -10.54 10.83 33.74
CA GLU D 27 -10.56 9.68 34.63
C GLU D 27 -9.42 8.75 34.22
N TYR D 28 -8.43 8.59 35.08
CA TYR D 28 -7.26 7.81 34.72
C TYR D 28 -7.57 6.32 34.69
N TYR D 29 -6.92 5.62 33.76
CA TYR D 29 -6.92 4.17 33.76
C TYR D 29 -6.13 3.64 34.95
N ASP D 30 -6.15 2.31 35.10
CA ASP D 30 -5.20 1.66 35.99
C ASP D 30 -3.88 1.41 35.29
N ILE D 31 -3.91 1.18 33.98
CA ILE D 31 -2.67 1.12 33.21
C ILE D 31 -2.05 2.52 33.12
N SER D 32 -0.74 2.54 32.89
CA SER D 32 0.02 3.78 33.02
C SER D 32 -0.28 4.77 31.90
N GLY D 33 -0.35 6.05 32.27
CA GLY D 33 -0.50 7.20 31.37
C GLY D 33 -1.85 7.53 30.76
N CYS D 34 -2.60 6.51 30.37
CA CYS D 34 -3.83 6.74 29.61
C CYS D 34 -4.94 7.28 30.50
N TYR D 35 -5.93 7.91 29.87
CA TYR D 35 -7.02 8.54 30.60
C TYR D 35 -8.28 8.56 29.74
N ILE D 36 -9.39 8.97 30.36
CA ILE D 36 -10.70 9.06 29.73
C ILE D 36 -11.15 10.50 29.80
N MET D 37 -11.67 11.03 28.70
CA MET D 37 -12.22 12.38 28.65
C MET D 37 -13.70 12.31 29.00
N ARG D 38 -14.05 12.83 30.18
CA ARG D 38 -15.43 12.88 30.62
C ARG D 38 -16.14 14.07 29.98
N PRO D 39 -17.49 14.08 29.97
CA PRO D 39 -18.22 15.14 29.27
C PRO D 39 -17.85 16.57 29.66
N TRP D 40 -17.29 16.75 30.86
CA TRP D 40 -16.99 18.11 31.32
C TRP D 40 -15.95 18.78 30.44
N ALA D 41 -15.00 18.02 29.90
CA ALA D 41 -14.03 18.55 28.95
C ALA D 41 -14.41 18.29 27.50
N PHE D 42 -15.08 17.15 27.24
CA PHE D 42 -15.52 16.87 25.88
C PHE D 42 -16.55 17.87 25.39
N HIS D 43 -17.27 18.55 26.29
CA HIS D 43 -18.18 19.60 25.85
C HIS D 43 -17.41 20.79 25.29
N ILE D 44 -16.33 21.19 25.97
CA ILE D 44 -15.46 22.25 25.45
C ILE D 44 -14.87 21.83 24.10
N TRP D 45 -14.40 20.58 24.02
CA TRP D 45 -13.88 20.09 22.76
C TRP D 45 -14.94 20.14 21.67
N GLU D 46 -16.18 19.79 22.00
CA GLU D 46 -17.27 19.83 21.02
C GLU D 46 -17.54 21.26 20.56
N LYS D 47 -17.51 22.22 21.49
CA LYS D 47 -17.78 23.61 21.12
C LYS D 47 -16.72 24.12 20.15
N VAL D 48 -15.43 23.95 20.51
CA VAL D 48 -14.39 24.43 19.62
C VAL D 48 -14.39 23.66 18.31
N GLN D 49 -14.74 22.37 18.35
CA GLN D 49 -14.81 21.56 17.14
C GLN D 49 -15.89 22.07 16.21
N ARG D 50 -17.08 22.35 16.74
CA ARG D 50 -18.16 22.88 15.93
C ARG D 50 -17.79 24.23 15.33
N PHE D 51 -17.18 25.10 16.14
CA PHE D 51 -16.75 26.40 15.64
C PHE D 51 -15.81 26.24 14.45
N PHE D 52 -14.72 25.51 14.65
CA PHE D 52 -13.72 25.37 13.58
C PHE D 52 -14.30 24.66 12.37
N ASP D 53 -15.16 23.66 12.59
CA ASP D 53 -15.69 22.89 11.48
C ASP D 53 -16.64 23.73 10.63
N ASP D 54 -17.54 24.48 11.27
CA ASP D 54 -18.40 25.38 10.51
C ASP D 54 -17.59 26.42 9.76
N GLU D 55 -16.56 26.97 10.41
CA GLU D 55 -15.76 28.01 9.76
C GLU D 55 -15.00 27.47 8.55
N ILE D 56 -14.49 26.25 8.64
CA ILE D 56 -13.76 25.71 7.48
C ILE D 56 -14.73 25.21 6.43
N LYS D 57 -15.95 24.81 6.80
CA LYS D 57 -16.96 24.52 5.80
C LYS D 57 -17.35 25.76 5.02
N LYS D 58 -17.33 26.92 5.67
CA LYS D 58 -17.54 28.17 4.94
C LYS D 58 -16.46 28.37 3.89
N MET D 59 -15.23 27.97 4.18
CA MET D 59 -14.12 28.10 3.25
C MET D 59 -14.11 27.02 2.17
N GLY D 60 -15.09 26.12 2.16
CA GLY D 60 -15.12 25.06 1.19
C GLY D 60 -14.34 23.82 1.56
N VAL D 61 -13.83 23.74 2.78
CA VAL D 61 -13.11 22.54 3.22
C VAL D 61 -14.10 21.42 3.45
N GLU D 62 -13.76 20.22 3.01
CA GLU D 62 -14.61 19.05 3.13
C GLU D 62 -13.95 18.03 4.05
N ASN D 63 -14.76 17.37 4.87
CA ASN D 63 -14.27 16.34 5.77
C ASN D 63 -14.22 14.99 5.07
N SER D 64 -13.26 14.16 5.48
CA SER D 64 -13.06 12.85 4.91
C SER D 64 -12.47 11.93 5.97
N TYR D 65 -12.26 10.67 5.58
CA TYR D 65 -11.60 9.69 6.46
C TYR D 65 -10.54 8.95 5.66
N PHE D 66 -9.28 9.25 5.95
CA PHE D 66 -8.16 8.47 5.45
C PHE D 66 -7.71 7.47 6.48
N PRO D 67 -7.25 6.29 6.06
CA PRO D 67 -6.74 5.29 7.02
C PRO D 67 -5.32 5.59 7.49
N MET D 68 -5.22 6.52 8.44
CA MET D 68 -3.93 6.86 9.03
C MET D 68 -3.72 6.06 10.32
N PHE D 69 -2.46 6.01 10.76
CA PHE D 69 -2.07 5.07 11.79
C PHE D 69 -1.27 5.72 12.93
N VAL D 70 -0.72 4.87 13.80
CA VAL D 70 0.09 5.32 14.92
C VAL D 70 1.39 5.94 14.43
N TRP D 91 15.18 10.85 2.60
CA TRP D 91 15.39 12.29 2.50
C TRP D 91 14.65 12.87 1.29
N VAL D 92 15.25 13.88 0.67
CA VAL D 92 14.56 14.63 -0.39
C VAL D 92 14.37 13.76 -1.62
N THR D 93 15.46 13.19 -2.15
CA THR D 93 15.41 12.50 -3.43
C THR D 93 14.96 11.04 -3.29
N HIS D 94 15.70 10.25 -2.51
CA HIS D 94 15.44 8.81 -2.42
C HIS D 94 13.99 8.54 -2.05
N TYR D 95 13.49 9.23 -1.03
CA TYR D 95 12.06 9.21 -0.73
C TYR D 95 11.41 10.17 -1.72
N GLY D 96 10.93 9.61 -2.82
CA GLY D 96 10.37 10.42 -3.88
C GLY D 96 10.23 9.66 -5.18
N ASP D 97 11.33 9.08 -5.66
CA ASP D 97 11.30 8.20 -6.82
C ASP D 97 11.24 6.74 -6.43
N SER D 98 10.88 6.46 -5.17
CA SER D 98 10.67 5.12 -4.66
C SER D 98 9.19 4.76 -4.70
N PRO D 99 8.86 3.47 -4.80
CA PRO D 99 7.44 3.08 -4.84
C PRO D 99 6.74 3.39 -3.53
N LEU D 100 5.41 3.32 -3.59
CA LEU D 100 4.60 3.65 -2.42
C LEU D 100 4.90 2.79 -1.19
N PRO D 101 5.10 1.47 -1.30
CA PRO D 101 5.47 0.71 -0.08
C PRO D 101 6.79 1.18 0.52
N GLU D 102 7.79 1.44 -0.31
CA GLU D 102 9.05 1.97 0.21
C GLU D 102 8.86 3.33 0.85
N LYS D 103 8.03 4.18 0.24
CA LYS D 103 7.74 5.49 0.82
C LYS D 103 7.09 5.35 2.19
N ILE D 104 6.16 4.41 2.32
CA ILE D 104 5.52 4.17 3.61
C ILE D 104 6.54 3.67 4.63
N ALA D 105 7.46 2.81 4.18
CA ALA D 105 8.49 2.30 5.08
C ALA D 105 9.42 3.42 5.56
N ILE D 106 9.71 4.38 4.69
CA ILE D 106 10.61 5.48 5.06
C ILE D 106 9.91 6.48 5.96
N ARG D 107 8.80 7.05 5.48
CA ARG D 107 8.08 8.12 6.17
C ARG D 107 6.64 7.68 6.41
N PRO D 108 6.41 6.87 7.45
CA PRO D 108 5.03 6.48 7.76
C PRO D 108 4.25 7.63 8.40
N THR D 109 3.83 8.59 7.59
CA THR D 109 3.12 9.76 8.06
C THR D 109 1.79 9.89 7.34
N SER D 110 0.98 10.85 7.79
CA SER D 110 -0.31 11.10 7.14
C SER D 110 -0.13 11.56 5.70
N GLU D 111 0.98 12.26 5.42
CA GLU D 111 1.23 12.71 4.06
C GLU D 111 1.45 11.53 3.12
N THR D 112 2.23 10.54 3.55
CA THR D 112 2.48 9.37 2.72
C THR D 112 1.21 8.59 2.43
N ILE D 113 0.18 8.72 3.27
CA ILE D 113 -1.09 8.06 3.04
C ILE D 113 -1.98 8.88 2.13
N MET D 114 -2.06 10.20 2.38
CA MET D 114 -3.01 11.03 1.65
C MET D 114 -2.51 11.40 0.25
N TYR D 115 -1.27 11.88 0.16
CA TYR D 115 -0.83 12.52 -1.08
C TYR D 115 -0.76 11.60 -2.29
N PRO D 116 -0.58 10.28 -2.17
CA PRO D 116 -0.82 9.43 -3.35
C PRO D 116 -2.22 9.58 -3.91
N ALA D 117 -3.23 9.62 -3.05
CA ALA D 117 -4.59 9.86 -3.51
C ALA D 117 -4.72 11.26 -4.11
N TYR D 118 -4.02 12.24 -3.54
CA TYR D 118 -4.02 13.58 -4.13
C TYR D 118 -3.48 13.56 -5.55
N ALA D 119 -2.37 12.83 -5.76
CA ALA D 119 -1.80 12.73 -7.10
C ALA D 119 -2.74 11.99 -8.05
N LYS D 120 -3.43 10.97 -7.56
CA LYS D 120 -4.39 10.25 -8.40
C LYS D 120 -5.57 11.14 -8.78
N TRP D 121 -6.01 12.00 -7.86
CA TRP D 121 -7.24 12.77 -8.09
C TRP D 121 -6.96 14.04 -8.90
N ILE D 122 -5.88 14.73 -8.62
CA ILE D 122 -5.60 16.02 -9.25
C ILE D 122 -4.98 15.80 -10.63
N ARG D 123 -5.61 16.37 -11.66
CA ARG D 123 -5.13 16.22 -13.02
C ARG D 123 -5.24 17.53 -13.80
N SER D 124 -6.35 18.23 -13.64
CA SER D 124 -6.60 19.48 -14.34
C SER D 124 -6.63 20.64 -13.35
N HIS D 125 -6.62 21.86 -13.91
CA HIS D 125 -6.71 23.06 -13.08
C HIS D 125 -8.10 23.22 -12.48
N ARG D 126 -9.14 22.66 -13.10
CA ARG D 126 -10.48 22.69 -12.55
C ARG D 126 -10.69 21.70 -11.41
N ASP D 127 -9.72 20.82 -11.17
CA ASP D 127 -9.73 19.96 -9.99
C ASP D 127 -9.19 20.66 -8.76
N LEU D 128 -8.77 21.92 -8.88
CA LEU D 128 -8.19 22.70 -7.81
C LEU D 128 -9.08 23.90 -7.49
N PRO D 129 -9.10 24.36 -6.23
CA PRO D 129 -8.33 23.82 -5.10
C PRO D 129 -8.97 22.59 -4.46
N LEU D 130 -8.15 21.70 -3.93
CA LEU D 130 -8.61 20.51 -3.22
C LEU D 130 -8.37 20.72 -1.73
N LYS D 131 -9.44 20.71 -0.95
CA LYS D 131 -9.38 20.99 0.49
C LYS D 131 -10.01 19.83 1.24
N LEU D 132 -9.23 19.17 2.10
CA LEU D 132 -9.72 18.05 2.89
C LEU D 132 -9.32 18.26 4.35
N ASN D 133 -10.12 17.71 5.26
CA ASN D 133 -9.87 17.85 6.69
C ASN D 133 -10.33 16.58 7.39
N GLN D 134 -9.67 16.25 8.50
CA GLN D 134 -10.01 15.07 9.28
C GLN D 134 -9.98 15.40 10.77
N TRP D 135 -10.97 14.89 11.49
CA TRP D 135 -10.98 14.87 12.96
C TRP D 135 -10.61 13.46 13.40
N CYS D 136 -9.47 13.32 14.06
CA CYS D 136 -8.93 12.02 14.40
C CYS D 136 -8.76 11.89 15.91
N SER D 137 -8.60 10.64 16.35
CA SER D 137 -8.44 10.30 17.76
C SER D 137 -7.29 9.31 17.88
N VAL D 138 -7.24 8.61 19.02
CA VAL D 138 -6.18 7.64 19.31
C VAL D 138 -4.81 8.30 19.25
N PRO D 146 3.78 11.53 31.80
CA PRO D 146 3.23 12.68 31.09
C PRO D 146 2.00 13.26 31.79
N THR D 147 1.46 14.35 31.24
CA THR D 147 0.27 14.99 31.75
C THR D 147 -0.72 15.20 30.62
N PRO D 148 -2.03 15.08 30.90
CA PRO D 148 -3.03 15.16 29.83
C PRO D 148 -3.10 16.55 29.22
N PHE D 149 -3.66 16.59 28.01
CA PHE D 149 -3.93 17.83 27.27
C PHE D 149 -2.65 18.61 26.94
N LEU D 150 -1.49 17.96 27.01
CA LEU D 150 -0.23 18.58 26.58
C LEU D 150 0.38 17.80 25.43
N ARG D 151 0.86 16.58 25.66
CA ARG D 151 1.31 15.71 24.59
C ARG D 151 1.37 14.27 25.07
N THR D 152 0.22 13.72 25.45
CA THR D 152 0.14 12.35 25.91
C THR D 152 0.15 11.38 24.73
N PHE D 155 -5.01 11.02 22.13
CA PHE D 155 -5.72 12.29 22.20
C PHE D 155 -6.44 12.60 20.89
N LEU D 156 -7.34 13.58 20.93
CA LEU D 156 -8.11 14.00 19.77
C LEU D 156 -7.43 15.19 19.10
N TRP D 157 -7.62 15.32 17.79
CA TRP D 157 -7.07 16.44 17.05
C TRP D 157 -7.77 16.55 15.71
N GLN D 158 -7.38 17.56 14.94
CA GLN D 158 -7.82 17.73 13.57
C GLN D 158 -6.62 18.14 12.73
N GLU D 159 -6.63 17.71 11.46
CA GLU D 159 -5.61 18.14 10.52
C GLU D 159 -6.22 18.29 9.13
N GLY D 160 -5.81 19.33 8.44
CA GLY D 160 -6.32 19.61 7.10
C GLY D 160 -5.19 19.79 6.11
N HIS D 161 -5.46 19.36 4.88
CA HIS D 161 -4.52 19.44 3.77
C HIS D 161 -5.22 20.03 2.55
N THR D 162 -4.55 20.97 1.89
CA THR D 162 -5.07 21.59 0.68
C THR D 162 -4.00 21.63 -0.40
N ALA D 163 -4.47 21.65 -1.64
CA ALA D 163 -3.62 21.81 -2.83
C ALA D 163 -4.24 22.88 -3.73
N HIS D 164 -3.43 23.82 -4.19
CA HIS D 164 -3.87 24.93 -5.00
C HIS D 164 -3.03 25.01 -6.27
N ALA D 165 -3.50 25.83 -7.21
CA ALA D 165 -2.80 26.05 -8.47
C ALA D 165 -1.75 27.14 -8.39
N THR D 166 -1.73 27.93 -7.31
CA THR D 166 -0.79 29.03 -7.17
C THR D 166 -0.37 29.16 -5.71
N GLU D 167 0.81 29.75 -5.51
CA GLU D 167 1.32 29.93 -4.16
C GLU D 167 0.56 31.03 -3.40
N GLU D 168 0.04 32.02 -4.12
CA GLU D 168 -0.65 33.13 -3.46
C GLU D 168 -1.93 32.63 -2.79
N GLU D 169 -2.70 31.82 -3.50
CA GLU D 169 -3.93 31.26 -2.93
C GLU D 169 -3.61 30.36 -1.73
N ALA D 170 -2.54 29.57 -1.83
CA ALA D 170 -2.15 28.72 -0.72
C ALA D 170 -1.77 29.54 0.51
N TRP D 171 -1.04 30.65 0.30
CA TRP D 171 -0.65 31.50 1.42
C TRP D 171 -1.87 32.19 2.03
N GLU D 172 -2.81 32.63 1.19
CA GLU D 172 -4.05 33.19 1.69
C GLU D 172 -4.78 32.18 2.57
N LEU D 173 -4.84 30.92 2.13
CA LEU D 173 -5.52 29.90 2.92
C LEU D 173 -4.78 29.64 4.23
N VAL D 174 -3.45 29.63 4.19
CA VAL D 174 -2.67 29.45 5.42
C VAL D 174 -3.00 30.54 6.42
N LEU D 175 -3.01 31.80 5.96
CA LEU D 175 -3.29 32.89 6.88
C LEU D 175 -4.74 32.87 7.37
N ASP D 176 -5.68 32.43 6.52
CA ASP D 176 -7.07 32.29 6.96
C ASP D 176 -7.19 31.23 8.05
N ILE D 177 -6.48 30.11 7.88
CA ILE D 177 -6.49 29.07 8.91
C ILE D 177 -5.87 29.58 10.20
N LEU D 178 -4.79 30.36 10.09
CA LEU D 178 -4.17 30.90 11.29
C LEU D 178 -5.09 31.88 12.01
N GLU D 179 -5.86 32.66 11.26
CA GLU D 179 -6.85 33.53 11.89
C GLU D 179 -7.95 32.71 12.56
N LEU D 180 -8.36 31.61 11.93
CA LEU D 180 -9.33 30.72 12.56
C LEU D 180 -8.80 30.16 13.86
N TYR D 181 -7.50 29.85 13.91
CA TYR D 181 -6.88 29.38 15.14
C TYR D 181 -6.84 30.48 16.20
N ARG D 182 -6.52 31.71 15.77
CA ARG D 182 -6.56 32.84 16.70
C ARG D 182 -7.95 33.01 17.29
N ARG D 183 -8.99 32.80 16.48
CA ARG D 183 -10.36 32.88 17.00
C ARG D 183 -10.68 31.71 17.92
N TRP D 184 -10.22 30.52 17.56
CA TRP D 184 -10.36 29.34 18.42
C TRP D 184 -9.83 29.62 19.82
N TYR D 185 -8.64 30.19 19.90
CA TYR D 185 -8.00 30.39 21.19
C TYR D 185 -8.43 31.66 21.92
N GLU D 186 -8.81 32.71 21.17
CA GLU D 186 -9.11 34.00 21.77
C GLU D 186 -10.60 34.29 21.87
N GLU D 187 -11.42 33.78 20.95
CA GLU D 187 -12.86 34.04 20.99
C GLU D 187 -13.62 32.93 21.72
N CYS D 188 -13.41 31.68 21.33
CA CYS D 188 -14.03 30.56 22.04
C CYS D 188 -13.44 30.45 23.44
N LEU D 189 -12.21 29.95 23.54
CA LEU D 189 -11.47 30.06 24.78
C LEU D 189 -10.99 31.51 24.95
N ALA D 190 -10.55 31.84 26.16
CA ALA D 190 -10.08 33.20 26.40
C ALA D 190 -8.57 33.21 26.59
N VAL D 191 -7.85 32.64 25.64
CA VAL D 191 -6.39 32.54 25.68
C VAL D 191 -5.82 33.43 24.59
N PRO D 192 -5.14 34.52 24.93
CA PRO D 192 -4.51 35.34 23.88
C PRO D 192 -3.29 34.64 23.30
N VAL D 193 -3.19 34.67 21.98
CA VAL D 193 -2.09 34.04 21.28
C VAL D 193 -1.40 35.08 20.39
N ILE D 194 -0.16 34.80 20.06
CA ILE D 194 0.65 35.64 19.18
C ILE D 194 0.83 34.89 17.87
N LYS D 195 0.38 35.51 16.78
CA LYS D 195 0.67 34.97 15.46
C LYS D 195 2.14 35.22 15.11
N GLY D 196 2.76 34.24 14.47
CA GLY D 196 4.17 34.38 14.17
C GLY D 196 4.63 33.39 13.12
N GLU D 197 5.88 33.56 12.71
CA GLU D 197 6.54 32.70 11.75
C GLU D 197 7.63 31.90 12.46
N LYS D 198 7.65 30.60 12.22
CA LYS D 198 8.67 29.75 12.84
C LYS D 198 10.02 29.98 12.19
N SER D 199 11.08 29.79 12.98
CA SER D 199 12.43 29.85 12.45
C SER D 199 12.69 28.65 11.55
N GLU D 200 13.80 28.71 10.81
CA GLU D 200 14.14 27.63 9.90
C GLU D 200 14.42 26.33 10.63
N GLY D 201 14.78 26.39 11.91
CA GLY D 201 15.05 25.20 12.68
C GLY D 201 13.83 24.65 13.39
N GLU D 202 12.80 25.48 13.53
CA GLU D 202 11.57 25.10 14.22
C GLU D 202 10.38 24.94 13.29
N LYS D 203 10.57 25.13 12.00
CA LYS D 203 9.47 25.00 11.06
C LYS D 203 9.29 23.53 10.65
N PHE D 204 8.23 23.28 9.88
CA PHE D 204 8.02 21.95 9.34
C PHE D 204 9.17 21.57 8.43
N ALA D 205 9.63 20.31 8.55
CA ALA D 205 10.85 19.89 7.89
C ALA D 205 10.78 20.07 6.38
N GLY D 206 9.77 19.45 5.75
CA GLY D 206 9.64 19.52 4.31
C GLY D 206 8.90 20.72 3.78
N GLY D 207 8.52 21.67 4.65
CA GLY D 207 7.74 22.81 4.21
C GLY D 207 8.59 24.00 3.82
N LYS D 208 7.94 24.95 3.16
CA LYS D 208 8.60 26.20 2.78
C LYS D 208 8.60 27.20 3.93
N LYS D 209 7.42 27.47 4.48
CA LYS D 209 7.27 28.37 5.62
C LYS D 209 6.22 27.80 6.55
N THR D 210 6.36 28.10 7.84
CA THR D 210 5.44 27.58 8.86
C THR D 210 4.99 28.72 9.76
N THR D 211 3.70 29.02 9.73
CA THR D 211 3.10 29.97 10.64
C THR D 211 2.58 29.25 11.88
N THR D 212 2.41 30.00 12.96
CA THR D 212 1.98 29.41 14.23
C THR D 212 1.35 30.48 15.10
N VAL D 213 0.72 30.02 16.18
CA VAL D 213 0.26 30.88 17.26
C VAL D 213 0.87 30.37 18.55
N GLU D 214 1.40 31.28 19.36
CA GLU D 214 2.07 30.93 20.60
C GLU D 214 1.31 31.51 21.79
N ALA D 215 1.26 30.74 22.87
CA ALA D 215 0.68 31.18 24.13
C ALA D 215 1.74 31.12 25.23
N PHE D 216 1.44 31.75 26.36
CA PHE D 216 2.39 31.90 27.44
C PHE D 216 1.80 31.39 28.74
N ILE D 217 2.63 30.71 29.53
CA ILE D 217 2.24 30.23 30.85
C ILE D 217 3.12 30.94 31.88
N PRO D 218 2.57 31.86 32.67
CA PRO D 218 3.39 32.60 33.64
C PRO D 218 3.79 31.77 34.84
N GLU D 219 3.06 30.69 35.15
CA GLU D 219 3.37 29.90 36.34
C GLU D 219 4.76 29.28 36.23
N ASN D 220 5.07 28.68 35.08
CA ASN D 220 6.42 28.21 34.80
C ASN D 220 7.15 29.11 33.82
N GLY D 221 6.51 30.20 33.37
CA GLY D 221 7.14 31.13 32.45
C GLY D 221 7.57 30.50 31.15
N ARG D 222 6.71 29.68 30.54
CA ARG D 222 7.10 28.92 29.35
C ARG D 222 6.12 29.18 28.21
N GLY D 223 6.66 29.19 26.99
CA GLY D 223 5.81 29.31 25.83
C GLY D 223 5.27 27.95 25.40
N ILE D 224 4.13 27.98 24.73
CA ILE D 224 3.48 26.77 24.23
C ILE D 224 2.95 27.04 22.84
N GLN D 225 2.99 26.01 21.98
CA GLN D 225 2.56 26.13 20.60
C GLN D 225 1.07 25.80 20.54
N ALA D 226 0.24 26.83 20.43
CA ALA D 226 -1.20 26.63 20.44
C ALA D 226 -1.66 25.86 19.21
N ALA D 227 -1.33 26.36 18.02
CA ALA D 227 -1.66 25.69 16.78
C ALA D 227 -0.66 26.12 15.71
N THR D 228 -0.64 25.36 14.62
CA THR D 228 0.33 25.59 13.56
C THR D 228 -0.34 25.46 12.21
N SER D 229 0.20 26.19 11.23
CA SER D 229 -0.32 26.18 9.85
C SER D 229 0.87 26.34 8.92
N HIS D 230 1.21 25.27 8.21
CA HIS D 230 2.39 25.24 7.35
C HIS D 230 2.04 25.57 5.91
N LEU D 231 3.05 26.06 5.19
CA LEU D 231 2.98 26.25 3.74
C LEU D 231 3.97 25.28 3.11
N LEU D 232 3.46 24.19 2.55
CA LEU D 232 4.34 23.16 2.01
C LEU D 232 4.92 23.59 0.68
N GLY D 233 4.13 24.26 -0.14
CA GLY D 233 4.64 24.72 -1.42
C GLY D 233 4.59 23.60 -2.43
N THR D 234 5.65 23.44 -3.21
CA THR D 234 5.71 22.44 -4.25
C THR D 234 6.66 21.29 -3.94
N ASN D 235 7.12 21.19 -2.69
CA ASN D 235 8.08 20.15 -2.34
C ASN D 235 7.42 18.78 -2.32
N PHE D 236 6.34 18.63 -1.55
CA PHE D 236 5.64 17.36 -1.49
C PHE D 236 5.02 17.01 -2.84
N ALA D 237 4.56 18.01 -3.59
CA ALA D 237 4.04 17.76 -4.92
C ALA D 237 5.12 17.18 -5.82
N LYS D 238 6.35 17.65 -5.70
CA LYS D 238 7.44 17.08 -6.48
C LYS D 238 7.76 15.66 -6.01
N MET D 239 7.72 15.43 -4.69
CA MET D 239 8.05 14.09 -4.19
C MET D 239 7.00 13.06 -4.58
N PHE D 240 5.74 13.46 -4.72
CA PHE D 240 4.66 12.54 -5.06
C PHE D 240 4.16 12.71 -6.48
N GLU D 241 4.76 13.60 -7.27
CA GLU D 241 4.33 13.89 -8.65
C GLU D 241 2.86 14.31 -8.68
N ILE D 242 2.56 15.36 -7.91
CA ILE D 242 1.21 15.92 -7.87
C ILE D 242 1.14 17.08 -8.86
N GLU D 243 1.01 16.76 -10.14
CA GLU D 243 0.99 17.73 -11.22
C GLU D 243 -0.43 17.96 -11.71
N PHE D 244 -0.62 19.07 -12.43
CA PHE D 244 -1.92 19.39 -13.00
C PHE D 244 -1.71 20.22 -14.26
N GLU D 245 -2.65 20.07 -15.20
CA GLU D 245 -2.64 20.83 -16.44
C GLU D 245 -3.41 22.12 -16.26
N ASP D 246 -2.80 23.24 -16.62
CA ASP D 246 -3.41 24.55 -16.43
C ASP D 246 -4.28 24.91 -17.63
N GLU D 247 -4.76 26.17 -17.67
CA GLU D 247 -5.62 26.60 -18.75
C GLU D 247 -4.86 26.71 -20.07
N GLU D 248 -3.55 26.91 -20.00
CA GLU D 248 -2.72 27.03 -21.20
C GLU D 248 -2.17 25.68 -21.66
N GLY D 249 -2.59 24.59 -21.03
CA GLY D 249 -2.10 23.27 -21.39
C GLY D 249 -0.74 22.92 -20.85
N HIS D 250 -0.22 23.68 -19.88
CA HIS D 250 1.10 23.45 -19.31
C HIS D 250 0.97 22.67 -18.01
N LYS D 251 1.86 21.69 -17.84
CA LYS D 251 1.86 20.82 -16.67
C LYS D 251 2.67 21.47 -15.57
N ARG D 252 1.99 21.92 -14.50
CA ARG D 252 2.65 22.59 -13.39
C ARG D 252 2.34 21.87 -12.08
N LEU D 253 3.21 22.10 -11.09
CA LEU D 253 3.03 21.49 -9.79
C LEU D 253 1.99 22.26 -8.98
N VAL D 254 1.45 21.59 -7.96
CA VAL D 254 0.49 22.21 -7.07
C VAL D 254 1.22 22.77 -5.86
N HIS D 255 0.60 23.76 -5.22
CA HIS D 255 1.12 24.35 -3.98
C HIS D 255 0.24 23.88 -2.84
N GLN D 256 0.81 23.08 -1.94
CA GLN D 256 0.07 22.44 -0.87
C GLN D 256 0.30 23.16 0.45
N THR D 257 -0.72 23.08 1.31
CA THR D 257 -0.70 23.59 2.68
C THR D 257 -1.23 22.52 3.62
N SER D 258 -0.78 22.56 4.86
CA SER D 258 -1.24 21.63 5.88
C SER D 258 -1.33 22.36 7.22
N TRP D 259 -2.35 22.03 8.00
CA TRP D 259 -2.55 22.65 9.30
C TRP D 259 -3.14 21.63 10.25
N GLY D 260 -3.11 21.95 11.54
CA GLY D 260 -3.63 21.03 12.54
C GLY D 260 -3.78 21.71 13.89
N CYS D 261 -4.62 21.10 14.72
CA CYS D 261 -4.84 21.58 16.08
C CYS D 261 -5.34 20.42 16.94
N THR D 262 -4.77 20.29 18.13
CA THR D 262 -5.05 19.16 19.03
C THR D 262 -5.83 19.63 20.25
N THR D 263 -6.07 18.70 21.17
CA THR D 263 -6.75 19.01 22.43
C THR D 263 -5.89 19.85 23.38
N ARG D 264 -4.64 20.12 23.01
CA ARG D 264 -3.77 20.96 23.84
C ARG D 264 -4.45 22.26 24.24
N SER D 265 -5.31 22.80 23.37
CA SER D 265 -6.07 24.01 23.69
C SER D 265 -6.69 23.93 25.07
N LEU D 266 -7.43 22.85 25.33
CA LEU D 266 -8.03 22.65 26.65
C LEU D 266 -7.01 22.86 27.76
N GLY D 267 -5.88 22.14 27.68
CA GLY D 267 -4.84 22.32 28.67
C GLY D 267 -4.44 23.78 28.84
N VAL D 268 -4.18 24.46 27.71
CA VAL D 268 -3.83 25.86 27.78
C VAL D 268 -4.93 26.65 28.48
N MET D 269 -6.18 26.42 28.06
CA MET D 269 -7.31 27.12 28.68
C MET D 269 -7.40 26.80 30.17
N ILE D 270 -6.94 25.63 30.58
CA ILE D 270 -6.95 25.29 32.00
C ILE D 270 -5.87 26.07 32.74
N MET D 271 -4.70 26.25 32.12
CA MET D 271 -3.58 26.86 32.81
C MET D 271 -3.65 28.39 32.81
N THR D 272 -4.40 28.99 31.89
CA THR D 272 -4.45 30.45 31.80
C THR D 272 -5.45 31.05 32.78
N HIS D 273 -6.55 30.34 33.07
CA HIS D 273 -7.65 30.91 33.84
C HIS D 273 -7.84 30.29 35.22
N GLY D 274 -7.27 29.12 35.48
CA GLY D 274 -7.48 28.47 36.76
C GLY D 274 -6.84 29.24 37.90
N ASP D 275 -7.41 29.05 39.10
CA ASP D 275 -6.86 29.65 40.31
C ASP D 275 -6.71 28.61 41.41
N ASP D 276 -6.41 29.06 42.62
CA ASP D 276 -6.20 28.13 43.72
C ASP D 276 -7.46 27.35 44.06
N LYS D 277 -8.64 27.95 43.83
CA LYS D 277 -9.88 27.25 44.14
C LYS D 277 -10.13 26.09 43.20
N GLY D 278 -9.66 26.17 41.95
CA GLY D 278 -9.87 25.11 40.99
C GLY D 278 -9.79 25.58 39.55
N LEU D 279 -10.86 25.37 38.80
CA LEU D 279 -10.95 25.73 37.40
C LEU D 279 -11.84 26.97 37.23
N VAL D 280 -11.62 27.66 36.11
CA VAL D 280 -12.44 28.80 35.69
C VAL D 280 -12.65 28.63 34.19
N ILE D 281 -13.76 28.01 33.82
CA ILE D 281 -14.06 27.74 32.41
C ILE D 281 -14.79 28.93 31.82
N PRO D 282 -14.33 29.47 30.70
CA PRO D 282 -15.00 30.63 30.12
C PRO D 282 -16.42 30.28 29.71
N PRO D 283 -17.34 31.24 29.75
CA PRO D 283 -18.76 30.93 29.52
C PRO D 283 -19.08 30.48 28.11
N ARG D 284 -18.27 30.84 27.11
CA ARG D 284 -18.59 30.47 25.73
C ARG D 284 -18.49 28.95 25.52
N VAL D 285 -17.61 28.29 26.25
CA VAL D 285 -17.35 26.86 26.07
C VAL D 285 -17.69 26.06 27.32
N ALA D 286 -18.54 26.60 28.19
CA ALA D 286 -18.87 25.94 29.44
C ALA D 286 -19.96 24.91 29.24
N SER D 287 -19.84 23.78 29.95
CA SER D 287 -20.90 22.77 29.91
C SER D 287 -22.18 23.31 30.54
N VAL D 288 -22.07 23.92 31.73
CA VAL D 288 -23.18 24.60 32.38
C VAL D 288 -22.71 26.01 32.73
N GLN D 289 -23.44 27.01 32.25
CA GLN D 289 -23.05 28.40 32.47
C GLN D 289 -23.47 28.89 33.84
N VAL D 290 -24.70 28.60 34.24
CA VAL D 290 -25.25 29.03 35.51
C VAL D 290 -25.78 27.82 36.26
N VAL D 291 -25.35 27.65 37.51
CA VAL D 291 -25.79 26.57 38.37
C VAL D 291 -26.67 27.17 39.46
N ILE D 292 -27.83 26.55 39.70
CA ILE D 292 -28.78 27.00 40.71
C ILE D 292 -28.82 25.97 41.82
N ILE D 293 -28.58 26.42 43.06
CA ILE D 293 -28.61 25.56 44.24
C ILE D 293 -29.61 26.15 45.22
N PRO D 294 -30.47 25.35 45.83
CA PRO D 294 -31.41 25.87 46.82
C PRO D 294 -30.80 25.95 48.21
N ILE D 295 -31.33 26.89 49.00
CA ILE D 295 -30.90 27.08 50.38
C ILE D 295 -31.98 26.59 51.33
N LEU D 296 -31.89 25.33 51.75
CA LEU D 296 -32.87 24.76 52.66
C LEU D 296 -32.24 23.69 53.56
N GLY D 303 -38.65 22.68 50.19
CA GLY D 303 -39.46 22.09 49.13
C GLY D 303 -40.32 23.10 48.41
N GLU D 304 -40.47 24.29 49.00
CA GLU D 304 -41.28 25.34 48.39
C GLU D 304 -40.48 26.12 47.35
N ILE D 305 -39.16 26.22 47.52
CA ILE D 305 -38.33 26.97 46.58
C ILE D 305 -38.01 26.19 45.31
N LEU D 306 -38.26 24.87 45.32
CA LEU D 306 -37.89 24.04 44.17
C LEU D 306 -38.71 24.43 42.93
N GLY D 307 -39.98 24.80 43.13
CA GLY D 307 -40.78 25.26 42.01
C GLY D 307 -40.20 26.50 41.37
N LYS D 308 -39.78 27.47 42.19
CA LYS D 308 -39.16 28.68 41.66
C LYS D 308 -37.84 28.34 40.96
N CYS D 309 -37.10 27.37 41.49
CA CYS D 309 -35.85 26.97 40.83
C CYS D 309 -36.11 26.38 39.45
N ARG D 310 -37.14 25.52 39.34
CA ARG D 310 -37.47 24.93 38.04
C ARG D 310 -37.96 26.01 37.07
N GLU D 311 -38.78 26.94 37.55
CA GLU D 311 -39.21 28.06 36.71
C GLU D 311 -38.01 28.88 36.25
N LEU D 312 -37.01 29.05 37.12
CA LEU D 312 -35.80 29.79 36.73
C LEU D 312 -35.04 29.03 35.65
N LYS D 313 -34.92 27.72 35.79
CA LYS D 313 -34.24 26.93 34.75
C LYS D 313 -34.94 27.10 33.40
N THR D 314 -36.27 27.05 33.40
CA THR D 314 -37.01 27.20 32.14
C THR D 314 -36.83 28.60 31.56
N MET D 315 -36.98 29.63 32.40
CA MET D 315 -36.85 31.01 31.93
C MET D 315 -35.44 31.33 31.45
N LEU D 316 -34.43 30.64 31.97
CA LEU D 316 -33.08 30.84 31.48
C LEU D 316 -32.80 30.03 30.22
N GLU D 317 -33.43 28.87 30.08
CA GLU D 317 -33.37 28.15 28.81
C GLU D 317 -34.00 28.97 27.69
N LYS D 318 -35.01 29.78 28.00
CA LYS D 318 -35.58 30.66 26.98
C LYS D 318 -34.54 31.62 26.42
N ALA D 319 -33.50 31.95 27.18
CA ALA D 319 -32.47 32.88 26.74
C ALA D 319 -31.21 32.19 26.26
N ASP D 320 -31.29 30.90 25.93
CA ASP D 320 -30.15 30.10 25.48
C ASP D 320 -29.02 30.12 26.49
N ILE D 321 -29.36 29.70 27.71
CA ILE D 321 -28.41 29.63 28.82
C ILE D 321 -28.40 28.18 29.32
N ARG D 322 -27.21 27.57 29.35
CA ARG D 322 -27.06 26.21 29.85
C ARG D 322 -27.14 26.24 31.37
N VAL D 323 -28.19 25.65 31.92
CA VAL D 323 -28.46 25.70 33.36
C VAL D 323 -28.56 24.28 33.90
N ARG D 324 -27.95 24.05 35.05
CA ARG D 324 -28.03 22.78 35.76
C ARG D 324 -28.33 23.07 37.23
N ILE D 325 -29.38 22.45 37.76
CA ILE D 325 -29.80 22.65 39.14
C ILE D 325 -29.33 21.47 39.98
N ASP D 326 -28.67 21.78 41.09
CA ASP D 326 -28.18 20.76 42.02
C ASP D 326 -29.15 20.67 43.18
N ASP D 327 -30.21 19.86 43.02
CA ASP D 327 -31.21 19.66 44.05
C ASP D 327 -30.90 18.46 44.95
N ARG D 328 -29.63 18.10 45.09
CA ARG D 328 -29.25 16.96 45.91
C ARG D 328 -29.51 17.29 47.38
N SER D 329 -30.50 16.64 47.97
CA SER D 329 -30.89 16.88 49.36
C SER D 329 -30.06 16.06 50.34
N ASN D 330 -28.75 16.05 50.13
CA ASN D 330 -27.85 15.35 51.03
C ASN D 330 -26.49 16.02 51.15
N TYR D 331 -26.27 17.18 50.54
CA TYR D 331 -25.00 17.90 50.58
C TYR D 331 -25.24 19.32 51.04
N THR D 332 -24.36 19.81 51.91
CA THR D 332 -24.49 21.16 52.42
C THR D 332 -24.27 22.18 51.31
N PRO D 333 -24.85 23.38 51.43
CA PRO D 333 -24.67 24.39 50.38
C PRO D 333 -23.22 24.77 50.14
N GLY D 334 -22.39 24.81 51.19
CA GLY D 334 -20.98 25.11 50.98
C GLY D 334 -20.27 24.03 50.20
N TRP D 335 -20.63 22.76 50.44
CA TRP D 335 -20.10 21.67 49.65
C TRP D 335 -20.44 21.85 48.18
N LYS D 336 -21.68 22.26 47.89
CA LYS D 336 -22.07 22.53 46.51
C LYS D 336 -21.28 23.69 45.93
N TYR D 337 -21.08 24.75 46.71
CA TYR D 337 -20.27 25.88 46.28
C TYR D 337 -18.90 25.42 45.84
N ASN D 338 -18.21 24.65 46.70
CA ASN D 338 -16.87 24.20 46.37
C ASN D 338 -16.87 23.22 45.20
N HIS D 339 -17.90 22.37 45.12
CA HIS D 339 -17.95 21.38 44.02
C HIS D 339 -17.96 22.18 42.73
N TRP D 340 -18.93 23.09 42.58
CA TRP D 340 -19.04 23.83 41.33
C TRP D 340 -17.96 24.83 41.12
N GLU D 341 -17.23 25.24 42.16
CA GLU D 341 -16.06 26.08 41.95
C GLU D 341 -14.91 25.30 41.34
N VAL D 342 -14.67 24.07 41.84
CA VAL D 342 -13.57 23.28 41.29
C VAL D 342 -13.88 22.86 39.85
N LYS D 343 -15.16 22.69 39.51
CA LYS D 343 -15.51 22.35 38.14
C LYS D 343 -15.28 23.52 37.20
N GLY D 344 -15.56 24.75 37.66
CA GLY D 344 -15.28 25.92 36.86
C GLY D 344 -16.51 26.61 36.30
N VAL D 345 -17.63 26.49 37.01
CA VAL D 345 -18.86 27.16 36.55
C VAL D 345 -18.69 28.67 36.71
N PRO D 346 -18.92 29.45 35.66
CA PRO D 346 -18.65 30.90 35.76
C PRO D 346 -19.58 31.63 36.71
N LEU D 347 -20.87 31.32 36.69
CA LEU D 347 -21.86 32.00 37.51
C LEU D 347 -22.64 30.99 38.33
N ARG D 348 -22.89 31.31 39.60
CA ARG D 348 -23.72 30.48 40.44
C ARG D 348 -24.81 31.32 41.08
N LEU D 349 -25.99 30.73 41.22
CA LEU D 349 -27.18 31.43 41.69
C LEU D 349 -27.65 30.82 43.01
N GLU D 350 -28.08 31.68 43.93
CA GLU D 350 -28.59 31.28 45.23
C GLU D 350 -30.00 31.82 45.39
N LEU D 351 -30.91 30.95 45.82
CA LEU D 351 -32.33 31.26 46.01
C LEU D 351 -32.76 30.70 47.36
N GLY D 352 -32.92 31.59 48.35
CA GLY D 352 -33.36 31.19 49.66
C GLY D 352 -34.76 31.70 49.95
N PRO D 353 -35.28 31.39 51.14
CA PRO D 353 -36.60 31.92 51.51
C PRO D 353 -36.64 33.44 51.57
N LYS D 354 -35.58 34.07 52.08
CA LYS D 354 -35.52 35.53 52.10
C LYS D 354 -35.46 36.09 50.68
N ASP D 355 -34.72 35.42 49.79
CA ASP D 355 -34.70 35.84 48.39
C ASP D 355 -36.04 35.53 47.72
N LEU D 356 -36.71 34.45 48.11
CA LEU D 356 -38.01 34.13 47.56
C LEU D 356 -39.06 35.18 47.95
N ALA D 357 -38.94 35.74 49.16
CA ALA D 357 -39.87 36.78 49.58
C ALA D 357 -39.50 38.14 49.01
N LYS D 358 -38.21 38.45 48.95
CA LYS D 358 -37.75 39.72 48.41
C LYS D 358 -37.92 39.80 46.90
N GLY D 359 -38.10 38.66 46.22
CA GLY D 359 -38.21 38.65 44.78
C GLY D 359 -36.89 38.75 44.05
N THR D 360 -35.78 38.50 44.72
CA THR D 360 -34.46 38.61 44.14
C THR D 360 -33.74 37.26 44.19
N ALA D 361 -32.51 37.26 43.69
CA ALA D 361 -31.65 36.10 43.69
C ALA D 361 -30.21 36.59 43.80
N ARG D 362 -29.37 35.78 44.45
CA ARG D 362 -27.99 36.15 44.73
C ARG D 362 -27.08 35.42 43.76
N VAL D 363 -26.61 36.12 42.74
CA VAL D 363 -25.70 35.52 41.77
C VAL D 363 -24.28 35.93 42.15
N VAL D 364 -23.33 35.06 41.82
CA VAL D 364 -21.92 35.34 42.10
C VAL D 364 -21.07 34.77 40.98
N ARG D 365 -19.95 35.44 40.71
CA ARG D 365 -19.03 35.07 39.66
C ARG D 365 -18.02 34.04 40.15
N ARG D 366 -17.24 33.52 39.21
CA ARG D 366 -16.15 32.60 39.53
C ARG D 366 -14.77 33.20 39.32
N ASP D 367 -14.62 34.10 38.34
CA ASP D 367 -13.33 34.73 38.10
C ASP D 367 -12.96 35.68 39.24
N THR D 368 -13.92 36.47 39.72
CA THR D 368 -13.67 37.46 40.76
C THR D 368 -14.43 37.20 42.05
N GLY D 369 -15.56 36.52 42.00
CA GLY D 369 -16.36 36.31 43.20
C GLY D 369 -17.26 37.46 43.56
N GLU D 370 -17.50 38.39 42.64
CA GLU D 370 -18.36 39.54 42.93
C GLU D 370 -19.81 39.10 43.02
N ALA D 371 -20.49 39.56 44.06
CA ALA D 371 -21.88 39.17 44.32
C ALA D 371 -22.83 40.25 43.82
N TYR D 372 -23.96 39.81 43.27
CA TYR D 372 -25.01 40.68 42.78
C TYR D 372 -26.36 40.18 43.27
N GLN D 373 -27.23 41.11 43.64
CA GLN D 373 -28.59 40.79 44.08
C GLN D 373 -29.53 41.33 43.01
N ILE D 374 -30.07 40.44 42.19
CA ILE D 374 -30.87 40.89 41.04
C ILE D 374 -32.18 40.12 40.99
N SER D 375 -33.21 40.79 40.46
CA SER D 375 -34.56 40.23 40.46
C SER D 375 -34.67 39.08 39.46
N TRP D 376 -35.73 38.29 39.62
CA TRP D 376 -35.97 37.17 38.70
C TRP D 376 -36.39 37.66 37.33
N ALA D 377 -37.08 38.79 37.25
CA ALA D 377 -37.51 39.32 35.96
C ALA D 377 -36.31 39.78 35.14
N ASP D 378 -35.40 40.53 35.77
CA ASP D 378 -34.18 41.00 35.11
C ASP D 378 -33.03 40.02 35.25
N LEU D 379 -33.32 38.72 35.19
CA LEU D 379 -32.29 37.70 35.39
C LEU D 379 -31.58 37.35 34.08
N ALA D 380 -32.33 37.07 33.03
CA ALA D 380 -31.71 36.65 31.77
C ALA D 380 -30.82 37.72 31.15
N PRO D 381 -31.25 38.98 30.98
CA PRO D 381 -30.34 39.96 30.35
C PRO D 381 -29.13 40.29 31.21
N LYS D 382 -29.32 40.42 32.52
CA LYS D 382 -28.20 40.71 33.40
C LYS D 382 -27.20 39.55 33.41
N LEU D 383 -27.71 38.31 33.37
CA LEU D 383 -26.81 37.15 33.35
C LEU D 383 -26.07 37.07 32.02
N LEU D 384 -26.73 37.41 30.91
CA LEU D 384 -26.04 37.45 29.62
C LEU D 384 -24.93 38.49 29.64
N GLU D 385 -25.23 39.69 30.12
CA GLU D 385 -24.21 40.74 30.23
C GLU D 385 -23.05 40.28 31.11
N LEU D 386 -23.37 39.62 32.23
CA LEU D 386 -22.33 39.17 33.15
C LEU D 386 -21.47 38.08 32.51
N MET D 387 -22.07 37.19 31.72
CA MET D 387 -21.29 36.16 31.04
C MET D 387 -20.34 36.78 30.03
N GLU D 388 -20.84 37.71 29.21
CA GLU D 388 -19.96 38.37 28.25
C GLU D 388 -18.85 39.15 28.95
N GLY D 389 -19.18 39.81 30.06
CA GLY D 389 -18.16 40.52 30.82
C GLY D 389 -17.14 39.58 31.43
N ILE D 390 -17.57 38.40 31.86
CA ILE D 390 -16.64 37.41 32.41
C ILE D 390 -15.66 36.96 31.33
N GLN D 391 -16.19 36.66 30.13
CA GLN D 391 -15.32 36.26 29.03
C GLN D 391 -14.31 37.35 28.70
N ARG D 392 -14.79 38.59 28.55
CA ARG D 392 -13.89 39.69 28.22
C ARG D 392 -12.86 39.92 29.33
N SER D 393 -13.28 39.80 30.59
CA SER D 393 -12.36 40.01 31.70
C SER D 393 -11.28 38.94 31.73
N LEU D 394 -11.66 37.67 31.53
CA LEU D 394 -10.67 36.60 31.48
C LEU D 394 -9.67 36.84 30.36
N PHE D 395 -10.16 37.18 29.16
CA PHE D 395 -9.24 37.40 28.04
C PHE D 395 -8.32 38.59 28.32
N GLU D 396 -8.86 39.67 28.86
CA GLU D 396 -8.04 40.86 29.10
C GLU D 396 -7.00 40.61 30.19
N LYS D 397 -7.37 39.88 31.25
CA LYS D 397 -6.40 39.55 32.29
C LYS D 397 -5.29 38.67 31.75
N ALA D 398 -5.64 37.67 30.94
CA ALA D 398 -4.60 36.81 30.36
C ALA D 398 -3.72 37.58 29.39
N LYS D 399 -4.30 38.53 28.64
CA LYS D 399 -3.51 39.35 27.72
C LYS D 399 -2.57 40.27 28.47
N ALA D 400 -3.02 40.82 29.61
CA ALA D 400 -2.14 41.64 30.43
C ALA D 400 -1.01 40.82 31.02
N ARG D 401 -1.30 39.58 31.45
CA ARG D 401 -0.25 38.70 31.93
C ARG D 401 0.75 38.39 30.82
N LEU D 402 0.24 38.18 29.60
CA LEU D 402 1.13 37.97 28.45
C LEU D 402 2.03 39.17 28.22
N HIS D 403 1.46 40.38 28.29
CA HIS D 403 2.27 41.58 28.10
C HIS D 403 3.33 41.71 29.19
N GLU D 404 2.98 41.39 30.43
CA GLU D 404 3.95 41.44 31.52
C GLU D 404 4.95 40.29 31.47
N GLY D 405 4.71 39.26 30.67
CA GLY D 405 5.62 38.14 30.60
C GLY D 405 6.61 38.20 29.45
N ILE D 406 6.76 39.38 28.83
CA ILE D 406 7.67 39.55 27.70
C ILE D 406 8.55 40.77 27.97
N GLU D 407 9.85 40.61 27.77
CA GLU D 407 10.82 41.68 27.96
C GLU D 407 11.53 41.96 26.64
N LYS D 408 11.45 43.20 26.17
CA LYS D 408 12.14 43.61 24.95
C LYS D 408 13.59 43.95 25.30
N ILE D 409 14.51 43.06 24.94
CA ILE D 409 15.92 43.23 25.29
C ILE D 409 16.71 43.67 24.05
N SER D 410 18.00 43.87 24.23
CA SER D 410 18.89 44.28 23.14
C SER D 410 20.18 43.47 23.09
N THR D 411 20.73 43.09 24.24
CA THR D 411 21.97 42.34 24.31
C THR D 411 21.70 40.97 24.92
N PHE D 412 22.74 40.12 24.93
CA PHE D 412 22.63 38.79 25.52
C PHE D 412 22.69 38.86 27.04
N ASP D 413 23.42 39.84 27.60
CA ASP D 413 23.53 39.96 29.04
C ASP D 413 22.25 40.01 29.85
N GLU D 414 21.09 40.14 29.20
CA GLU D 414 19.81 40.22 29.89
C GLU D 414 18.91 39.02 29.62
N VAL D 415 19.45 37.96 29.03
CA VAL D 415 18.63 36.79 28.72
C VAL D 415 18.54 35.87 29.93
N MET D 416 19.53 35.88 30.80
CA MET D 416 19.54 35.01 31.98
C MET D 416 18.68 35.56 33.10
N PRO D 417 18.70 36.87 33.40
CA PRO D 417 17.75 37.37 34.41
C PRO D 417 16.30 37.27 33.94
N ALA D 418 16.02 37.62 32.69
CA ALA D 418 14.64 37.54 32.19
C ALA D 418 14.12 36.11 32.24
N LEU D 419 14.97 35.13 31.91
CA LEU D 419 14.57 33.73 32.05
C LEU D 419 14.38 33.35 33.50
N ASN D 420 15.15 33.95 34.41
CA ASN D 420 15.00 33.66 35.83
C ASN D 420 13.77 34.30 36.43
N ARG D 421 13.21 35.32 35.79
CA ARG D 421 11.96 35.94 36.22
C ARG D 421 10.74 35.30 35.55
N LYS D 422 10.91 34.12 34.93
CA LYS D 422 9.83 33.40 34.27
C LYS D 422 9.15 34.25 33.21
N HIS D 423 9.98 34.90 32.38
CA HIS D 423 9.51 35.78 31.32
C HIS D 423 10.08 35.34 29.98
N LEU D 424 9.49 35.88 28.92
CA LEU D 424 9.98 35.68 27.56
C LEU D 424 10.78 36.90 27.12
N VAL D 425 11.57 36.71 26.06
CA VAL D 425 12.40 37.77 25.51
C VAL D 425 12.02 37.99 24.06
N LEU D 426 12.08 39.25 23.63
CA LEU D 426 11.82 39.64 22.24
C LEU D 426 12.99 40.49 21.79
N ALA D 427 13.86 39.92 20.98
CA ALA D 427 15.14 40.54 20.65
C ALA D 427 15.35 40.57 19.15
N PRO D 428 16.17 41.50 18.66
CA PRO D 428 16.52 41.48 17.23
C PRO D 428 17.34 40.26 16.88
N TRP D 429 17.13 39.76 15.66
CA TRP D 429 17.74 38.51 15.23
C TRP D 429 17.98 38.56 13.73
N CYS D 430 19.08 37.94 13.31
CA CYS D 430 19.44 37.84 11.91
C CYS D 430 18.91 36.58 11.23
N GLU D 431 18.29 35.68 12.00
CA GLU D 431 17.62 34.50 11.46
C GLU D 431 18.58 33.58 10.70
N ASP D 432 19.53 33.03 11.44
CA ASP D 432 20.40 31.98 10.91
C ASP D 432 20.43 30.82 11.89
N PRO D 433 20.35 29.58 11.38
CA PRO D 433 20.19 28.43 12.28
C PRO D 433 21.35 28.21 13.23
N GLU D 434 22.57 28.51 12.80
CA GLU D 434 23.74 28.33 13.66
C GLU D 434 23.56 29.10 14.97
N SER D 435 23.11 30.35 14.87
CA SER D 435 22.93 31.16 16.07
C SER D 435 21.87 30.56 16.98
N GLU D 436 20.78 30.05 16.40
CA GLU D 436 19.72 29.46 17.23
C GLU D 436 20.24 28.25 17.99
N GLU D 437 20.94 27.35 17.31
CA GLU D 437 21.47 26.16 17.99
C GLU D 437 22.49 26.55 19.05
N GLN D 438 23.36 27.51 18.74
CA GLN D 438 24.37 27.96 19.71
C GLN D 438 23.71 28.58 20.93
N ILE D 439 22.66 29.37 20.73
CA ILE D 439 21.98 30.01 21.85
C ILE D 439 21.29 28.96 22.72
N LYS D 440 20.65 27.98 22.09
CA LYS D 440 20.02 26.91 22.85
C LYS D 440 21.05 26.16 23.69
N LYS D 441 22.18 25.80 23.07
CA LYS D 441 23.23 25.08 23.81
C LYS D 441 23.76 25.92 24.96
N GLU D 442 24.01 27.20 24.72
CA GLU D 442 24.59 28.06 25.76
C GLU D 442 23.61 28.28 26.91
N THR D 443 22.34 28.53 26.59
CA THR D 443 21.35 28.73 27.64
C THR D 443 21.11 27.45 28.44
N GLN D 444 21.21 26.29 27.80
CA GLN D 444 21.12 25.05 28.56
C GLN D 444 22.35 24.87 29.45
N LYS D 445 23.53 25.23 28.95
CA LYS D 445 24.74 25.10 29.76
C LYS D 445 24.76 26.08 30.92
N LEU D 446 24.17 27.27 30.75
CA LEU D 446 24.14 28.29 31.78
C LEU D 446 23.07 28.04 32.83
N SER D 447 22.44 26.87 32.84
CA SER D 447 21.42 26.52 33.82
C SER D 447 21.98 25.40 34.69
N GLU D 448 22.36 25.75 35.91
CA GLU D 448 22.91 24.78 36.83
C GLU D 448 22.84 25.41 38.20
N ILE D 449 22.12 26.52 38.25
CA ILE D 449 21.91 27.29 39.45
C ILE D 449 20.77 26.64 40.21
N GLN D 450 21.14 25.58 40.93
CA GLN D 450 20.23 24.78 41.81
C GLN D 450 19.20 23.90 41.10
N GLN D 459 9.51 14.76 35.85
CA GLN D 459 8.39 15.68 36.03
C GLN D 459 8.74 17.05 35.48
N VAL D 460 10.01 17.43 35.57
CA VAL D 460 10.47 18.71 35.08
C VAL D 460 10.96 18.55 33.65
N MET D 461 10.97 19.67 32.91
CA MET D 461 11.41 19.65 31.52
C MET D 461 12.87 20.04 31.41
N THR D 462 13.20 20.92 30.47
CA THR D 462 14.58 21.34 30.26
C THR D 462 14.83 22.72 30.86
N GLY D 463 15.69 23.50 30.22
CA GLY D 463 16.00 24.84 30.68
C GLY D 463 16.60 25.72 29.61
N ALA D 464 16.68 25.19 28.38
CA ALA D 464 17.24 25.94 27.27
C ALA D 464 16.20 26.90 26.70
N MET D 465 16.68 27.90 25.98
CA MET D 465 15.84 28.92 25.37
C MET D 465 15.86 28.78 23.86
N LYS D 466 14.71 28.48 23.27
CA LYS D 466 14.57 28.32 21.84
C LYS D 466 13.70 29.45 21.27
N THR D 467 13.68 29.54 19.94
CA THR D 467 12.87 30.53 19.26
C THR D 467 11.41 30.10 19.29
N LEU D 468 10.57 30.87 19.98
CA LEU D 468 9.14 30.60 19.97
C LEU D 468 8.53 30.95 18.61
N CYS D 469 8.67 32.21 18.19
CA CYS D 469 8.17 32.60 16.88
C CYS D 469 8.67 33.98 16.51
N ILE D 470 8.53 34.32 15.23
CA ILE D 470 8.79 35.66 14.73
C ILE D 470 7.45 36.37 14.55
N PRO D 471 7.06 37.24 15.47
CA PRO D 471 5.71 37.79 15.44
C PRO D 471 5.41 38.54 14.15
N PHE D 472 4.14 38.50 13.74
CA PHE D 472 3.72 39.24 12.56
C PHE D 472 3.72 40.74 12.83
N ASP D 473 3.28 41.14 14.02
CA ASP D 473 3.31 42.55 14.42
C ASP D 473 4.74 42.89 14.80
N GLN D 474 5.51 43.34 13.81
CA GLN D 474 6.91 43.65 14.04
C GLN D 474 7.05 45.10 14.52
N PRO D 475 7.72 45.33 15.65
CA PRO D 475 7.94 46.70 16.12
C PRO D 475 8.90 47.44 15.21
N PRO D 476 8.95 48.77 15.29
CA PRO D 476 9.91 49.52 14.48
C PRO D 476 11.34 49.10 14.77
N MET D 477 12.11 48.87 13.71
CA MET D 477 13.49 48.42 13.82
C MET D 477 14.42 49.54 13.39
N PRO D 478 15.28 50.04 14.28
CA PRO D 478 16.25 51.05 13.87
C PRO D 478 17.22 50.51 12.82
N GLU D 479 17.88 51.44 12.12
CA GLU D 479 18.74 51.06 11.00
C GLU D 479 19.91 50.22 11.48
N GLY D 480 20.78 50.79 12.30
CA GLY D 480 21.95 50.08 12.77
C GLY D 480 21.71 49.28 14.03
N THR D 481 20.79 48.31 13.95
CA THR D 481 20.46 47.45 15.08
C THR D 481 21.21 46.15 14.93
N LYS D 482 22.12 45.88 15.86
CA LYS D 482 22.90 44.65 15.82
C LYS D 482 22.11 43.50 16.43
N CYS D 483 22.49 42.28 16.06
CA CYS D 483 21.88 41.09 16.62
C CYS D 483 22.18 41.00 18.13
N PHE D 484 21.26 40.38 18.86
CA PHE D 484 21.38 40.30 20.31
C PHE D 484 22.37 39.24 20.77
N TYR D 485 22.89 38.41 19.86
CA TYR D 485 23.81 37.36 20.24
C TYR D 485 25.07 37.39 19.39
N THR D 486 24.91 37.26 18.07
CA THR D 486 26.08 37.21 17.19
C THR D 486 26.72 38.58 17.03
N GLY D 487 25.92 39.64 16.97
CA GLY D 487 26.40 40.97 16.71
C GLY D 487 26.36 41.39 15.25
N LYS D 488 25.89 40.52 14.37
CA LYS D 488 25.74 40.83 12.96
C LYS D 488 24.50 41.67 12.74
N PRO D 489 24.35 42.30 11.56
CA PRO D 489 23.14 43.09 11.31
C PRO D 489 21.87 42.25 11.44
N ALA D 490 21.01 42.67 12.35
CA ALA D 490 19.80 41.92 12.66
C ALA D 490 18.76 42.09 11.55
N LYS D 491 17.82 41.15 11.51
CA LYS D 491 16.76 41.16 10.51
C LYS D 491 15.41 41.53 11.09
N ARG D 492 14.89 40.76 12.05
CA ARG D 492 13.57 41.02 12.59
C ARG D 492 13.55 40.73 14.09
N TRP D 493 12.48 41.18 14.74
CA TRP D 493 12.28 40.91 16.16
C TRP D 493 11.74 39.50 16.33
N THR D 494 12.46 38.68 17.10
CA THR D 494 12.08 37.30 17.35
C THR D 494 11.77 37.12 18.83
N LEU D 495 10.69 36.40 19.12
CA LEU D 495 10.29 36.06 20.48
C LEU D 495 10.80 34.67 20.81
N TRP D 496 11.66 34.58 21.82
CA TRP D 496 12.30 33.38 22.32
C TRP D 496 11.66 32.97 23.65
N GLY D 497 12.38 32.16 24.42
CA GLY D 497 11.91 31.73 25.73
C GLY D 497 11.91 30.22 25.89
N ARG D 498 11.84 29.76 27.13
CA ARG D 498 11.67 28.34 27.38
C ARG D 498 10.28 27.89 26.98
N SER D 499 10.17 26.66 26.49
CA SER D 499 8.92 26.15 25.95
C SER D 499 8.66 24.75 26.46
N TYR D 500 7.54 24.18 26.02
CA TYR D 500 7.19 22.80 26.34
C TYR D 500 7.81 21.85 25.34
C1 GOL E . 9.21 -8.94 -41.00
O1 GOL E . 10.43 -9.08 -41.65
C2 GOL E . 8.46 -7.77 -41.67
O2 GOL E . 8.00 -8.10 -42.94
C3 GOL E . 7.30 -7.43 -40.71
O3 GOL E . 6.69 -6.29 -41.21
C1 GOL F . 28.89 2.77 -41.12
O1 GOL F . 29.57 2.83 -39.90
C2 GOL F . 27.63 3.64 -40.97
O2 GOL F . 27.94 4.99 -40.80
C3 GOL F . 26.90 3.07 -39.73
O3 GOL F . 26.22 4.12 -39.15
C1 GOL G . 29.64 -34.63 -4.87
O1 GOL G . 29.36 -34.88 -3.53
C2 GOL G . 31.09 -34.10 -4.95
O2 GOL G . 32.03 -35.14 -4.98
C3 GOL G . 31.14 -33.24 -6.22
O3 GOL G . 31.97 -32.15 -5.94
C1 GOL H . 27.87 -33.59 4.41
O1 GOL H . 28.99 -33.00 3.82
C2 GOL H . 28.38 -34.37 5.64
O2 GOL H . 29.27 -33.64 6.39
C3 GOL H . 29.02 -35.66 5.06
O3 GOL H . 29.85 -35.25 4.02
C1 GOL I . 14.05 -15.44 3.24
O1 GOL I . 14.86 -16.05 4.20
C2 GOL I . 13.01 -14.59 4.01
O2 GOL I . 12.58 -15.23 5.17
C3 GOL I . 13.73 -13.25 4.32
O3 GOL I . 12.81 -12.44 5.00
C1 GOL J . 9.01 -32.32 13.05
O1 GOL J . 10.15 -31.59 12.69
C2 GOL J . 7.78 -31.52 12.58
O2 GOL J . 8.01 -30.15 12.65
C3 GOL J . 7.51 -32.00 11.13
O3 GOL J . 6.17 -31.75 10.86
C1 GOL K . -42.73 -0.69 7.78
O1 GOL K . -42.37 -1.79 8.56
C2 GOL K . -41.50 0.24 7.72
O2 GOL K . -40.46 -0.30 6.99
C3 GOL K . -42.03 1.55 7.10
O3 GOL K . -43.10 1.96 7.88
C1 GOL L . -4.76 -1.82 -5.78
O1 GOL L . -4.25 -2.43 -4.64
C2 GOL L . -5.86 -0.86 -5.29
O2 GOL L . -5.34 0.38 -4.93
C3 GOL L . -6.85 -0.76 -6.46
O3 GOL L . -7.16 -2.08 -6.82
C1 GOL M . -33.17 20.02 2.49
O1 GOL M . -33.95 19.17 1.68
C2 GOL M . -33.48 21.47 2.06
O2 GOL M . -33.32 22.37 3.11
C3 GOL M . -32.52 21.76 0.90
O3 GOL M . -31.23 21.62 1.40
C1 GOL N . -37.93 23.68 55.13
O1 GOL N . -36.78 23.91 55.89
C2 GOL N . -39.11 23.64 56.12
O2 GOL N . -39.25 24.83 56.82
C3 GOL N . -40.35 23.32 55.25
O3 GOL N . -40.56 24.44 54.44
C1 GOL O . 2.89 37.99 6.82
O1 GOL O . 3.49 38.82 7.76
C2 GOL O . 1.37 38.31 6.87
O2 GOL O . 1.04 39.14 7.92
C3 GOL O . 1.05 38.95 5.49
O3 GOL O . -0.32 39.22 5.48
C1 GOL P . 4.71 35.42 0.46
O1 GOL P . 5.42 35.58 1.65
C2 GOL P . 4.67 33.90 0.16
O2 GOL P . 3.78 33.60 -0.86
C3 GOL P . 6.12 33.53 -0.21
O3 GOL P . 6.95 34.04 0.80
#